data_4QJY
#
_entry.id   4QJY
#
_cell.length_a   65.536
_cell.length_b   118.098
_cell.length_c   174.984
_cell.angle_alpha   90.00
_cell.angle_beta   90.00
_cell.angle_gamma   90.00
#
_symmetry.space_group_name_H-M   'P 21 21 21'
#
loop_
_entity.id
_entity.type
_entity.pdbx_description
1 polymer 'GH127 beta-L-arabinofuranosidase'
2 non-polymer 'ACETATE ION'
3 water water
#
_entity_poly.entity_id   1
_entity_poly.type   'polypeptide(L)'
_entity_poly.pdbx_seq_one_letter_code
;MGHHHHHHVEKVATNVNLKDQFWKRYIDVVRHEVIPYQWEALNDRIPDAEPSHAIENFRIAAGESDGEFYGMVFQDSDVA
KWLEAVAYLLETKRDPELEKLADDVIELLGRAQQPDGYLNTYYTIKEPGKRWMNLRDNHELYCAGHLIEAAVAYFRATGK
RRFLDIMCKYADYIGTVFGRGEGQIPGYDGHQEIELALLKLYEVTGNENYLKLSQYFIDQRGQQPYYFDQEKEARGETEP
FWYDGGYRYHQAHIPVREQKQAVGHAVRALYMYTAMAGLAAKMGDESLKQACQTLWENVTKRQMYITGGVGSSAFGESFT
FDFDLPNDTAYAETCASIALVFWTRRMLELEMDGKYADVMERALYNGTISGMDLDGKKFFYVNPLEVWPKACERHDKRHV
KPVRQKWFSCACCPPNLARLIASIGHYIYLQTSDALFVHLYVGSDIQTEIDGRSVKIMQETNYPWDGTVRLTVSPESAGE
FTLGLRIPGWCRGAEVTINGEKVDIVPLIKKGYAYIRRVWQQGDEVKLYFPMPVERIKAHPQVRANAGKVALQRGPIVYC
LEEVDNGPNLANLFLPRDAKLEAHFEPDLLEGVVVITGIAERVDESAWNDELYRPIEPRTYKVPFRAIPYYAWCNRGEGE
MVVWVNEK
;
_entity_poly.pdbx_strand_id   A,B
#
loop_
_chem_comp.id
_chem_comp.type
_chem_comp.name
_chem_comp.formula
ACT non-polymer 'ACETATE ION' 'C2 H3 O2 -1'
#
# COMPACT_ATOMS: atom_id res chain seq x y z
N VAL A 12 -41.89 -22.83 19.80
CA VAL A 12 -41.26 -24.05 19.20
C VAL A 12 -41.26 -23.94 17.66
N ALA A 13 -42.44 -24.11 17.04
CA ALA A 13 -42.61 -23.89 15.58
C ALA A 13 -42.62 -22.38 15.29
N THR A 14 -41.72 -21.93 14.42
CA THR A 14 -41.58 -20.52 14.12
C THR A 14 -41.30 -20.29 12.64
N ASN A 15 -42.13 -19.48 12.04
CA ASN A 15 -42.06 -19.31 10.62
C ASN A 15 -41.96 -17.84 10.21
N VAL A 16 -40.93 -17.49 9.45
CA VAL A 16 -40.76 -16.15 8.90
C VAL A 16 -40.82 -16.23 7.39
N ASN A 17 -41.71 -15.47 6.74
CA ASN A 17 -41.72 -15.38 5.28
C ASN A 17 -41.51 -13.94 4.90
N LEU A 18 -40.64 -13.73 3.92
CA LEU A 18 -40.30 -12.44 3.39
C LEU A 18 -41.42 -12.02 2.51
N LYS A 19 -41.78 -10.73 2.60
CA LYS A 19 -42.87 -10.14 1.84
C LYS A 19 -42.30 -8.84 1.35
N ASP A 20 -41.11 -8.95 0.81
CA ASP A 20 -40.24 -7.81 0.52
C ASP A 20 -40.16 -7.56 -0.96
N GLN A 21 -39.50 -6.48 -1.34
CA GLN A 21 -38.89 -6.44 -2.64
C GLN A 21 -37.35 -6.56 -2.54
N PHE A 22 -36.77 -5.88 -1.55
CA PHE A 22 -35.32 -5.76 -1.47
C PHE A 22 -34.61 -7.10 -1.28
N TRP A 23 -34.95 -7.80 -0.21
CA TRP A 23 -34.32 -9.06 0.12
C TRP A 23 -34.88 -10.23 -0.64
N LYS A 24 -36.13 -10.17 -1.02
CA LYS A 24 -36.72 -11.28 -1.73
C LYS A 24 -36.12 -11.31 -3.13
N ARG A 25 -35.73 -10.17 -3.67
CA ARG A 25 -35.02 -10.14 -4.97
C ARG A 25 -33.63 -10.80 -4.87
N TYR A 26 -32.91 -10.57 -3.75
CA TYR A 26 -31.63 -11.25 -3.52
C TYR A 26 -31.84 -12.75 -3.38
N ILE A 27 -32.87 -13.14 -2.66
CA ILE A 27 -33.18 -14.55 -2.52
C ILE A 27 -33.45 -15.22 -3.86
N ASP A 28 -34.28 -14.62 -4.70
CA ASP A 28 -34.51 -15.16 -6.10
C ASP A 28 -33.26 -15.23 -6.95
N VAL A 29 -32.38 -14.25 -6.82
CA VAL A 29 -31.10 -14.30 -7.54
C VAL A 29 -30.29 -15.52 -7.05
N VAL A 30 -30.25 -15.71 -5.74
CA VAL A 30 -29.54 -16.81 -5.18
C VAL A 30 -30.17 -18.14 -5.63
N ARG A 31 -31.49 -18.22 -5.65
CA ARG A 31 -32.16 -19.45 -6.05
C ARG A 31 -32.08 -19.73 -7.54
N HIS A 32 -32.08 -18.73 -8.41
CA HIS A 32 -32.14 -19.06 -9.86
C HIS A 32 -30.84 -18.95 -10.59
N GLU A 33 -29.93 -18.15 -10.09
CA GLU A 33 -28.66 -17.99 -10.75
C GLU A 33 -27.52 -18.65 -9.96
N VAL A 34 -27.33 -18.27 -8.70
CA VAL A 34 -26.11 -18.60 -7.98
C VAL A 34 -26.04 -20.10 -7.66
N ILE A 35 -27.08 -20.62 -7.03
CA ILE A 35 -27.06 -21.99 -6.58
C ILE A 35 -27.02 -22.99 -7.76
N PRO A 36 -27.76 -22.73 -8.85
CA PRO A 36 -27.69 -23.63 -10.00
C PRO A 36 -26.35 -23.61 -10.71
N TYR A 37 -25.78 -22.43 -10.91
CA TYR A 37 -24.46 -22.30 -11.46
C TYR A 37 -23.42 -23.03 -10.59
N GLN A 38 -23.41 -22.77 -9.28
CA GLN A 38 -22.45 -23.41 -8.39
C GLN A 38 -22.58 -24.95 -8.42
N TRP A 39 -23.80 -25.48 -8.51
CA TRP A 39 -23.99 -26.90 -8.71
C TRP A 39 -23.29 -27.38 -9.97
N GLU A 40 -23.43 -26.66 -11.07
CA GLU A 40 -22.76 -27.04 -12.29
C GLU A 40 -21.24 -27.03 -12.13
N ALA A 41 -20.70 -26.05 -11.43
CA ALA A 41 -19.25 -25.96 -11.26
C ALA A 41 -18.70 -27.06 -10.33
N LEU A 42 -19.39 -27.26 -9.19
CA LEU A 42 -18.99 -28.31 -8.26
C LEU A 42 -18.97 -29.67 -8.96
N ASN A 43 -19.86 -29.83 -9.94
CA ASN A 43 -19.98 -31.10 -10.66
C ASN A 43 -19.21 -31.19 -11.98
N ASP A 44 -18.30 -30.25 -12.22
CA ASP A 44 -17.40 -30.25 -13.37
C ASP A 44 -18.14 -30.31 -14.68
N ARG A 45 -19.30 -29.65 -14.72
CA ARG A 45 -20.10 -29.59 -15.93
C ARG A 45 -20.08 -28.24 -16.64
N ILE A 46 -19.07 -27.41 -16.40
CA ILE A 46 -18.90 -26.11 -17.06
C ILE A 46 -17.62 -26.11 -17.91
N PRO A 47 -17.76 -26.13 -19.26
CA PRO A 47 -16.59 -26.38 -20.12
C PRO A 47 -15.47 -25.35 -20.14
N ASP A 48 -15.72 -24.10 -19.78
CA ASP A 48 -14.62 -23.13 -19.70
C ASP A 48 -13.95 -23.11 -18.31
N ALA A 49 -14.75 -23.33 -17.27
CA ALA A 49 -14.32 -23.03 -15.90
C ALA A 49 -13.23 -23.99 -15.44
N GLU A 50 -12.49 -23.56 -14.43
CA GLU A 50 -11.48 -24.39 -13.81
C GLU A 50 -12.27 -25.49 -13.08
N PRO A 51 -11.88 -26.75 -13.24
CA PRO A 51 -12.71 -27.80 -12.63
C PRO A 51 -12.66 -27.67 -11.13
N SER A 52 -13.77 -27.96 -10.48
CA SER A 52 -13.84 -27.98 -9.04
C SER A 52 -13.43 -29.37 -8.51
N HIS A 53 -14.01 -30.44 -9.07
CA HIS A 53 -13.77 -31.83 -8.63
C HIS A 53 -14.26 -32.10 -7.18
N ALA A 54 -15.08 -31.21 -6.64
CA ALA A 54 -15.46 -31.30 -5.24
C ALA A 54 -16.37 -32.48 -4.98
N ILE A 55 -17.29 -32.74 -5.91
CA ILE A 55 -18.16 -33.87 -5.77
C ILE A 55 -17.42 -35.16 -6.07
N GLU A 56 -16.74 -35.16 -7.20
CA GLU A 56 -15.96 -36.30 -7.60
C GLU A 56 -14.99 -36.75 -6.52
N ASN A 57 -14.37 -35.86 -5.74
CA ASN A 57 -13.51 -36.36 -4.66
C ASN A 57 -14.27 -37.30 -3.75
N PHE A 58 -15.54 -37.00 -3.46
CA PHE A 58 -16.39 -37.88 -2.63
C PHE A 58 -16.76 -39.21 -3.31
N ARG A 59 -16.89 -39.18 -4.64
CA ARG A 59 -17.20 -40.38 -5.40
C ARG A 59 -16.05 -41.38 -5.32
N ILE A 60 -14.83 -40.88 -5.47
CA ILE A 60 -13.62 -41.66 -5.30
C ILE A 60 -13.40 -42.20 -3.88
N ALA A 61 -13.49 -41.31 -2.91
CA ALA A 61 -13.45 -41.71 -1.50
C ALA A 61 -14.55 -42.78 -1.18
N ALA A 62 -15.67 -42.72 -1.86
CA ALA A 62 -16.74 -43.71 -1.70
C ALA A 62 -16.49 -44.97 -2.49
N GLY A 63 -15.43 -45.02 -3.26
CA GLY A 63 -15.12 -46.19 -4.08
C GLY A 63 -16.00 -46.32 -5.32
N GLU A 64 -16.67 -45.26 -5.71
CA GLU A 64 -17.56 -45.29 -6.85
C GLU A 64 -16.91 -44.75 -8.10
N SER A 65 -15.70 -44.20 -8.00
CA SER A 65 -14.97 -43.70 -9.16
C SER A 65 -13.46 -43.89 -8.91
N ASP A 66 -12.67 -44.06 -9.95
CA ASP A 66 -11.20 -44.06 -9.84
C ASP A 66 -10.73 -42.66 -10.15
N GLY A 67 -9.67 -42.21 -9.46
CA GLY A 67 -9.02 -40.97 -9.82
C GLY A 67 -8.25 -40.44 -8.62
N GLU A 68 -7.79 -39.21 -8.71
CA GLU A 68 -6.96 -38.56 -7.73
C GLU A 68 -7.70 -37.39 -7.13
N PHE A 69 -7.39 -37.08 -5.88
CA PHE A 69 -7.86 -35.90 -5.26
C PHE A 69 -7.42 -34.71 -6.07
N TYR A 70 -8.32 -33.76 -6.26
CA TYR A 70 -7.98 -32.49 -6.83
C TYR A 70 -8.66 -31.36 -6.07
N GLY A 71 -7.90 -30.30 -5.87
CA GLY A 71 -8.38 -29.05 -5.37
C GLY A 71 -7.58 -28.56 -4.18
N MET A 72 -8.12 -27.59 -3.50
CA MET A 72 -7.53 -27.11 -2.28
C MET A 72 -7.80 -28.09 -1.13
N VAL A 73 -7.10 -27.90 -0.01
CA VAL A 73 -7.22 -28.79 1.11
C VAL A 73 -8.63 -28.66 1.78
N PHE A 74 -9.29 -27.52 1.59
CA PHE A 74 -10.64 -27.29 2.13
C PHE A 74 -11.77 -27.53 1.06
N GLN A 75 -11.46 -28.28 0.02
CA GLN A 75 -12.41 -28.45 -1.10
C GLN A 75 -13.72 -29.05 -0.63
N ASP A 76 -13.64 -29.97 0.35
CA ASP A 76 -14.86 -30.58 0.92
C ASP A 76 -15.89 -29.56 1.47
N SER A 77 -15.43 -28.42 1.97
CA SER A 77 -16.38 -27.43 2.52
C SER A 77 -17.20 -26.68 1.46
N ASP A 78 -16.78 -26.75 0.20
CA ASP A 78 -17.53 -26.17 -0.92
C ASP A 78 -18.88 -26.85 -1.09
N VAL A 79 -18.88 -28.17 -0.98
CA VAL A 79 -20.11 -28.96 -1.05
C VAL A 79 -21.04 -28.66 0.10
N ALA A 80 -20.45 -28.60 1.31
CA ALA A 80 -21.20 -28.29 2.52
C ALA A 80 -21.92 -26.96 2.39
N LYS A 81 -21.22 -25.95 1.89
CA LYS A 81 -21.79 -24.59 1.82
C LYS A 81 -22.91 -24.55 0.81
N TRP A 82 -22.77 -25.21 -0.32
CA TRP A 82 -23.86 -25.33 -1.26
C TRP A 82 -25.06 -26.01 -0.58
N LEU A 83 -24.84 -27.16 0.10
CA LEU A 83 -25.98 -27.84 0.77
C LEU A 83 -26.63 -26.99 1.81
N GLU A 84 -25.84 -26.19 2.52
CA GLU A 84 -26.42 -25.30 3.54
C GLU A 84 -27.32 -24.26 2.92
N ALA A 85 -26.84 -23.62 1.85
CA ALA A 85 -27.63 -22.63 1.17
C ALA A 85 -28.90 -23.31 0.65
N VAL A 86 -28.76 -24.55 0.21
CA VAL A 86 -29.87 -25.22 -0.39
C VAL A 86 -30.94 -25.51 0.70
N ALA A 87 -30.49 -25.91 1.88
CA ALA A 87 -31.38 -26.09 2.99
C ALA A 87 -32.22 -24.83 3.18
N TYR A 88 -31.58 -23.67 3.20
CA TYR A 88 -32.35 -22.46 3.49
C TYR A 88 -33.28 -22.08 2.35
N LEU A 89 -32.87 -22.30 1.11
CA LEU A 89 -33.79 -22.13 -0.01
C LEU A 89 -35.05 -23.01 0.10
N LEU A 90 -34.88 -24.25 0.55
CA LEU A 90 -36.00 -25.16 0.64
C LEU A 90 -36.99 -24.71 1.74
N GLU A 91 -36.55 -23.88 2.67
CA GLU A 91 -37.44 -23.40 3.70
C GLU A 91 -38.39 -22.40 3.16
N THR A 92 -37.96 -21.59 2.22
CA THR A 92 -38.80 -20.54 1.68
C THR A 92 -39.50 -21.00 0.40
N LYS A 93 -39.05 -22.08 -0.20
CA LYS A 93 -39.77 -22.65 -1.34
C LYS A 93 -39.37 -24.10 -1.58
N ARG A 94 -40.24 -25.05 -1.25
CA ARG A 94 -39.84 -26.44 -1.42
C ARG A 94 -39.84 -26.79 -2.91
N ASP A 95 -38.76 -27.41 -3.35
CA ASP A 95 -38.52 -27.74 -4.72
C ASP A 95 -38.09 -29.19 -4.70
N PRO A 96 -38.98 -30.09 -5.15
CA PRO A 96 -38.67 -31.52 -5.07
C PRO A 96 -37.44 -31.94 -5.89
N GLU A 97 -37.17 -31.27 -6.99
CA GLU A 97 -35.96 -31.62 -7.76
C GLU A 97 -34.64 -31.24 -7.00
N LEU A 98 -34.58 -30.04 -6.45
CA LEU A 98 -33.44 -29.59 -5.73
C LEU A 98 -33.22 -30.47 -4.53
N GLU A 99 -34.33 -30.82 -3.91
CA GLU A 99 -34.30 -31.66 -2.72
C GLU A 99 -33.82 -33.09 -3.03
N LYS A 100 -34.18 -33.58 -4.21
CA LYS A 100 -33.81 -34.92 -4.62
C LYS A 100 -32.33 -34.87 -4.88
N LEU A 101 -31.88 -33.81 -5.54
CA LEU A 101 -30.44 -33.56 -5.69
C LEU A 101 -29.63 -33.55 -4.35
N ALA A 102 -30.14 -32.85 -3.35
CA ALA A 102 -29.45 -32.73 -2.06
C ALA A 102 -29.37 -34.10 -1.37
N ASP A 103 -30.48 -34.82 -1.34
CA ASP A 103 -30.53 -36.18 -0.82
C ASP A 103 -29.52 -37.15 -1.47
N ASP A 104 -29.36 -37.10 -2.78
CA ASP A 104 -28.35 -37.95 -3.44
C ASP A 104 -26.95 -37.62 -2.98
N VAL A 105 -26.63 -36.34 -2.95
CA VAL A 105 -25.36 -35.87 -2.46
C VAL A 105 -25.22 -36.31 -1.02
N ILE A 106 -26.27 -36.19 -0.23
CA ILE A 106 -26.16 -36.60 1.16
C ILE A 106 -25.81 -38.08 1.27
N GLU A 107 -26.43 -38.93 0.45
CA GLU A 107 -26.15 -40.39 0.58
C GLU A 107 -24.70 -40.64 0.09
N LEU A 108 -24.26 -39.89 -0.89
CA LEU A 108 -22.87 -39.96 -1.30
C LEU A 108 -21.93 -39.67 -0.15
N LEU A 109 -22.22 -38.63 0.62
CA LEU A 109 -21.41 -38.34 1.81
C LEU A 109 -21.44 -39.50 2.76
N GLY A 110 -22.62 -40.11 2.93
CA GLY A 110 -22.77 -41.32 3.78
C GLY A 110 -21.81 -42.48 3.41
N ARG A 111 -21.65 -42.72 2.13
CA ARG A 111 -20.85 -43.82 1.62
C ARG A 111 -19.37 -43.45 1.60
N ALA A 112 -19.03 -42.17 1.51
CA ALA A 112 -17.62 -41.77 1.59
C ALA A 112 -17.06 -41.73 3.00
N GLN A 113 -17.90 -41.86 4.03
CA GLN A 113 -17.47 -41.69 5.40
C GLN A 113 -16.75 -42.94 5.87
N GLN A 114 -15.64 -42.79 6.57
CA GLN A 114 -14.91 -43.94 7.04
C GLN A 114 -15.71 -44.65 8.14
N PRO A 115 -15.35 -45.89 8.43
CA PRO A 115 -16.14 -46.62 9.41
C PRO A 115 -16.17 -45.97 10.78
N ASP A 116 -15.16 -45.17 11.16
CA ASP A 116 -15.22 -44.54 12.51
C ASP A 116 -15.90 -43.20 12.56
N GLY A 117 -16.41 -42.75 11.42
CA GLY A 117 -17.10 -41.49 11.32
C GLY A 117 -16.32 -40.38 10.64
N TYR A 118 -15.00 -40.51 10.56
CA TYR A 118 -14.21 -39.54 9.82
C TYR A 118 -14.68 -39.43 8.38
N LEU A 119 -14.91 -38.18 7.97
CA LEU A 119 -15.39 -37.83 6.61
C LEU A 119 -14.45 -36.72 6.08
N ASN A 120 -13.48 -37.10 5.25
CA ASN A 120 -12.54 -36.18 4.67
C ASN A 120 -11.91 -36.86 3.44
N THR A 121 -12.09 -36.27 2.27
CA THR A 121 -11.71 -36.99 1.04
C THR A 121 -10.22 -36.97 0.89
N TYR A 122 -9.58 -35.82 1.12
CA TYR A 122 -8.13 -35.75 1.00
C TYR A 122 -7.49 -36.84 1.82
N TYR A 123 -7.93 -36.98 3.06
CA TYR A 123 -7.27 -37.94 3.96
C TYR A 123 -7.88 -39.32 3.87
N THR A 124 -8.63 -39.55 2.83
CA THR A 124 -9.10 -40.86 2.50
C THR A 124 -8.45 -41.39 1.20
N ILE A 125 -8.35 -40.55 0.17
CA ILE A 125 -7.85 -41.01 -1.14
C ILE A 125 -6.44 -40.56 -1.49
N LYS A 126 -5.92 -39.55 -0.83
CA LYS A 126 -4.60 -39.07 -1.20
C LYS A 126 -3.63 -39.38 -0.08
N GLU A 127 -3.95 -39.05 1.17
CA GLU A 127 -3.08 -39.36 2.27
C GLU A 127 -3.78 -40.18 3.37
N PRO A 128 -4.31 -41.37 3.00
CA PRO A 128 -5.00 -42.23 3.99
C PRO A 128 -4.10 -42.58 5.16
N GLY A 129 -4.64 -42.52 6.37
CA GLY A 129 -3.86 -42.73 7.54
C GLY A 129 -3.13 -41.56 8.15
N LYS A 130 -3.05 -40.42 7.46
CA LYS A 130 -2.26 -39.28 7.88
C LYS A 130 -3.11 -38.13 8.41
N ARG A 131 -4.38 -38.37 8.65
CA ARG A 131 -5.26 -37.36 9.18
C ARG A 131 -4.75 -36.77 10.52
N TRP A 132 -5.24 -35.59 10.85
CA TRP A 132 -4.85 -34.90 12.07
C TRP A 132 -3.38 -34.61 12.27
N MET A 133 -2.61 -34.53 11.22
CA MET A 133 -1.19 -34.29 11.32
C MET A 133 -0.88 -32.80 11.11
N ASN A 134 -1.79 -32.04 10.48
CA ASN A 134 -1.56 -30.61 10.27
C ASN A 134 -2.83 -29.83 10.44
N LEU A 135 -3.13 -29.58 11.68
CA LEU A 135 -4.32 -28.85 12.05
C LEU A 135 -4.10 -27.38 11.78
N ARG A 136 -2.84 -26.93 11.79
CA ARG A 136 -2.56 -25.53 11.52
C ARG A 136 -3.02 -25.15 10.11
N ASP A 137 -2.84 -26.04 9.13
CA ASP A 137 -3.07 -25.71 7.72
C ASP A 137 -4.15 -26.48 7.01
N ASN A 138 -4.47 -27.70 7.43
CA ASN A 138 -5.24 -28.54 6.49
C ASN A 138 -6.75 -28.55 6.57
N HIS A 139 -7.32 -27.72 7.45
CA HIS A 139 -8.78 -27.42 7.45
C HIS A 139 -9.73 -28.61 7.72
N GLU A 140 -9.23 -29.61 8.43
CA GLU A 140 -10.03 -30.81 8.67
C GLU A 140 -11.28 -30.48 9.47
N LEU A 141 -11.07 -29.82 10.60
CA LEU A 141 -12.15 -29.44 11.49
C LEU A 141 -12.96 -28.33 10.89
N TYR A 142 -12.30 -27.46 10.11
CA TYR A 142 -13.06 -26.49 9.34
C TYR A 142 -14.09 -27.11 8.38
N CYS A 143 -13.70 -28.14 7.64
CA CYS A 143 -14.65 -28.77 6.69
C CYS A 143 -15.75 -29.54 7.44
N ALA A 144 -15.36 -30.15 8.54
CA ALA A 144 -16.30 -30.85 9.39
C ALA A 144 -17.34 -29.87 9.90
N GLY A 145 -16.87 -28.75 10.47
CA GLY A 145 -17.77 -27.68 10.91
C GLY A 145 -18.74 -27.24 9.82
N HIS A 146 -18.27 -27.03 8.61
CA HIS A 146 -19.19 -26.63 7.53
C HIS A 146 -20.19 -27.71 7.17
N LEU A 147 -19.71 -28.95 7.11
CA LEU A 147 -20.63 -30.06 6.93
C LEU A 147 -21.68 -30.15 8.07
N ILE A 148 -21.26 -29.98 9.32
CA ILE A 148 -22.20 -29.98 10.44
C ILE A 148 -23.25 -28.91 10.23
N GLU A 149 -22.82 -27.70 9.86
CA GLU A 149 -23.76 -26.62 9.62
C GLU A 149 -24.74 -26.97 8.49
N ALA A 150 -24.26 -27.56 7.40
CA ALA A 150 -25.19 -27.96 6.36
C ALA A 150 -26.23 -28.97 6.89
N ALA A 151 -25.80 -29.92 7.74
CA ALA A 151 -26.70 -30.98 8.18
C ALA A 151 -27.80 -30.46 9.07
N VAL A 152 -27.43 -29.59 10.02
CA VAL A 152 -28.35 -28.98 10.97
C VAL A 152 -29.35 -28.20 10.15
N ALA A 153 -28.85 -27.34 9.31
CA ALA A 153 -29.72 -26.59 8.42
C ALA A 153 -30.67 -27.52 7.62
N TYR A 154 -30.15 -28.60 7.06
CA TYR A 154 -30.96 -29.40 6.18
C TYR A 154 -32.07 -30.12 6.99
N PHE A 155 -31.74 -30.54 8.21
CA PHE A 155 -32.71 -31.17 9.06
C PHE A 155 -33.81 -30.19 9.40
N ARG A 156 -33.44 -29.00 9.85
CA ARG A 156 -34.46 -28.01 10.22
C ARG A 156 -35.31 -27.70 9.06
N ALA A 157 -34.83 -27.83 7.84
CA ALA A 157 -35.60 -27.45 6.69
C ALA A 157 -36.45 -28.58 6.10
N THR A 158 -35.96 -29.81 6.18
CA THR A 158 -36.70 -30.87 5.56
C THR A 158 -37.24 -31.91 6.51
N GLY A 159 -36.75 -31.91 7.74
CA GLY A 159 -37.08 -32.97 8.69
C GLY A 159 -36.27 -34.25 8.52
N LYS A 160 -35.51 -34.37 7.43
CA LYS A 160 -34.72 -35.56 7.17
C LYS A 160 -33.41 -35.50 7.95
N ARG A 161 -33.25 -36.52 8.77
CA ARG A 161 -32.26 -36.69 9.82
C ARG A 161 -30.96 -37.36 9.32
N ARG A 162 -31.00 -37.92 8.12
CA ARG A 162 -29.89 -38.70 7.62
C ARG A 162 -28.54 -37.93 7.68
N PHE A 163 -28.50 -36.74 7.08
CA PHE A 163 -27.28 -35.92 7.04
C PHE A 163 -26.84 -35.67 8.49
N LEU A 164 -27.79 -35.40 9.37
CA LEU A 164 -27.51 -35.19 10.78
C LEU A 164 -26.91 -36.43 11.47
N ASP A 165 -27.34 -37.63 11.07
CA ASP A 165 -26.80 -38.88 11.64
C ASP A 165 -25.37 -39.10 11.21
N ILE A 166 -25.12 -38.89 9.91
CA ILE A 166 -23.76 -38.88 9.41
C ILE A 166 -22.82 -37.94 10.19
N MET A 167 -23.25 -36.72 10.43
CA MET A 167 -22.36 -35.68 10.98
C MET A 167 -22.24 -35.79 12.49
N CYS A 168 -23.28 -36.34 13.12
CA CYS A 168 -23.24 -36.65 14.53
C CYS A 168 -22.23 -37.73 14.80
N LYS A 169 -22.18 -38.69 13.89
CA LYS A 169 -21.17 -39.71 13.97
C LYS A 169 -19.74 -39.09 13.82
N TYR A 170 -19.52 -38.24 12.81
CA TYR A 170 -18.25 -37.55 12.70
C TYR A 170 -18.00 -36.71 13.95
N ALA A 171 -19.02 -35.97 14.38
CA ALA A 171 -18.84 -35.10 15.55
C ALA A 171 -18.43 -35.93 16.78
N ASP A 172 -19.06 -37.09 17.00
CA ASP A 172 -18.72 -37.96 18.15
C ASP A 172 -17.30 -38.43 17.99
N TYR A 173 -16.94 -38.83 16.76
CA TYR A 173 -15.52 -39.25 16.53
C TYR A 173 -14.54 -38.14 16.93
N ILE A 174 -14.84 -36.91 16.54
CA ILE A 174 -13.94 -35.76 16.84
C ILE A 174 -13.83 -35.60 18.35
N GLY A 175 -14.94 -35.83 19.05
CA GLY A 175 -14.98 -35.80 20.52
C GLY A 175 -14.05 -36.76 21.23
N THR A 176 -13.76 -37.88 20.59
CA THR A 176 -12.80 -38.87 21.11
C THR A 176 -11.39 -38.53 20.76
N VAL A 177 -11.16 -37.83 19.64
CA VAL A 177 -9.77 -37.57 19.25
C VAL A 177 -9.17 -36.39 19.99
N PHE A 178 -9.99 -35.35 20.19
CA PHE A 178 -9.49 -34.05 20.70
C PHE A 178 -9.92 -33.79 22.16
N GLY A 179 -8.98 -33.46 23.01
CA GLY A 179 -9.32 -33.03 24.35
C GLY A 179 -8.05 -33.14 25.11
N ARG A 180 -8.16 -33.07 26.44
CA ARG A 180 -7.00 -33.24 27.33
C ARG A 180 -7.00 -34.69 27.85
N GLY A 181 -5.80 -35.26 28.01
CA GLY A 181 -5.64 -36.64 28.47
C GLY A 181 -4.91 -37.53 27.49
N GLU A 182 -4.61 -38.76 27.93
CA GLU A 182 -3.85 -39.68 27.07
C GLU A 182 -4.77 -40.28 26.00
N GLY A 183 -4.17 -40.49 24.85
CA GLY A 183 -4.93 -40.88 23.67
C GLY A 183 -5.78 -39.75 23.13
N GLN A 184 -5.47 -38.51 23.55
CA GLN A 184 -6.11 -37.35 22.94
C GLN A 184 -5.10 -36.31 22.52
N ILE A 185 -5.50 -35.52 21.54
CA ILE A 185 -4.67 -34.52 20.95
C ILE A 185 -5.15 -33.22 21.59
N PRO A 186 -4.24 -32.43 22.17
CA PRO A 186 -4.69 -31.16 22.77
C PRO A 186 -4.75 -30.02 21.71
N GLY A 187 -5.45 -30.28 20.61
CA GLY A 187 -5.34 -29.46 19.45
C GLY A 187 -6.63 -28.74 19.12
N TYR A 188 -6.54 -27.94 18.05
CA TYR A 188 -7.60 -27.15 17.54
C TYR A 188 -7.24 -26.72 16.12
N ASP A 189 -8.24 -26.28 15.32
CA ASP A 189 -8.01 -26.00 13.88
C ASP A 189 -7.35 -24.64 13.70
N GLY A 190 -6.54 -24.56 12.67
CA GLY A 190 -5.95 -23.31 12.27
C GLY A 190 -6.99 -22.34 11.75
N HIS A 191 -8.10 -22.85 11.24
CA HIS A 191 -9.19 -22.00 10.80
C HIS A 191 -10.41 -22.31 11.63
N GLN A 192 -10.73 -21.41 12.57
CA GLN A 192 -11.93 -21.52 13.39
C GLN A 192 -13.21 -21.66 12.52
N GLU A 193 -14.21 -22.35 13.07
CA GLU A 193 -15.45 -22.73 12.38
C GLU A 193 -16.16 -23.86 13.11
N ILE A 194 -15.42 -24.87 13.53
CA ILE A 194 -16.01 -26.08 14.10
C ILE A 194 -16.67 -25.68 15.40
N GLU A 195 -16.12 -24.65 16.06
CA GLU A 195 -16.65 -24.23 17.35
C GLU A 195 -18.08 -23.67 17.25
N LEU A 196 -18.33 -22.77 16.30
CA LEU A 196 -19.71 -22.25 16.13
C LEU A 196 -20.65 -23.35 15.57
N ALA A 197 -20.13 -24.20 14.72
CA ALA A 197 -20.93 -25.22 14.07
C ALA A 197 -21.45 -26.17 15.15
N LEU A 198 -20.57 -26.54 16.09
CA LEU A 198 -20.94 -27.41 17.22
C LEU A 198 -22.00 -26.84 18.16
N LEU A 199 -22.05 -25.51 18.27
CA LEU A 199 -23.13 -24.89 19.03
C LEU A 199 -24.44 -25.17 18.37
N LYS A 200 -24.50 -25.01 17.07
CA LYS A 200 -25.75 -25.29 16.38
C LYS A 200 -26.14 -26.77 16.46
N LEU A 201 -25.15 -27.67 16.46
CA LEU A 201 -25.42 -29.08 16.55
C LEU A 201 -26.02 -29.40 17.92
N TYR A 202 -25.48 -28.75 18.95
CA TYR A 202 -26.03 -28.89 20.24
C TYR A 202 -27.46 -28.35 20.22
N GLU A 203 -27.68 -27.20 19.59
CA GLU A 203 -28.98 -26.56 19.67
C GLU A 203 -30.00 -27.47 19.05
N VAL A 204 -29.63 -28.23 18.03
CA VAL A 204 -30.67 -29.01 17.37
C VAL A 204 -30.81 -30.40 17.99
N THR A 205 -29.78 -30.90 18.66
CA THR A 205 -29.76 -32.25 19.21
C THR A 205 -29.89 -32.34 20.74
N GLY A 206 -29.54 -31.29 21.50
CA GLY A 206 -29.59 -31.40 22.94
C GLY A 206 -28.44 -32.17 23.55
N ASN A 207 -27.54 -32.70 22.73
CA ASN A 207 -26.41 -33.44 23.29
C ASN A 207 -25.27 -32.53 23.70
N GLU A 208 -25.07 -32.48 25.02
CA GLU A 208 -24.17 -31.54 25.63
C GLU A 208 -22.72 -31.86 25.39
N ASN A 209 -22.41 -33.05 24.89
CA ASN A 209 -21.02 -33.30 24.54
C ASN A 209 -20.56 -32.35 23.42
N TYR A 210 -21.46 -32.03 22.48
CA TYR A 210 -21.16 -31.09 21.44
C TYR A 210 -20.83 -29.68 22.02
N LEU A 211 -21.55 -29.28 23.04
CA LEU A 211 -21.32 -28.00 23.70
C LEU A 211 -20.01 -27.96 24.40
N LYS A 212 -19.66 -29.06 25.04
CA LYS A 212 -18.41 -29.13 25.77
C LYS A 212 -17.22 -29.27 24.84
N LEU A 213 -17.43 -29.89 23.69
CA LEU A 213 -16.44 -30.00 22.67
C LEU A 213 -16.15 -28.57 22.12
N SER A 214 -17.20 -27.80 21.77
CA SER A 214 -16.99 -26.40 21.36
C SER A 214 -16.18 -25.65 22.46
N GLN A 215 -16.57 -25.81 23.71
CA GLN A 215 -15.89 -25.11 24.79
C GLN A 215 -14.44 -25.52 24.82
N TYR A 216 -14.19 -26.81 24.71
CA TYR A 216 -12.81 -27.27 24.74
C TYR A 216 -11.96 -26.59 23.67
N PHE A 217 -12.48 -26.53 22.46
CA PHE A 217 -11.65 -25.97 21.41
C PHE A 217 -11.28 -24.51 21.66
N ILE A 218 -12.27 -23.73 22.12
CA ILE A 218 -12.06 -22.34 22.50
C ILE A 218 -11.13 -22.20 23.71
N ASP A 219 -11.27 -23.05 24.71
CA ASP A 219 -10.47 -22.89 25.93
C ASP A 219 -9.03 -23.24 25.70
N GLN A 220 -8.79 -24.15 24.75
CA GLN A 220 -7.44 -24.68 24.53
C GLN A 220 -6.57 -23.77 23.67
N ARG A 221 -7.25 -22.98 22.87
CA ARG A 221 -6.55 -22.17 21.90
C ARG A 221 -5.60 -21.21 22.57
N GLY A 222 -4.37 -21.17 22.08
CA GLY A 222 -3.35 -20.27 22.59
C GLY A 222 -2.67 -20.65 23.89
N GLN A 223 -2.91 -21.84 24.43
CA GLN A 223 -2.13 -22.30 25.59
C GLN A 223 -0.71 -22.67 25.15
N GLN A 224 0.23 -22.51 26.08
CA GLN A 224 1.59 -22.93 25.89
C GLN A 224 1.69 -24.28 26.52
N PRO A 225 2.54 -25.14 25.96
CA PRO A 225 3.34 -24.89 24.75
C PRO A 225 2.44 -24.93 23.50
N TYR A 226 2.73 -24.12 22.51
CA TYR A 226 1.84 -23.99 21.36
C TYR A 226 1.57 -25.32 20.66
N TYR A 227 0.32 -25.72 20.62
CA TYR A 227 0.00 -26.89 19.83
C TYR A 227 0.57 -26.84 18.39
N PHE A 228 0.52 -25.72 17.71
CA PHE A 228 1.05 -25.70 16.36
C PHE A 228 2.55 -25.91 16.28
N ASP A 229 3.27 -25.55 17.34
CA ASP A 229 4.72 -25.83 17.45
C ASP A 229 5.02 -27.31 17.61
N GLN A 230 4.24 -28.00 18.42
CA GLN A 230 4.38 -29.43 18.57
C GLN A 230 4.14 -30.20 17.27
N GLU A 231 2.99 -30.03 16.59
CA GLU A 231 2.77 -30.79 15.34
C GLU A 231 3.79 -30.41 14.27
N LYS A 232 4.29 -29.18 14.37
CA LYS A 232 5.32 -28.67 13.46
C LYS A 232 6.64 -29.43 13.58
N GLU A 233 7.07 -29.60 14.83
CA GLU A 233 8.24 -30.36 15.12
C GLU A 233 8.09 -31.85 14.71
N ALA A 234 6.93 -32.46 14.99
CA ALA A 234 6.66 -33.82 14.51
C ALA A 234 6.64 -33.92 12.99
N ARG A 235 6.35 -32.84 12.29
CA ARG A 235 6.35 -32.92 10.84
C ARG A 235 7.75 -32.71 10.33
N GLY A 236 8.66 -32.32 11.21
CA GLY A 236 10.06 -32.09 10.84
C GLY A 236 10.28 -30.78 10.13
N GLU A 237 9.29 -29.90 10.20
CA GLU A 237 9.31 -28.64 9.49
C GLU A 237 10.00 -27.66 10.44
N THR A 238 10.85 -26.78 9.93
CA THR A 238 11.62 -25.85 10.79
C THR A 238 11.71 -24.40 10.26
N GLU A 239 11.57 -24.18 8.95
CA GLU A 239 11.49 -22.81 8.42
C GLU A 239 10.26 -22.09 8.97
N PRO A 240 10.40 -20.78 9.28
CA PRO A 240 9.40 -20.11 10.10
C PRO A 240 8.09 -19.75 9.34
N PHE A 241 7.00 -19.62 10.08
CA PHE A 241 5.71 -19.27 9.50
C PHE A 241 5.79 -18.00 8.59
N TRP A 242 5.10 -18.04 7.46
CA TRP A 242 5.19 -16.92 6.51
C TRP A 242 4.63 -15.58 7.06
N TYR A 243 3.58 -15.62 7.87
CA TYR A 243 2.97 -14.39 8.33
C TYR A 243 3.87 -13.90 9.47
N ASP A 244 4.35 -12.66 9.38
CA ASP A 244 5.33 -12.18 10.37
C ASP A 244 4.78 -12.09 11.80
N GLY A 245 3.46 -12.01 11.93
CA GLY A 245 2.82 -12.01 13.21
C GLY A 245 2.70 -13.37 13.88
N GLY A 246 3.26 -14.41 13.27
CA GLY A 246 3.12 -15.79 13.76
C GLY A 246 1.66 -16.17 13.98
N TYR A 247 1.37 -16.76 15.15
CA TYR A 247 0.04 -17.32 15.39
C TYR A 247 -1.01 -16.30 15.71
N ARG A 248 -0.64 -15.01 15.75
CA ARG A 248 -1.64 -13.95 15.64
C ARG A 248 -2.54 -14.18 14.41
N TYR A 249 -2.00 -14.74 13.34
CA TYR A 249 -2.81 -14.94 12.16
C TYR A 249 -4.02 -15.78 12.47
N HIS A 250 -3.81 -16.77 13.34
CA HIS A 250 -4.83 -17.72 13.76
C HIS A 250 -5.54 -17.37 15.04
N GLN A 251 -5.29 -16.18 15.57
CA GLN A 251 -5.70 -15.79 16.91
C GLN A 251 -5.40 -16.91 17.92
N ALA A 252 -4.24 -17.55 17.77
CA ALA A 252 -3.85 -18.63 18.68
C ALA A 252 -2.52 -18.30 19.42
N HIS A 253 -2.21 -17.02 19.49
CA HIS A 253 -1.06 -16.47 20.15
C HIS A 253 -1.14 -16.41 21.68
N ILE A 254 -2.35 -16.28 22.21
CA ILE A 254 -2.62 -16.26 23.65
C ILE A 254 -4.03 -16.76 23.85
N PRO A 255 -4.39 -17.21 25.06
CA PRO A 255 -5.78 -17.64 25.26
C PRO A 255 -6.83 -16.56 24.92
N VAL A 256 -7.98 -17.00 24.40
CA VAL A 256 -8.97 -16.05 23.91
C VAL A 256 -9.42 -15.10 25.02
N ARG A 257 -9.54 -15.58 26.25
CA ARG A 257 -9.90 -14.68 27.39
C ARG A 257 -8.89 -13.60 27.65
N GLU A 258 -7.65 -13.69 27.16
CA GLU A 258 -6.75 -12.53 27.27
C GLU A 258 -6.65 -11.67 26.01
N GLN A 259 -7.35 -12.04 24.96
CA GLN A 259 -7.37 -11.22 23.75
C GLN A 259 -8.26 -9.99 23.89
N LYS A 260 -7.65 -8.83 23.77
CA LYS A 260 -8.35 -7.55 23.89
C LYS A 260 -8.41 -6.77 22.58
N GLN A 261 -7.64 -7.19 21.60
CA GLN A 261 -7.63 -6.57 20.32
C GLN A 261 -7.81 -7.63 19.29
N ALA A 262 -8.49 -7.26 18.23
CA ALA A 262 -8.66 -8.08 17.10
C ALA A 262 -7.34 -8.06 16.36
N VAL A 263 -6.78 -9.24 16.12
CA VAL A 263 -5.59 -9.39 15.28
C VAL A 263 -5.84 -10.54 14.24
N GLY A 264 -4.99 -10.57 13.25
CA GLY A 264 -4.92 -11.73 12.36
C GLY A 264 -5.94 -11.73 11.26
N HIS A 265 -6.10 -12.90 10.70
CA HIS A 265 -7.03 -13.12 9.59
C HIS A 265 -8.47 -12.83 10.07
N ALA A 266 -9.19 -11.97 9.37
CA ALA A 266 -10.41 -11.42 9.89
C ALA A 266 -11.57 -12.41 9.94
N VAL A 267 -11.71 -13.27 8.92
CA VAL A 267 -12.77 -14.26 8.96
C VAL A 267 -12.57 -15.22 10.17
N ARG A 268 -11.36 -15.71 10.32
CA ARG A 268 -11.00 -16.61 11.42
C ARG A 268 -11.31 -15.96 12.78
N ALA A 269 -10.88 -14.72 12.93
CA ALA A 269 -11.18 -13.98 14.16
C ALA A 269 -12.68 -13.95 14.44
N LEU A 270 -13.47 -13.66 13.41
CA LEU A 270 -14.88 -13.40 13.65
C LEU A 270 -15.68 -14.72 13.85
N TYR A 271 -15.30 -15.79 13.16
CA TYR A 271 -15.88 -17.10 13.41
C TYR A 271 -15.60 -17.48 14.87
N MET A 272 -14.40 -17.16 15.38
CA MET A 272 -14.03 -17.44 16.77
C MET A 272 -14.86 -16.62 17.76
N TYR A 273 -15.04 -15.35 17.49
CA TYR A 273 -15.77 -14.49 18.43
C TYR A 273 -17.26 -14.89 18.48
N THR A 274 -17.78 -15.37 17.37
CA THR A 274 -19.14 -15.85 17.25
C THR A 274 -19.35 -17.04 18.16
N ALA A 275 -18.44 -18.01 18.13
CA ALA A 275 -18.54 -19.15 19.02
C ALA A 275 -18.39 -18.72 20.46
N MET A 276 -17.43 -17.86 20.71
CA MET A 276 -17.23 -17.32 22.05
C MET A 276 -18.54 -16.69 22.62
N ALA A 277 -19.25 -15.91 21.81
CA ALA A 277 -20.45 -15.29 22.27
C ALA A 277 -21.55 -16.30 22.50
N GLY A 278 -21.64 -17.28 21.61
CA GLY A 278 -22.55 -18.37 21.77
C GLY A 278 -22.31 -19.12 23.06
N LEU A 279 -21.07 -19.44 23.38
CA LEU A 279 -20.76 -20.17 24.59
C LEU A 279 -20.94 -19.32 25.83
N ALA A 280 -20.72 -18.02 25.74
CA ALA A 280 -20.93 -17.17 26.91
C ALA A 280 -22.38 -17.28 27.37
N ALA A 281 -23.31 -17.22 26.41
CA ALA A 281 -24.77 -17.34 26.64
C ALA A 281 -25.13 -18.74 27.11
N LYS A 282 -24.76 -19.77 26.37
CA LYS A 282 -25.09 -21.14 26.73
C LYS A 282 -24.44 -21.65 28.02
N MET A 283 -23.26 -21.19 28.42
CA MET A 283 -22.67 -21.63 29.70
C MET A 283 -22.88 -20.64 30.81
N GLY A 284 -23.46 -19.49 30.53
CA GLY A 284 -23.46 -18.40 31.54
C GLY A 284 -22.04 -18.06 31.98
N ASP A 285 -21.11 -17.93 31.03
CA ASP A 285 -19.68 -17.68 31.39
C ASP A 285 -19.35 -16.16 31.24
N GLU A 286 -19.29 -15.51 32.39
CA GLU A 286 -19.05 -14.08 32.48
C GLU A 286 -17.69 -13.67 31.87
N SER A 287 -16.69 -14.53 31.96
CA SER A 287 -15.33 -14.23 31.46
C SER A 287 -15.29 -14.15 29.95
N LEU A 288 -16.13 -14.93 29.26
CA LEU A 288 -16.20 -14.95 27.86
C LEU A 288 -17.10 -13.82 27.36
N LYS A 289 -18.10 -13.53 28.17
CA LYS A 289 -19.02 -12.48 27.86
C LYS A 289 -18.23 -11.17 27.85
N GLN A 290 -17.46 -10.92 28.90
CA GLN A 290 -16.59 -9.75 28.97
C GLN A 290 -15.60 -9.68 27.83
N ALA A 291 -14.86 -10.75 27.61
CA ALA A 291 -13.92 -10.83 26.51
C ALA A 291 -14.60 -10.47 25.19
N CYS A 292 -15.81 -11.00 24.96
CA CYS A 292 -16.56 -10.71 23.75
C CYS A 292 -16.89 -9.23 23.60
N GLN A 293 -17.28 -8.61 24.68
CA GLN A 293 -17.62 -7.18 24.71
C GLN A 293 -16.44 -6.31 24.46
N THR A 294 -15.29 -6.72 24.98
CA THR A 294 -14.08 -5.98 24.75
C THR A 294 -13.67 -6.07 23.30
N LEU A 295 -13.75 -7.25 22.74
CA LEU A 295 -13.41 -7.46 21.34
C LEU A 295 -14.39 -6.77 20.40
N TRP A 296 -15.67 -6.86 20.72
CA TRP A 296 -16.72 -6.10 20.03
C TRP A 296 -16.39 -4.57 19.94
N GLU A 297 -16.07 -3.96 21.07
CA GLU A 297 -15.77 -2.56 21.07
CA GLU A 297 -15.69 -2.52 21.10
C GLU A 297 -14.51 -2.30 20.18
N ASN A 298 -13.49 -3.16 20.27
CA ASN A 298 -12.29 -2.99 19.46
C ASN A 298 -12.55 -3.13 17.99
N VAL A 299 -13.28 -4.15 17.55
CA VAL A 299 -13.58 -4.29 16.17
C VAL A 299 -14.43 -3.11 15.65
N THR A 300 -15.56 -2.87 16.32
CA THR A 300 -16.59 -2.02 15.75
C THR A 300 -16.34 -0.56 16.07
N LYS A 301 -15.50 -0.23 17.04
CA LYS A 301 -15.13 1.16 17.27
C LYS A 301 -13.76 1.53 16.76
N ARG A 302 -12.94 0.57 16.35
CA ARG A 302 -11.61 0.92 15.82
C ARG A 302 -11.07 0.24 14.61
N GLN A 303 -11.64 -0.88 14.19
CA GLN A 303 -11.14 -1.63 13.07
C GLN A 303 -12.22 -2.08 12.11
N MET A 304 -13.22 -1.23 11.90
CA MET A 304 -14.31 -1.50 10.98
C MET A 304 -14.54 -0.33 10.02
N TYR A 305 -14.76 -0.64 8.75
CA TYR A 305 -15.01 0.37 7.73
C TYR A 305 -16.45 0.79 7.83
N ILE A 306 -16.75 1.98 7.32
CA ILE A 306 -18.10 2.48 7.35
C ILE A 306 -19.02 1.54 6.62
N THR A 307 -18.48 0.71 5.74
CA THR A 307 -19.36 -0.27 5.05
C THR A 307 -19.66 -1.53 5.86
N GLY A 308 -19.10 -1.67 7.07
CA GLY A 308 -19.16 -2.95 7.77
C GLY A 308 -18.03 -3.88 7.31
N GLY A 309 -17.22 -3.47 6.36
CA GLY A 309 -15.97 -4.19 6.03
C GLY A 309 -15.01 -4.29 7.23
N VAL A 310 -14.30 -5.42 7.32
CA VAL A 310 -13.32 -5.60 8.34
C VAL A 310 -12.19 -6.27 7.63
N GLY A 311 -10.99 -5.81 7.94
CA GLY A 311 -9.78 -6.33 7.39
C GLY A 311 -9.13 -5.32 6.50
N SER A 312 -7.99 -4.81 6.96
CA SER A 312 -7.34 -3.67 6.31
C SER A 312 -6.02 -3.99 5.59
N SER A 313 -5.54 -5.22 5.67
CA SER A 313 -4.28 -5.62 5.03
C SER A 313 -4.48 -6.89 4.23
N ALA A 314 -4.08 -6.85 2.96
CA ALA A 314 -4.14 -8.00 2.06
C ALA A 314 -3.17 -9.08 2.49
N PHE A 315 -2.07 -8.67 3.12
CA PHE A 315 -1.13 -9.65 3.68
C PHE A 315 -1.75 -10.29 4.90
N GLY A 316 -2.16 -11.52 4.76
CA GLY A 316 -2.88 -12.18 5.84
C GLY A 316 -4.36 -11.91 5.89
N GLU A 317 -4.88 -11.11 4.96
CA GLU A 317 -6.32 -10.81 4.88
C GLU A 317 -6.80 -10.46 6.26
N SER A 318 -6.06 -9.57 6.91
CA SER A 318 -6.05 -9.40 8.33
C SER A 318 -6.36 -8.00 8.88
N PHE A 319 -6.71 -8.02 10.15
CA PHE A 319 -6.75 -6.83 10.95
C PHE A 319 -5.30 -6.36 11.09
N THR A 320 -5.15 -5.03 11.16
CA THR A 320 -3.87 -4.40 11.48
C THR A 320 -3.92 -3.92 12.92
N PHE A 321 -4.31 -2.66 13.11
CA PHE A 321 -4.36 -2.10 14.45
C PHE A 321 -5.37 -0.96 14.50
N ASP A 322 -5.56 -0.39 15.67
CA ASP A 322 -6.59 0.61 15.83
C ASP A 322 -6.47 1.81 14.84
N PHE A 323 -7.60 2.08 14.22
CA PHE A 323 -7.79 3.27 13.41
C PHE A 323 -7.04 3.26 12.08
N ASP A 324 -6.44 2.13 11.70
CA ASP A 324 -5.78 1.95 10.42
C ASP A 324 -6.74 1.39 9.42
N LEU A 325 -7.39 2.28 8.67
CA LEU A 325 -8.49 1.93 7.80
C LEU A 325 -8.36 2.60 6.44
N PRO A 326 -7.30 2.25 5.69
CA PRO A 326 -7.11 2.82 4.37
C PRO A 326 -8.18 2.34 3.38
N ASN A 327 -8.59 3.21 2.48
CA ASN A 327 -9.72 2.95 1.61
C ASN A 327 -9.35 2.28 0.33
N ASP A 328 -8.15 2.60 -0.15
CA ASP A 328 -7.66 2.12 -1.42
C ASP A 328 -6.96 0.78 -1.38
N THR A 329 -6.31 0.50 -0.25
CA THR A 329 -5.65 -0.79 0.03
C THR A 329 -6.42 -1.73 1.01
N ALA A 330 -7.64 -1.34 1.40
CA ALA A 330 -8.60 -2.21 2.15
C ALA A 330 -8.68 -3.59 1.60
N TYR A 331 -8.86 -4.55 2.49
CA TYR A 331 -9.16 -5.89 2.06
C TYR A 331 -10.69 -6.11 2.12
N ALA A 332 -11.28 -6.04 3.31
CA ALA A 332 -12.75 -6.07 3.50
C ALA A 332 -13.37 -7.20 2.70
N GLU A 333 -12.83 -8.39 2.93
CA GLU A 333 -13.26 -9.61 2.30
C GLU A 333 -14.74 -9.85 2.57
N THR A 334 -15.48 -10.19 1.52
CA THR A 334 -16.92 -10.38 1.63
C THR A 334 -17.26 -11.31 2.81
N CYS A 335 -16.50 -12.40 2.95
CA CYS A 335 -16.74 -13.41 3.98
C CYS A 335 -16.46 -12.88 5.38
N ALA A 336 -15.67 -11.81 5.48
CA ALA A 336 -15.44 -11.22 6.78
C ALA A 336 -16.63 -10.39 7.26
N SER A 337 -17.30 -9.67 6.37
CA SER A 337 -18.55 -8.96 6.76
C SER A 337 -19.65 -9.95 7.06
N ILE A 338 -19.69 -11.05 6.31
CA ILE A 338 -20.62 -12.07 6.56
C ILE A 338 -20.42 -12.58 7.99
N ALA A 339 -19.17 -12.89 8.31
CA ALA A 339 -18.84 -13.40 9.60
C ALA A 339 -19.22 -12.38 10.67
N LEU A 340 -19.07 -11.10 10.37
CA LEU A 340 -19.52 -10.06 11.30
C LEU A 340 -21.02 -10.23 11.60
N VAL A 341 -21.81 -10.51 10.56
CA VAL A 341 -23.22 -10.69 10.76
C VAL A 341 -23.45 -11.86 11.74
N PHE A 342 -22.83 -13.01 11.50
CA PHE A 342 -22.99 -14.13 12.45
C PHE A 342 -22.65 -13.72 13.89
N TRP A 343 -21.59 -12.94 14.07
CA TRP A 343 -21.23 -12.55 15.37
C TRP A 343 -22.26 -11.67 16.07
N THR A 344 -22.74 -10.64 15.39
CA THR A 344 -23.75 -9.75 15.95
C THR A 344 -24.99 -10.50 16.37
N ARG A 345 -25.41 -11.47 15.56
CA ARG A 345 -26.60 -12.24 15.92
C ARG A 345 -26.35 -12.99 17.20
N ARG A 346 -25.20 -13.62 17.38
CA ARG A 346 -24.90 -14.22 18.68
C ARG A 346 -24.78 -13.16 19.79
N MET A 347 -24.27 -11.97 19.50
CA MET A 347 -24.08 -10.94 20.56
C MET A 347 -25.44 -10.52 21.12
N LEU A 348 -26.42 -10.37 20.21
CA LEU A 348 -27.79 -10.06 20.60
C LEU A 348 -28.48 -11.09 21.52
N GLU A 349 -28.22 -12.38 21.30
CA GLU A 349 -28.77 -13.46 22.14
C GLU A 349 -28.14 -13.42 23.52
N LEU A 350 -26.99 -12.77 23.62
CA LEU A 350 -26.24 -12.61 24.85
C LEU A 350 -26.51 -11.31 25.62
N GLU A 351 -26.75 -10.20 24.94
CA GLU A 351 -27.04 -8.89 25.55
C GLU A 351 -27.86 -8.10 24.50
N MET A 352 -29.08 -7.76 24.88
CA MET A 352 -29.96 -7.12 23.93
C MET A 352 -29.62 -5.63 23.87
N ASP A 353 -28.80 -5.27 22.90
CA ASP A 353 -28.40 -3.90 22.69
C ASP A 353 -28.47 -3.57 21.21
N GLY A 354 -29.12 -2.48 20.91
CA GLY A 354 -29.31 -2.06 19.53
C GLY A 354 -28.03 -1.87 18.76
N LYS A 355 -26.93 -1.65 19.47
CA LYS A 355 -25.65 -1.52 18.77
C LYS A 355 -25.23 -2.72 17.96
N TYR A 356 -25.60 -3.91 18.42
CA TYR A 356 -25.22 -5.13 17.75
C TYR A 356 -26.01 -5.23 16.44
N ALA A 357 -27.30 -4.91 16.49
CA ALA A 357 -28.18 -4.96 15.32
C ALA A 357 -27.89 -3.80 14.37
N ASP A 358 -27.50 -2.65 14.92
CA ASP A 358 -27.02 -1.57 14.07
C ASP A 358 -25.89 -2.05 13.15
N VAL A 359 -24.92 -2.77 13.72
CA VAL A 359 -23.74 -3.20 12.95
C VAL A 359 -24.14 -4.31 12.00
N MET A 360 -25.00 -5.22 12.43
CA MET A 360 -25.60 -6.21 11.53
C MET A 360 -26.22 -5.57 10.30
N GLU A 361 -27.02 -4.56 10.53
CA GLU A 361 -27.68 -3.84 9.43
C GLU A 361 -26.64 -3.14 8.53
N ARG A 362 -25.69 -2.50 9.19
CA ARG A 362 -24.57 -1.91 8.43
C ARG A 362 -23.94 -2.89 7.45
N ALA A 363 -23.57 -4.06 7.95
CA ALA A 363 -22.87 -5.02 7.13
C ALA A 363 -23.82 -5.61 6.09
N LEU A 364 -25.08 -5.83 6.47
CA LEU A 364 -26.07 -6.43 5.56
C LEU A 364 -26.38 -5.56 4.36
N TYR A 365 -26.46 -4.26 4.55
CA TYR A 365 -26.91 -3.37 3.46
C TYR A 365 -25.73 -2.74 2.70
N ASN A 366 -24.52 -3.00 3.16
CA ASN A 366 -23.36 -2.42 2.49
C ASN A 366 -22.31 -3.52 2.12
N GLY A 367 -21.39 -3.84 3.02
CA GLY A 367 -20.25 -4.69 2.67
C GLY A 367 -20.42 -6.17 2.47
N THR A 368 -21.67 -6.68 2.55
CA THR A 368 -21.92 -8.08 2.24
C THR A 368 -22.44 -8.14 0.84
N ILE A 369 -23.56 -7.48 0.61
CA ILE A 369 -24.16 -7.52 -0.72
C ILE A 369 -23.38 -6.73 -1.76
N SER A 370 -22.44 -5.88 -1.33
CA SER A 370 -21.52 -5.29 -2.29
C SER A 370 -20.67 -6.37 -2.96
N GLY A 371 -20.56 -7.54 -2.35
CA GLY A 371 -19.80 -8.64 -2.93
C GLY A 371 -20.33 -9.29 -4.20
N MET A 372 -21.48 -8.85 -4.71
CA MET A 372 -22.09 -9.43 -5.92
C MET A 372 -22.68 -8.37 -6.83
N ASP A 373 -22.63 -8.69 -8.12
CA ASP A 373 -23.37 -7.98 -9.10
C ASP A 373 -24.81 -8.15 -8.74
N LEU A 374 -25.60 -7.14 -9.09
CA LEU A 374 -27.05 -7.18 -8.87
C LEU A 374 -27.78 -8.40 -9.47
N ASP A 375 -27.26 -8.98 -10.55
CA ASP A 375 -27.92 -10.16 -11.17
C ASP A 375 -27.26 -11.45 -10.72
N GLY A 376 -26.36 -11.35 -9.78
CA GLY A 376 -25.80 -12.50 -9.17
C GLY A 376 -24.80 -13.33 -9.95
N LYS A 377 -24.26 -12.83 -11.04
CA LYS A 377 -23.42 -13.67 -11.85
C LYS A 377 -21.95 -13.48 -11.60
N LYS A 378 -21.58 -12.37 -10.97
CA LYS A 378 -20.19 -12.12 -10.65
C LYS A 378 -20.03 -11.61 -9.24
N PHE A 379 -18.80 -11.67 -8.77
CA PHE A 379 -18.47 -11.46 -7.34
C PHE A 379 -17.13 -10.80 -7.11
N PHE A 380 -17.04 -10.12 -5.97
CA PHE A 380 -15.81 -9.58 -5.46
C PHE A 380 -15.43 -10.47 -4.30
N TYR A 381 -14.14 -10.67 -4.13
CA TYR A 381 -13.57 -11.20 -2.88
C TYR A 381 -13.30 -10.01 -1.93
N VAL A 382 -12.70 -8.95 -2.48
CA VAL A 382 -12.28 -7.74 -1.78
C VAL A 382 -13.23 -6.60 -2.06
N ASN A 383 -13.58 -5.83 -1.05
CA ASN A 383 -14.58 -4.75 -1.13
C ASN A 383 -13.96 -3.41 -0.73
N PRO A 384 -13.29 -2.78 -1.67
CA PRO A 384 -12.54 -1.54 -1.43
C PRO A 384 -13.47 -0.35 -1.26
N LEU A 385 -13.00 0.71 -0.62
CA LEU A 385 -13.81 1.92 -0.45
C LEU A 385 -13.39 3.02 -1.41
N GLU A 386 -12.34 2.77 -2.18
CA GLU A 386 -11.83 3.73 -3.19
C GLU A 386 -11.15 2.95 -4.30
N VAL A 387 -11.56 3.19 -5.52
CA VAL A 387 -10.92 2.60 -6.61
C VAL A 387 -10.49 3.60 -7.66
N TRP A 388 -9.23 3.47 -8.09
CA TRP A 388 -8.69 4.08 -9.33
C TRP A 388 -8.22 2.94 -10.21
N PRO A 389 -8.98 2.56 -11.26
CA PRO A 389 -8.67 1.27 -11.90
C PRO A 389 -7.22 1.10 -12.35
N LYS A 390 -6.67 2.13 -12.99
CA LYS A 390 -5.28 2.07 -13.33
C LYS A 390 -4.34 1.71 -12.16
N ALA A 391 -4.61 2.21 -10.96
CA ALA A 391 -3.73 1.96 -9.84
C ALA A 391 -3.85 0.56 -9.27
N CYS A 392 -4.89 -0.17 -9.64
CA CYS A 392 -4.98 -1.57 -9.29
C CYS A 392 -3.86 -2.43 -9.93
N GLU A 393 -3.05 -1.84 -10.79
CA GLU A 393 -1.86 -2.50 -11.32
C GLU A 393 -0.73 -2.44 -10.33
N ARG A 394 -0.78 -1.56 -9.34
CA ARG A 394 0.30 -1.57 -8.36
C ARG A 394 0.30 -2.85 -7.59
N HIS A 395 1.48 -3.33 -7.26
CA HIS A 395 1.59 -4.57 -6.50
C HIS A 395 0.80 -4.48 -5.18
N ASP A 396 0.90 -3.35 -4.49
CA ASP A 396 0.20 -3.22 -3.20
C ASP A 396 -1.33 -3.02 -3.35
N LYS A 397 -1.83 -3.03 -4.59
CA LYS A 397 -3.28 -2.99 -4.81
C LYS A 397 -3.76 -4.07 -5.74
N ARG A 398 -2.95 -5.08 -5.99
CA ARG A 398 -3.34 -6.05 -7.01
C ARG A 398 -4.44 -6.99 -6.53
N HIS A 399 -4.67 -7.01 -5.20
CA HIS A 399 -5.79 -7.70 -4.58
C HIS A 399 -7.15 -7.00 -4.84
N VAL A 400 -7.14 -5.74 -5.21
CA VAL A 400 -8.34 -5.03 -5.51
C VAL A 400 -8.64 -5.22 -7.02
N LYS A 401 -9.63 -6.04 -7.35
CA LYS A 401 -10.11 -6.17 -8.73
C LYS A 401 -11.08 -5.05 -8.93
N PRO A 402 -10.94 -4.35 -10.05
CA PRO A 402 -11.81 -3.21 -10.27
C PRO A 402 -13.17 -3.58 -10.87
N VAL A 403 -13.34 -4.83 -11.31
CA VAL A 403 -14.66 -5.31 -11.67
C VAL A 403 -14.89 -6.64 -10.98
N ARG A 404 -16.15 -7.00 -10.84
CA ARG A 404 -16.48 -8.25 -10.22
C ARG A 404 -16.19 -9.38 -11.23
N GLN A 405 -16.13 -10.63 -10.77
CA GLN A 405 -15.84 -11.71 -11.69
C GLN A 405 -16.33 -13.06 -11.21
N LYS A 406 -16.16 -14.06 -12.06
CA LYS A 406 -16.29 -15.45 -11.63
C LYS A 406 -15.04 -15.92 -10.90
N TRP A 407 -15.24 -16.68 -9.83
CA TRP A 407 -14.14 -17.13 -8.95
C TRP A 407 -14.06 -18.65 -8.89
N PHE A 408 -12.87 -19.18 -9.19
CA PHE A 408 -12.75 -20.59 -9.46
C PHE A 408 -12.21 -21.33 -8.22
N SER A 409 -11.13 -20.85 -7.61
CA SER A 409 -10.57 -21.54 -6.42
C SER A 409 -11.28 -21.17 -5.09
N CYS A 410 -11.56 -19.87 -4.92
CA CYS A 410 -12.29 -19.34 -3.76
C CYS A 410 -11.57 -19.47 -2.41
N ALA A 411 -12.12 -20.31 -1.52
CA ALA A 411 -12.13 -20.11 -0.04
C ALA A 411 -13.36 -19.23 0.35
N CYS A 412 -13.32 -17.99 -0.13
N CYS A 412 -13.36 -17.98 -0.08
CA CYS A 412 -14.47 -17.15 -0.09
CA CYS A 412 -14.56 -17.16 0.02
C CYS A 412 -15.12 -17.12 -1.46
C CYS A 412 -15.38 -17.41 -1.25
N CYS A 413 -16.43 -17.34 -1.44
N CYS A 413 -16.07 -18.55 -1.30
CA CYS A 413 -17.38 -16.37 -1.96
CA CYS A 413 -16.81 -18.92 -2.50
C CYS A 413 -18.79 -16.90 -2.14
C CYS A 413 -18.19 -18.27 -2.48
N PRO A 414 -19.11 -17.47 -3.31
N PRO A 414 -18.85 -18.17 -3.66
CA PRO A 414 -20.53 -17.39 -3.66
CA PRO A 414 -20.18 -17.55 -3.67
C PRO A 414 -21.46 -18.22 -2.77
C PRO A 414 -21.26 -18.20 -2.78
N PRO A 415 -21.17 -19.53 -2.55
CA PRO A 415 -22.08 -20.15 -1.57
C PRO A 415 -22.00 -19.54 -0.17
N ASN A 416 -20.89 -18.87 0.14
CA ASN A 416 -20.83 -18.19 1.39
C ASN A 416 -21.87 -17.04 1.44
N LEU A 417 -21.96 -16.25 0.39
CA LEU A 417 -22.91 -15.14 0.38
C LEU A 417 -24.32 -15.70 0.23
N ALA A 418 -24.44 -16.71 -0.61
CA ALA A 418 -25.74 -17.32 -0.88
C ALA A 418 -26.42 -17.80 0.40
N ARG A 419 -25.67 -18.39 1.31
CA ARG A 419 -26.26 -19.02 2.44
C ARG A 419 -26.75 -17.96 3.41
N LEU A 420 -26.04 -16.83 3.48
CA LEU A 420 -26.44 -15.75 4.32
C LEU A 420 -27.68 -15.09 3.70
N ILE A 421 -27.64 -14.76 2.41
CA ILE A 421 -28.84 -14.18 1.81
C ILE A 421 -30.05 -15.11 1.97
N ALA A 422 -29.88 -16.38 1.66
CA ALA A 422 -31.03 -17.32 1.66
C ALA A 422 -31.67 -17.50 3.03
N SER A 423 -30.90 -17.23 4.08
CA SER A 423 -31.35 -17.35 5.46
C SER A 423 -31.58 -15.99 6.12
N ILE A 424 -31.71 -14.92 5.35
CA ILE A 424 -31.98 -13.59 5.92
C ILE A 424 -33.19 -13.53 6.89
N GLY A 425 -34.26 -14.26 6.61
CA GLY A 425 -35.42 -14.32 7.48
C GLY A 425 -35.08 -14.69 8.88
N HIS A 426 -34.01 -15.43 9.08
CA HIS A 426 -33.65 -15.80 10.43
C HIS A 426 -33.04 -14.65 11.23
N TYR A 427 -32.68 -13.53 10.60
CA TYR A 427 -32.03 -12.43 11.34
C TYR A 427 -32.97 -11.28 11.73
N ILE A 428 -34.22 -11.33 11.28
CA ILE A 428 -35.16 -10.19 11.39
C ILE A 428 -35.76 -10.07 12.75
N TYR A 429 -36.12 -11.23 13.34
CA TYR A 429 -36.77 -11.29 14.65
C TYR A 429 -36.04 -12.15 15.62
N LEU A 430 -36.23 -11.89 16.90
CA LEU A 430 -35.87 -12.85 17.90
C LEU A 430 -37.00 -13.03 18.91
N GLN A 431 -37.39 -14.28 19.07
CA GLN A 431 -38.44 -14.74 20.00
C GLN A 431 -37.84 -15.14 21.34
N THR A 432 -38.10 -14.41 22.41
CA THR A 432 -37.84 -14.88 23.79
C THR A 432 -39.17 -15.37 24.39
N SER A 433 -39.14 -15.83 25.64
CA SER A 433 -40.37 -16.21 26.37
C SER A 433 -41.46 -15.09 26.35
N ASP A 434 -41.08 -13.98 26.96
CA ASP A 434 -41.92 -12.78 27.18
C ASP A 434 -42.24 -11.89 25.94
N ALA A 435 -41.36 -11.99 24.94
CA ALA A 435 -40.94 -10.85 24.08
C ALA A 435 -40.60 -11.26 22.64
N LEU A 436 -41.12 -10.49 21.69
CA LEU A 436 -40.74 -10.60 20.32
C LEU A 436 -39.86 -9.36 20.04
N PHE A 437 -38.60 -9.58 19.67
CA PHE A 437 -37.70 -8.48 19.26
C PHE A 437 -37.68 -8.31 17.77
N VAL A 438 -37.80 -7.08 17.30
CA VAL A 438 -37.69 -6.77 15.89
C VAL A 438 -36.33 -6.09 15.71
N HIS A 439 -35.42 -6.80 15.03
CA HIS A 439 -34.07 -6.31 14.82
C HIS A 439 -33.95 -5.53 13.51
N LEU A 440 -34.61 -6.04 12.47
CA LEU A 440 -34.51 -5.55 11.09
C LEU A 440 -35.85 -5.15 10.55
N TYR A 441 -35.88 -4.04 9.82
CA TYR A 441 -37.10 -3.55 9.24
C TYR A 441 -37.18 -4.04 7.82
N VAL A 442 -37.83 -5.18 7.69
CA VAL A 442 -37.96 -5.91 6.46
C VAL A 442 -39.41 -6.37 6.32
N GLY A 443 -39.94 -6.04 5.17
CA GLY A 443 -41.31 -6.45 4.79
C GLY A 443 -41.37 -7.95 4.87
N SER A 444 -42.14 -8.44 5.81
CA SER A 444 -42.13 -9.84 6.18
C SER A 444 -43.29 -10.11 7.10
N ASP A 445 -43.58 -11.39 7.33
CA ASP A 445 -44.36 -11.76 8.52
C ASP A 445 -43.84 -13.00 9.24
N ILE A 446 -44.14 -13.09 10.51
CA ILE A 446 -43.67 -14.14 11.37
C ILE A 446 -44.85 -14.73 12.15
N GLN A 447 -44.99 -16.05 12.12
CA GLN A 447 -45.97 -16.78 12.93
C GLN A 447 -45.19 -17.53 13.99
N THR A 448 -45.54 -17.37 15.24
CA THR A 448 -44.70 -17.87 16.29
C THR A 448 -45.53 -18.11 17.57
N GLU A 449 -44.87 -18.37 18.69
CA GLU A 449 -45.57 -18.62 19.95
C GLU A 449 -45.01 -17.72 21.05
N ILE A 450 -45.88 -16.85 21.60
CA ILE A 450 -45.52 -15.92 22.70
C ILE A 450 -46.39 -16.16 23.94
N ASP A 451 -45.70 -16.30 25.08
CA ASP A 451 -46.23 -16.83 26.35
C ASP A 451 -47.36 -17.86 26.17
N GLY A 452 -47.09 -18.82 25.28
CA GLY A 452 -48.05 -19.89 24.93
C GLY A 452 -48.80 -19.64 23.64
N ARG A 453 -49.18 -18.38 23.42
CA ARG A 453 -50.19 -18.01 22.42
C ARG A 453 -49.70 -18.05 20.97
N SER A 454 -50.56 -18.49 20.07
CA SER A 454 -50.27 -18.39 18.64
C SER A 454 -50.37 -16.91 18.20
N VAL A 455 -49.26 -16.33 17.71
CA VAL A 455 -49.25 -14.92 17.27
C VAL A 455 -48.64 -14.68 15.90
N LYS A 456 -49.36 -13.97 15.06
CA LYS A 456 -48.84 -13.56 13.76
C LYS A 456 -48.57 -12.05 13.79
N ILE A 457 -47.39 -11.65 13.32
CA ILE A 457 -46.96 -10.25 13.22
C ILE A 457 -46.51 -10.00 11.82
N MET A 458 -46.99 -8.90 11.27
CA MET A 458 -46.79 -8.54 9.86
C MET A 458 -46.08 -7.19 9.82
N GLN A 459 -44.99 -7.08 9.07
CA GLN A 459 -44.29 -5.82 8.83
C GLN A 459 -44.52 -5.38 7.41
N GLU A 460 -44.90 -4.13 7.18
CA GLU A 460 -44.88 -3.59 5.85
C GLU A 460 -44.11 -2.24 5.83
N THR A 461 -43.25 -2.08 4.83
CA THR A 461 -42.36 -0.95 4.82
C THR A 461 -41.63 -0.93 3.55
N ASN A 462 -41.22 0.25 3.07
CA ASN A 462 -40.30 0.37 1.96
C ASN A 462 -38.84 0.52 2.36
N TYR A 463 -38.52 0.28 3.63
CA TYR A 463 -37.17 0.30 4.15
C TYR A 463 -36.34 -0.61 3.24
N PRO A 464 -35.12 -0.19 2.87
CA PRO A 464 -34.35 0.89 3.49
C PRO A 464 -34.53 2.24 2.87
N TRP A 465 -35.42 2.32 1.87
CA TRP A 465 -35.59 3.56 1.13
C TRP A 465 -36.44 4.61 1.85
N ASP A 466 -37.23 4.15 2.80
CA ASP A 466 -38.14 5.00 3.56
C ASP A 466 -38.16 4.55 5.02
N GLY A 467 -38.40 5.45 5.94
CA GLY A 467 -38.34 5.07 7.36
C GLY A 467 -39.66 4.75 8.02
N THR A 468 -40.70 4.61 7.21
CA THR A 468 -42.00 4.28 7.78
C THR A 468 -42.31 2.79 7.78
N VAL A 469 -42.68 2.30 8.96
CA VAL A 469 -43.00 0.89 9.13
C VAL A 469 -44.37 0.68 9.76
N ARG A 470 -45.14 -0.30 9.27
CA ARG A 470 -46.41 -0.70 9.88
C ARG A 470 -46.37 -2.18 10.32
N LEU A 471 -46.51 -2.41 11.60
CA LEU A 471 -46.59 -3.77 12.14
C LEU A 471 -48.00 -4.05 12.59
N THR A 472 -48.59 -5.08 12.00
CA THR A 472 -49.88 -5.61 12.45
C THR A 472 -49.69 -6.82 13.41
N VAL A 473 -50.35 -6.78 14.56
CA VAL A 473 -50.21 -7.80 15.57
C VAL A 473 -51.51 -8.54 15.68
N SER A 474 -51.47 -9.83 15.40
CA SER A 474 -52.69 -10.67 15.31
C SER A 474 -52.45 -11.92 16.13
N PRO A 475 -52.69 -11.83 17.44
CA PRO A 475 -52.66 -12.99 18.29
C PRO A 475 -54.00 -13.65 18.17
N GLU A 476 -54.03 -14.99 18.25
CA GLU A 476 -55.29 -15.76 18.14
C GLU A 476 -56.34 -15.27 19.16
N SER A 477 -55.92 -15.16 20.41
CA SER A 477 -56.72 -14.48 21.42
C SER A 477 -55.86 -13.40 22.12
N ALA A 478 -56.52 -12.39 22.68
CA ALA A 478 -55.88 -11.20 23.14
C ALA A 478 -55.00 -11.48 24.31
N GLY A 479 -53.88 -10.78 24.41
CA GLY A 479 -52.93 -11.09 25.47
C GLY A 479 -51.75 -10.16 25.63
N GLU A 480 -51.18 -10.15 26.81
CA GLU A 480 -50.10 -9.26 27.17
C GLU A 480 -48.77 -9.87 26.76
N PHE A 481 -47.97 -9.11 26.00
CA PHE A 481 -46.60 -9.50 25.73
C PHE A 481 -45.81 -8.30 25.30
N THR A 482 -44.48 -8.44 25.33
CA THR A 482 -43.59 -7.33 25.02
C THR A 482 -43.16 -7.39 23.58
N LEU A 483 -43.31 -6.28 22.88
CA LEU A 483 -42.73 -6.12 21.53
C LEU A 483 -41.57 -5.16 21.64
N GLY A 484 -40.37 -5.67 21.39
CA GLY A 484 -39.14 -4.89 21.48
C GLY A 484 -38.71 -4.46 20.09
N LEU A 485 -38.66 -3.15 19.91
CA LEU A 485 -38.38 -2.55 18.63
C LEU A 485 -37.04 -1.83 18.61
N ARG A 486 -36.12 -2.20 17.69
CA ARG A 486 -34.81 -1.59 17.66
C ARG A 486 -35.00 -0.15 17.19
N ILE A 487 -34.40 0.77 17.92
CA ILE A 487 -34.28 2.18 17.49
C ILE A 487 -32.93 2.38 16.80
N PRO A 488 -32.93 2.42 15.49
CA PRO A 488 -31.61 2.43 14.76
C PRO A 488 -30.66 3.52 15.24
N GLY A 489 -29.43 3.16 15.49
CA GLY A 489 -28.44 4.14 15.95
C GLY A 489 -28.24 5.29 14.95
N TRP A 490 -28.53 5.09 13.67
CA TRP A 490 -28.38 6.15 12.67
C TRP A 490 -29.53 7.15 12.72
N CYS A 491 -30.65 6.85 13.37
CA CYS A 491 -31.84 7.75 13.33
CA CYS A 491 -31.82 7.76 13.31
C CYS A 491 -31.76 8.85 14.37
N ARG A 492 -32.34 10.00 14.09
CA ARG A 492 -32.30 11.12 15.07
C ARG A 492 -33.48 11.16 16.07
N GLY A 493 -34.53 10.45 15.76
CA GLY A 493 -35.68 10.33 16.65
C GLY A 493 -36.56 9.26 16.02
N ALA A 494 -37.49 8.74 16.76
CA ALA A 494 -38.43 7.83 16.17
C ALA A 494 -39.74 8.32 16.71
N GLU A 495 -40.80 8.13 15.94
CA GLU A 495 -42.16 8.34 16.44
C GLU A 495 -42.91 6.99 16.31
N VAL A 496 -43.72 6.69 17.30
CA VAL A 496 -44.52 5.47 17.36
C VAL A 496 -45.92 5.85 17.75
N THR A 497 -46.87 5.30 16.99
CA THR A 497 -48.27 5.25 17.37
C THR A 497 -48.80 3.83 17.38
N ILE A 498 -49.74 3.57 18.28
CA ILE A 498 -50.47 2.29 18.27
C ILE A 498 -51.93 2.58 18.04
N ASN A 499 -52.46 2.00 16.98
CA ASN A 499 -53.82 2.33 16.50
C ASN A 499 -54.08 3.81 16.44
N GLY A 500 -53.12 4.58 15.92
CA GLY A 500 -53.28 6.02 15.72
C GLY A 500 -52.95 6.87 16.94
N GLU A 501 -52.89 6.29 18.13
CA GLU A 501 -52.56 7.04 19.35
C GLU A 501 -51.07 7.02 19.64
N LYS A 502 -50.59 8.13 20.17
CA LYS A 502 -49.20 8.33 20.32
C LYS A 502 -48.69 7.61 21.54
N VAL A 503 -47.49 7.10 21.40
CA VAL A 503 -46.78 6.46 22.48
C VAL A 503 -45.57 7.28 22.82
N ASP A 504 -45.40 7.56 24.10
CA ASP A 504 -44.23 8.27 24.53
C ASP A 504 -43.17 7.21 24.74
N ILE A 505 -42.21 7.10 23.84
CA ILE A 505 -41.30 5.97 23.80
C ILE A 505 -40.05 6.19 24.55
N VAL A 506 -39.71 7.43 24.84
CA VAL A 506 -38.44 7.67 25.53
C VAL A 506 -38.33 6.88 26.84
N PRO A 507 -39.41 6.78 27.62
CA PRO A 507 -39.32 5.94 28.86
C PRO A 507 -39.24 4.43 28.60
N LEU A 508 -39.57 4.00 27.39
CA LEU A 508 -39.56 2.59 27.04
C LEU A 508 -38.27 2.12 26.38
N ILE A 509 -37.31 3.03 26.21
CA ILE A 509 -36.12 2.67 25.45
C ILE A 509 -35.07 2.19 26.37
N LYS A 510 -34.57 1.01 26.15
CA LYS A 510 -33.45 0.55 26.95
C LYS A 510 -32.44 -0.04 25.95
N LYS A 511 -31.24 0.53 25.95
CA LYS A 511 -30.15 0.09 25.09
C LYS A 511 -30.60 -0.11 23.65
N GLY A 512 -31.18 0.93 23.09
CA GLY A 512 -31.55 0.94 21.69
C GLY A 512 -32.75 0.15 21.26
N TYR A 513 -33.51 -0.36 22.24
CA TYR A 513 -34.78 -1.04 21.96
C TYR A 513 -35.89 -0.38 22.79
N ALA A 514 -37.04 -0.17 22.16
CA ALA A 514 -38.24 0.28 22.81
C ALA A 514 -39.06 -0.93 23.27
N TYR A 515 -39.35 -1.02 24.55
CA TYR A 515 -40.09 -2.15 25.08
C TYR A 515 -41.56 -1.72 25.21
N ILE A 516 -42.40 -2.22 24.31
CA ILE A 516 -43.78 -1.95 24.32
C ILE A 516 -44.55 -3.17 24.81
N ARG A 517 -44.91 -3.13 26.10
CA ARG A 517 -45.64 -4.21 26.73
C ARG A 517 -47.07 -3.76 26.98
N ARG A 518 -48.01 -4.48 26.42
CA ARG A 518 -49.41 -4.19 26.63
C ARG A 518 -50.24 -5.42 26.23
N VAL A 519 -51.55 -5.31 26.41
CA VAL A 519 -52.45 -6.32 25.93
C VAL A 519 -52.66 -6.04 24.48
N TRP A 520 -52.25 -6.97 23.63
CA TRP A 520 -52.42 -6.85 22.17
C TRP A 520 -53.70 -7.54 21.70
N GLN A 521 -54.36 -6.94 20.73
CA GLN A 521 -55.55 -7.51 20.19
C GLN A 521 -55.48 -7.61 18.70
N GLN A 522 -56.35 -8.42 18.14
CA GLN A 522 -56.33 -8.75 16.73
C GLN A 522 -56.43 -7.51 15.93
N GLY A 523 -55.61 -7.38 14.89
CA GLY A 523 -55.57 -6.18 14.10
C GLY A 523 -54.93 -4.94 14.73
N ASP A 524 -54.26 -5.03 15.88
CA ASP A 524 -53.63 -3.82 16.46
C ASP A 524 -52.54 -3.38 15.48
N GLU A 525 -52.45 -2.07 15.24
CA GLU A 525 -51.56 -1.54 14.23
C GLU A 525 -50.50 -0.63 14.85
N VAL A 526 -49.24 -1.07 14.81
CA VAL A 526 -48.12 -0.21 15.28
C VAL A 526 -47.50 0.52 14.09
N LYS A 527 -47.46 1.83 14.14
CA LYS A 527 -46.78 2.58 13.09
C LYS A 527 -45.52 3.18 13.67
N LEU A 528 -44.41 3.00 12.95
CA LEU A 528 -43.13 3.54 13.33
C LEU A 528 -42.69 4.52 12.28
N TYR A 529 -42.14 5.64 12.69
CA TYR A 529 -41.56 6.60 11.76
C TYR A 529 -40.14 6.92 12.19
N PHE A 530 -39.21 6.59 11.26
CA PHE A 530 -37.78 6.94 11.34
C PHE A 530 -37.43 7.94 10.24
N PRO A 531 -37.12 9.19 10.61
CA PRO A 531 -36.72 10.15 9.59
C PRO A 531 -35.41 9.75 8.96
N MET A 532 -35.35 9.85 7.62
CA MET A 532 -34.20 9.48 6.84
C MET A 532 -33.65 10.71 6.10
N PRO A 533 -32.98 11.63 6.82
CA PRO A 533 -32.29 12.68 6.09
C PRO A 533 -30.97 12.17 5.43
N VAL A 534 -30.48 12.92 4.45
CA VAL A 534 -29.14 12.68 3.97
C VAL A 534 -28.18 13.17 5.05
N GLU A 535 -27.29 12.32 5.52
CA GLU A 535 -26.36 12.65 6.58
C GLU A 535 -24.94 12.78 6.05
N ARG A 536 -24.15 13.70 6.58
CA ARG A 536 -22.74 13.70 6.32
C ARG A 536 -22.02 13.07 7.43
N ILE A 537 -21.34 11.96 7.12
CA ILE A 537 -20.73 11.16 8.16
C ILE A 537 -19.22 11.50 8.24
N LYS A 538 -18.76 11.72 9.45
CA LYS A 538 -17.35 11.89 9.76
C LYS A 538 -16.79 10.69 10.49
N ALA A 539 -15.53 10.37 10.20
CA ALA A 539 -14.83 9.38 10.99
C ALA A 539 -14.14 10.04 12.19
N HIS A 540 -13.95 9.25 13.22
CA HIS A 540 -13.21 9.66 14.35
C HIS A 540 -11.86 10.23 13.84
N PRO A 541 -11.36 11.30 14.45
CA PRO A 541 -10.12 11.96 14.03
C PRO A 541 -8.88 11.04 13.97
N GLN A 542 -8.80 10.04 14.85
CA GLN A 542 -7.72 9.04 14.78
C GLN A 542 -7.67 8.23 13.47
N VAL A 543 -8.76 8.20 12.69
CA VAL A 543 -8.74 7.52 11.39
C VAL A 543 -8.12 8.45 10.41
N ARG A 544 -6.82 8.25 10.27
CA ARG A 544 -6.01 9.09 9.43
C ARG A 544 -6.50 9.19 8.02
N ALA A 545 -6.84 8.05 7.47
CA ALA A 545 -7.26 7.93 6.11
C ALA A 545 -8.36 8.92 5.73
N ASN A 546 -9.21 9.29 6.69
CA ASN A 546 -10.40 10.07 6.38
C ASN A 546 -10.38 11.54 6.93
N ALA A 547 -9.24 11.95 7.50
CA ALA A 547 -9.01 13.36 7.79
C ALA A 547 -9.41 14.18 6.58
N GLY A 548 -10.22 15.21 6.76
CA GLY A 548 -10.63 16.04 5.62
C GLY A 548 -11.57 15.41 4.60
N LYS A 549 -12.19 14.29 4.94
CA LYS A 549 -13.14 13.61 4.00
C LYS A 549 -14.48 13.39 4.66
N VAL A 550 -15.50 13.12 3.88
CA VAL A 550 -16.83 12.93 4.41
C VAL A 550 -17.55 11.90 3.57
N ALA A 551 -18.43 11.12 4.20
CA ALA A 551 -19.15 10.04 3.55
C ALA A 551 -20.63 10.35 3.62
N LEU A 552 -21.39 9.97 2.61
CA LEU A 552 -22.81 10.25 2.56
C LEU A 552 -23.56 8.99 2.95
N GLN A 553 -24.51 9.18 3.87
CA GLN A 553 -25.35 8.08 4.30
C GLN A 553 -26.82 8.52 4.41
N ARG A 554 -27.71 7.59 4.11
CA ARG A 554 -29.14 7.80 4.25
C ARG A 554 -29.78 6.54 4.79
N GLY A 555 -30.44 6.65 5.95
CA GLY A 555 -30.85 5.49 6.72
C GLY A 555 -29.62 4.63 7.01
N PRO A 556 -29.73 3.33 6.82
CA PRO A 556 -28.65 2.36 6.97
C PRO A 556 -27.70 2.24 5.76
N ILE A 557 -28.01 2.92 4.65
CA ILE A 557 -27.27 2.79 3.44
C ILE A 557 -26.22 3.88 3.26
N VAL A 558 -24.99 3.40 3.08
CA VAL A 558 -23.84 4.22 2.73
C VAL A 558 -23.69 4.34 1.22
N TYR A 559 -23.35 5.54 0.79
CA TYR A 559 -23.39 5.98 -0.57
C TYR A 559 -21.96 6.11 -1.13
N CYS A 560 -21.86 6.21 -2.44
CA CYS A 560 -20.57 6.32 -3.09
C CYS A 560 -20.76 7.09 -4.38
N LEU A 561 -19.67 7.59 -4.96
CA LEU A 561 -19.67 8.33 -6.20
C LEU A 561 -18.95 7.46 -7.20
N GLU A 562 -19.52 7.33 -8.38
CA GLU A 562 -18.93 6.56 -9.47
C GLU A 562 -18.65 7.48 -10.66
N GLU A 563 -17.58 7.16 -11.38
CA GLU A 563 -17.18 7.82 -12.61
C GLU A 563 -18.27 7.85 -13.70
N VAL A 564 -19.10 6.85 -13.77
CA VAL A 564 -20.13 6.84 -14.79
C VAL A 564 -21.09 8.00 -14.59
N ASP A 565 -21.29 8.44 -13.35
CA ASP A 565 -22.20 9.59 -13.06
C ASP A 565 -21.43 10.93 -12.99
N ASN A 566 -20.17 10.91 -12.56
CA ASN A 566 -19.51 12.13 -12.11
C ASN A 566 -18.27 12.52 -12.90
N GLY A 567 -17.83 11.64 -13.80
CA GLY A 567 -16.61 11.83 -14.58
C GLY A 567 -15.38 11.34 -13.85
N PRO A 568 -14.23 11.34 -14.53
CA PRO A 568 -12.99 10.83 -13.90
C PRO A 568 -12.44 11.73 -12.80
N ASN A 569 -11.40 11.23 -12.15
CA ASN A 569 -10.75 11.96 -11.07
C ASN A 569 -11.68 12.42 -9.92
N LEU A 570 -12.20 11.44 -9.21
CA LEU A 570 -13.06 11.63 -8.10
C LEU A 570 -12.34 12.16 -6.87
N ALA A 571 -11.02 12.03 -6.86
CA ALA A 571 -10.25 12.70 -5.84
C ALA A 571 -10.35 14.23 -6.01
N ASN A 572 -10.45 14.71 -7.26
CA ASN A 572 -10.62 16.15 -7.58
C ASN A 572 -12.09 16.60 -7.53
N LEU A 573 -12.72 16.29 -6.42
CA LEU A 573 -14.16 16.58 -6.18
C LEU A 573 -14.29 16.94 -4.74
N PHE A 574 -14.79 18.13 -4.46
CA PHE A 574 -14.82 18.63 -3.14
C PHE A 574 -16.26 19.00 -2.85
N LEU A 575 -16.65 18.69 -1.62
CA LEU A 575 -18.01 18.85 -1.20
C LEU A 575 -18.06 20.02 -0.25
N PRO A 576 -18.68 21.16 -0.65
CA PRO A 576 -18.72 22.39 0.14
C PRO A 576 -19.54 22.20 1.39
N ARG A 577 -19.49 23.15 2.33
CA ARG A 577 -20.17 23.02 3.66
C ARG A 577 -21.71 22.91 3.49
N ASP A 578 -22.26 23.72 2.60
CA ASP A 578 -23.61 23.51 2.13
C ASP A 578 -23.57 22.94 0.75
N ALA A 579 -23.76 21.64 0.62
CA ALA A 579 -23.71 21.02 -0.71
C ALA A 579 -25.10 20.78 -1.33
N LYS A 580 -26.15 21.37 -0.74
CA LYS A 580 -27.49 21.34 -1.36
C LYS A 580 -27.96 19.90 -1.60
N LEU A 581 -27.96 19.09 -0.55
CA LEU A 581 -28.17 17.64 -0.69
C LEU A 581 -29.64 17.34 -0.79
N GLU A 582 -30.02 16.57 -1.80
CA GLU A 582 -31.39 16.13 -2.05
C GLU A 582 -31.29 14.63 -2.25
N ALA A 583 -32.42 13.95 -2.06
CA ALA A 583 -32.50 12.52 -2.35
C ALA A 583 -33.78 12.27 -3.11
N HIS A 584 -33.79 11.33 -4.04
CA HIS A 584 -35.02 10.94 -4.71
C HIS A 584 -34.93 9.50 -5.23
N PHE A 585 -36.06 8.86 -5.43
CA PHE A 585 -36.08 7.46 -5.82
C PHE A 585 -36.02 7.32 -7.34
N GLU A 586 -35.20 6.39 -7.81
CA GLU A 586 -35.05 6.14 -9.24
C GLU A 586 -35.48 4.71 -9.41
N PRO A 587 -36.75 4.49 -9.79
CA PRO A 587 -37.33 3.14 -9.77
C PRO A 587 -36.71 2.14 -10.75
N ASP A 588 -36.01 2.65 -11.75
CA ASP A 588 -35.48 1.85 -12.82
C ASP A 588 -33.96 1.83 -12.86
N LEU A 589 -33.31 2.40 -11.85
CA LEU A 589 -31.87 2.41 -11.79
C LEU A 589 -31.40 1.40 -10.74
N LEU A 590 -30.56 0.46 -11.17
CA LEU A 590 -29.82 -0.41 -10.22
C LEU A 590 -30.82 -1.14 -9.33
N GLU A 591 -31.93 -1.51 -9.93
CA GLU A 591 -32.99 -2.29 -9.28
C GLU A 591 -33.95 -1.47 -8.44
N GLY A 592 -33.87 -0.14 -8.59
CA GLY A 592 -34.70 0.76 -7.81
C GLY A 592 -34.00 1.26 -6.59
N VAL A 593 -33.39 2.43 -6.69
CA VAL A 593 -32.60 2.92 -5.57
C VAL A 593 -32.87 4.36 -5.37
N VAL A 594 -32.63 4.81 -4.15
CA VAL A 594 -32.57 6.25 -3.86
C VAL A 594 -31.19 6.76 -4.23
N VAL A 595 -31.15 7.85 -5.00
CA VAL A 595 -29.92 8.54 -5.33
C VAL A 595 -29.88 9.88 -4.56
N ILE A 596 -28.68 10.31 -4.20
CA ILE A 596 -28.45 11.53 -3.55
C ILE A 596 -27.86 12.48 -4.59
N THR A 597 -28.35 13.71 -4.65
CA THR A 597 -27.77 14.64 -5.59
C THR A 597 -27.31 15.88 -4.84
N GLY A 598 -26.50 16.69 -5.49
CA GLY A 598 -25.98 17.89 -4.87
C GLY A 598 -25.01 18.62 -5.78
N ILE A 599 -24.31 19.58 -5.19
CA ILE A 599 -23.35 20.42 -5.90
C ILE A 599 -21.99 20.16 -5.26
N ALA A 600 -21.00 19.91 -6.09
CA ALA A 600 -19.62 19.82 -5.63
C ALA A 600 -18.77 20.80 -6.43
N GLU A 601 -17.49 20.84 -6.08
CA GLU A 601 -16.50 21.69 -6.72
C GLU A 601 -15.34 20.84 -7.17
N ARG A 602 -14.76 21.20 -8.32
CA ARG A 602 -13.57 20.59 -8.86
C ARG A 602 -12.53 21.68 -9.11
N VAL A 603 -11.26 21.31 -9.02
CA VAL A 603 -10.22 22.23 -9.36
C VAL A 603 -10.00 22.20 -10.85
N ASP A 604 -9.84 23.37 -11.47
CA ASP A 604 -9.45 23.50 -12.90
C ASP A 604 -7.93 23.32 -13.13
N GLU A 605 -7.56 22.40 -14.00
CA GLU A 605 -6.17 21.94 -14.12
C GLU A 605 -5.25 22.93 -14.87
N SER A 606 -5.84 23.62 -15.84
CA SER A 606 -5.09 24.51 -16.73
C SER A 606 -4.10 25.49 -16.09
N ALA A 607 -4.37 26.00 -14.87
CA ALA A 607 -3.36 26.88 -14.17
C ALA A 607 -1.99 26.26 -13.85
N TRP A 608 -1.93 24.92 -13.86
CA TRP A 608 -0.64 24.23 -13.75
C TRP A 608 0.27 24.36 -15.03
N ASN A 609 -0.31 24.62 -16.21
CA ASN A 609 0.44 24.61 -17.50
C ASN A 609 1.28 23.33 -17.61
N ASP A 610 0.65 22.20 -17.27
CA ASP A 610 1.31 20.89 -17.33
C ASP A 610 2.48 20.71 -16.35
N GLU A 611 2.71 21.70 -15.50
CA GLU A 611 3.64 21.55 -14.38
C GLU A 611 3.03 20.69 -13.24
N LEU A 612 3.88 20.06 -12.48
CA LEU A 612 3.46 19.18 -11.39
C LEU A 612 3.25 19.92 -10.06
N TYR A 613 4.16 20.83 -9.71
CA TYR A 613 4.10 21.50 -8.44
C TYR A 613 4.16 23.02 -8.62
N ARG A 614 3.19 23.74 -8.08
CA ARG A 614 3.13 25.21 -8.26
C ARG A 614 2.49 25.89 -7.06
N PRO A 615 2.97 27.09 -6.73
CA PRO A 615 2.39 27.89 -5.69
C PRO A 615 1.21 28.70 -6.22
N ILE A 616 0.13 28.06 -6.57
CA ILE A 616 -1.03 28.80 -7.09
C ILE A 616 -2.29 28.70 -6.22
N GLU A 617 -3.17 29.69 -6.36
CA GLU A 617 -4.49 29.69 -5.74
C GLU A 617 -5.48 29.15 -6.76
N PRO A 618 -5.88 27.91 -6.58
CA PRO A 618 -6.56 27.24 -7.65
C PRO A 618 -7.97 27.80 -7.85
N ARG A 619 -8.31 27.93 -9.12
CA ARG A 619 -9.64 28.29 -9.55
C ARG A 619 -10.48 27.00 -9.56
N THR A 620 -11.63 27.01 -8.87
CA THR A 620 -12.54 25.87 -8.83
C THR A 620 -13.83 26.16 -9.55
N TYR A 621 -14.58 25.12 -9.87
CA TYR A 621 -15.88 25.30 -10.49
C TYR A 621 -16.92 24.27 -10.02
N LYS A 622 -18.16 24.67 -10.13
CA LYS A 622 -19.26 23.93 -9.58
C LYS A 622 -19.72 22.89 -10.55
N VAL A 623 -20.01 21.73 -10.01
CA VAL A 623 -20.62 20.64 -10.76
C VAL A 623 -21.74 19.98 -9.92
N PRO A 624 -22.75 19.47 -10.60
CA PRO A 624 -23.72 18.62 -9.93
C PRO A 624 -23.08 17.26 -9.75
N PHE A 625 -23.46 16.56 -8.70
CA PHE A 625 -22.98 15.20 -8.51
C PHE A 625 -24.11 14.26 -8.19
N ARG A 626 -23.91 12.98 -8.48
CA ARG A 626 -24.87 11.98 -8.07
C ARG A 626 -24.16 10.84 -7.34
N ALA A 627 -24.73 10.46 -6.20
CA ALA A 627 -24.27 9.33 -5.43
C ALA A 627 -25.27 8.18 -5.41
N ILE A 628 -24.75 6.97 -5.41
CA ILE A 628 -25.57 5.80 -5.35
C ILE A 628 -25.13 4.89 -4.21
N PRO A 629 -26.04 3.99 -3.76
CA PRO A 629 -25.64 3.04 -2.72
C PRO A 629 -24.35 2.31 -3.05
N TYR A 630 -23.49 2.23 -2.05
CA TYR A 630 -22.27 1.49 -2.18
C TYR A 630 -22.51 0.10 -2.75
N TYR A 631 -23.49 -0.59 -2.22
CA TYR A 631 -23.66 -2.00 -2.57
C TYR A 631 -23.80 -2.13 -4.07
N ALA A 632 -24.30 -1.09 -4.70
CA ALA A 632 -24.71 -1.12 -6.07
C ALA A 632 -23.61 -0.65 -7.06
N TRP A 633 -22.46 -0.26 -6.52
CA TRP A 633 -21.36 0.19 -7.33
C TRP A 633 -20.92 -0.96 -8.25
N CYS A 634 -20.28 -0.60 -9.35
CA CYS A 634 -19.64 -1.50 -10.32
C CYS A 634 -20.63 -2.38 -11.09
N ASN A 635 -21.86 -1.89 -11.30
CA ASN A 635 -22.82 -2.59 -12.13
C ASN A 635 -23.01 -1.89 -13.47
N ARG A 636 -22.22 -0.86 -13.78
CA ARG A 636 -22.44 -0.05 -14.98
C ARG A 636 -21.12 0.24 -15.69
N GLY A 637 -20.16 -0.66 -15.53
CA GLY A 637 -18.87 -0.51 -16.17
C GLY A 637 -17.78 -0.17 -15.17
N GLU A 638 -16.57 -0.52 -15.56
CA GLU A 638 -15.37 -0.23 -14.87
C GLU A 638 -15.20 1.27 -14.75
N GLY A 639 -14.82 1.73 -13.56
CA GLY A 639 -14.46 3.11 -13.36
C GLY A 639 -14.09 3.43 -11.94
N GLU A 640 -13.74 4.67 -11.75
CA GLU A 640 -13.39 5.13 -10.44
C GLU A 640 -14.59 5.07 -9.48
N MET A 641 -14.30 4.82 -8.20
CA MET A 641 -15.35 4.85 -7.16
C MET A 641 -14.73 5.35 -5.86
N VAL A 642 -15.47 6.17 -5.14
CA VAL A 642 -15.04 6.67 -3.84
C VAL A 642 -16.24 6.70 -2.87
N VAL A 643 -16.00 6.29 -1.64
CA VAL A 643 -16.95 6.47 -0.59
C VAL A 643 -16.64 7.72 0.20
N TRP A 644 -15.40 7.87 0.70
CA TRP A 644 -15.00 9.05 1.47
C TRP A 644 -14.57 10.19 0.52
N VAL A 645 -15.36 11.27 0.45
CA VAL A 645 -15.03 12.35 -0.47
C VAL A 645 -14.38 13.54 0.22
N ASN A 646 -13.53 14.21 -0.50
CA ASN A 646 -12.90 15.37 0.02
C ASN A 646 -13.90 16.46 0.33
N GLU A 647 -13.71 17.06 1.48
CA GLU A 647 -14.50 18.17 1.90
C GLU A 647 -13.84 19.43 1.47
N LYS A 648 -14.59 20.44 1.15
CA LYS A 648 -14.03 21.76 1.01
C LYS A 648 -14.21 22.45 2.33
N VAL B 12 40.77 23.75 -20.74
CA VAL B 12 39.75 24.24 -19.77
C VAL B 12 40.45 24.83 -18.52
N ALA B 13 41.50 24.16 -18.02
CA ALA B 13 42.33 24.63 -16.86
C ALA B 13 41.55 25.12 -15.60
N THR B 14 40.40 24.49 -15.35
CA THR B 14 39.43 24.90 -14.32
C THR B 14 39.67 24.31 -12.93
N ASN B 15 39.33 25.09 -11.92
CA ASN B 15 39.35 24.60 -10.57
C ASN B 15 38.33 25.29 -9.67
N VAL B 16 37.58 24.49 -8.90
CA VAL B 16 36.48 24.97 -8.06
C VAL B 16 36.73 24.70 -6.57
N ASN B 17 36.61 25.72 -5.72
CA ASN B 17 36.69 25.54 -4.27
C ASN B 17 35.41 25.98 -3.61
N LEU B 18 35.03 25.22 -2.59
CA LEU B 18 33.91 25.53 -1.74
C LEU B 18 34.32 26.47 -0.65
N LYS B 19 33.44 27.45 -0.42
CA LYS B 19 33.61 28.48 0.56
C LYS B 19 32.24 28.80 1.12
N ASP B 20 31.54 27.81 1.65
CA ASP B 20 30.23 28.06 2.22
C ASP B 20 30.13 27.39 3.59
N GLN B 21 28.95 27.37 4.18
CA GLN B 21 28.70 26.63 5.43
C GLN B 21 27.95 25.37 5.17
N PHE B 22 26.93 25.47 4.33
CA PHE B 22 26.01 24.36 4.18
C PHE B 22 26.66 23.11 3.62
N TRP B 23 27.29 23.20 2.44
CA TRP B 23 27.92 22.00 1.83
C TRP B 23 29.20 21.62 2.47
N LYS B 24 29.92 22.62 2.93
CA LYS B 24 31.18 22.37 3.61
C LYS B 24 30.96 21.50 4.84
N ARG B 25 29.87 21.72 5.57
CA ARG B 25 29.60 20.88 6.74
C ARG B 25 29.40 19.41 6.32
N TYR B 26 28.63 19.21 5.27
CA TYR B 26 28.36 17.87 4.76
C TYR B 26 29.67 17.14 4.35
N ILE B 27 30.54 17.83 3.63
CA ILE B 27 31.83 17.24 3.25
C ILE B 27 32.64 16.92 4.47
N ASP B 28 32.70 17.84 5.44
CA ASP B 28 33.39 17.53 6.69
C ASP B 28 32.89 16.23 7.32
N VAL B 29 31.57 16.06 7.33
CA VAL B 29 30.98 14.84 7.82
C VAL B 29 31.29 13.62 6.99
N VAL B 30 31.24 13.74 5.66
CA VAL B 30 31.67 12.63 4.83
C VAL B 30 33.16 12.25 5.12
N ARG B 31 34.03 13.25 5.15
CA ARG B 31 35.49 13.04 5.46
C ARG B 31 35.78 12.46 6.85
N HIS B 32 35.23 13.04 7.90
CA HIS B 32 35.52 12.56 9.25
C HIS B 32 34.65 11.43 9.72
N GLU B 33 33.42 11.26 9.23
CA GLU B 33 32.58 10.16 9.73
C GLU B 33 32.28 9.07 8.72
N VAL B 34 31.80 9.45 7.54
CA VAL B 34 31.20 8.46 6.67
C VAL B 34 32.29 7.64 6.03
N ILE B 35 33.28 8.25 5.40
CA ILE B 35 34.36 7.46 4.75
C ILE B 35 35.22 6.57 5.70
N PRO B 36 35.67 7.11 6.85
CA PRO B 36 36.39 6.31 7.86
C PRO B 36 35.58 5.12 8.35
N TYR B 37 34.31 5.32 8.67
CA TYR B 37 33.45 4.20 9.07
C TYR B 37 33.27 3.20 7.96
N GLN B 38 32.94 3.66 6.75
CA GLN B 38 32.81 2.76 5.63
C GLN B 38 34.09 1.91 5.37
N TRP B 39 35.26 2.52 5.50
CA TRP B 39 36.55 1.81 5.39
C TRP B 39 36.66 0.68 6.41
N GLU B 40 36.37 0.95 7.68
CA GLU B 40 36.27 -0.14 8.68
C GLU B 40 35.29 -1.23 8.22
N ALA B 41 34.10 -0.89 7.77
CA ALA B 41 33.11 -1.94 7.40
C ALA B 41 33.57 -2.77 6.19
N LEU B 42 34.11 -2.09 5.19
CA LEU B 42 34.64 -2.78 4.02
C LEU B 42 35.78 -3.76 4.40
N ASN B 43 36.50 -3.44 5.48
CA ASN B 43 37.57 -4.31 6.05
C ASN B 43 37.15 -5.24 7.18
N ASP B 44 35.86 -5.41 7.40
CA ASP B 44 35.33 -6.29 8.45
C ASP B 44 35.92 -6.04 9.83
N ARG B 45 36.08 -4.78 10.20
CA ARG B 45 36.64 -4.45 11.50
C ARG B 45 35.59 -3.92 12.48
N ILE B 46 34.32 -4.00 12.13
CA ILE B 46 33.24 -3.53 13.01
C ILE B 46 32.54 -4.76 13.61
N PRO B 47 32.82 -5.07 14.89
CA PRO B 47 32.37 -6.35 15.46
C PRO B 47 30.84 -6.47 15.52
N ASP B 48 30.15 -5.35 15.64
CA ASP B 48 28.68 -5.36 15.64
C ASP B 48 28.19 -5.85 14.27
N ALA B 49 28.69 -5.19 13.21
CA ALA B 49 28.16 -5.28 11.84
C ALA B 49 28.22 -6.66 11.19
N GLU B 50 27.31 -6.84 10.23
CA GLU B 50 27.33 -8.01 9.36
C GLU B 50 28.53 -7.84 8.42
N PRO B 51 29.22 -8.95 8.11
CA PRO B 51 30.47 -8.77 7.40
C PRO B 51 30.27 -8.34 5.93
N SER B 52 31.20 -7.49 5.48
CA SER B 52 31.25 -7.00 4.11
C SER B 52 32.00 -8.00 3.24
N HIS B 53 33.24 -8.28 3.63
CA HIS B 53 34.20 -9.08 2.86
C HIS B 53 34.65 -8.43 1.55
N ALA B 54 34.46 -7.11 1.37
CA ALA B 54 34.64 -6.48 0.05
C ALA B 54 36.11 -6.41 -0.35
N ILE B 55 36.96 -5.99 0.57
CA ILE B 55 38.39 -5.97 0.34
C ILE B 55 38.97 -7.40 0.36
N GLU B 56 38.50 -8.21 1.31
CA GLU B 56 38.91 -9.63 1.39
C GLU B 56 38.66 -10.39 0.05
N ASN B 57 37.50 -10.21 -0.57
CA ASN B 57 37.27 -10.79 -1.91
C ASN B 57 38.40 -10.44 -2.89
N PHE B 58 38.89 -9.21 -2.90
CA PHE B 58 40.02 -8.87 -3.78
C PHE B 58 41.36 -9.53 -3.37
N ARG B 59 41.60 -9.65 -2.08
CA ARG B 59 42.83 -10.32 -1.56
C ARG B 59 42.85 -11.78 -1.98
N ILE B 60 41.74 -12.45 -1.74
CA ILE B 60 41.57 -13.80 -2.25
C ILE B 60 41.80 -13.81 -3.75
N ALA B 61 41.21 -12.86 -4.52
CA ALA B 61 41.30 -12.97 -5.98
C ALA B 61 42.75 -12.79 -6.42
N ALA B 62 43.47 -11.98 -5.64
CA ALA B 62 44.87 -11.68 -5.84
C ALA B 62 45.82 -12.74 -5.36
N GLY B 63 45.31 -13.77 -4.68
CA GLY B 63 46.14 -14.83 -4.17
C GLY B 63 46.90 -14.47 -2.90
N GLU B 64 46.43 -13.46 -2.17
CA GLU B 64 47.04 -13.01 -0.91
C GLU B 64 46.33 -13.49 0.32
N SER B 65 45.30 -14.32 0.15
CA SER B 65 44.48 -14.72 1.26
C SER B 65 43.72 -15.95 0.84
N ASP B 66 43.52 -16.90 1.74
CA ASP B 66 42.71 -18.08 1.42
C ASP B 66 41.30 -17.78 1.88
N GLY B 67 40.33 -18.34 1.17
CA GLY B 67 38.95 -18.30 1.63
C GLY B 67 37.99 -18.35 0.48
N GLU B 68 36.72 -18.27 0.81
CA GLU B 68 35.65 -18.26 -0.19
C GLU B 68 35.15 -16.84 -0.43
N PHE B 69 34.56 -16.62 -1.60
CA PHE B 69 33.86 -15.38 -1.89
C PHE B 69 32.68 -15.24 -0.93
N TYR B 70 32.42 -14.01 -0.53
CA TYR B 70 31.32 -13.74 0.35
C TYR B 70 30.69 -12.40 -0.03
N GLY B 71 29.37 -12.39 -0.12
CA GLY B 71 28.58 -11.15 -0.32
C GLY B 71 27.62 -11.20 -1.50
N MET B 72 27.18 -10.03 -1.91
CA MET B 72 26.34 -9.89 -3.06
C MET B 72 27.19 -9.91 -4.32
N VAL B 73 26.52 -10.18 -5.42
CA VAL B 73 27.15 -10.42 -6.70
C VAL B 73 27.88 -9.14 -7.19
N PHE B 74 27.40 -7.98 -6.75
CA PHE B 74 28.04 -6.70 -7.05
C PHE B 74 28.80 -6.08 -5.83
N GLN B 75 29.37 -6.92 -4.97
CA GLN B 75 30.17 -6.42 -3.83
C GLN B 75 31.37 -5.55 -4.23
N ASP B 76 31.98 -5.83 -5.38
CA ASP B 76 33.15 -5.08 -5.88
C ASP B 76 32.82 -3.60 -6.06
N SER B 77 31.56 -3.31 -6.38
CA SER B 77 31.15 -1.93 -6.59
C SER B 77 31.21 -1.07 -5.32
N ASP B 78 31.06 -1.67 -4.14
CA ASP B 78 31.25 -0.96 -2.85
C ASP B 78 32.63 -0.31 -2.78
N VAL B 79 33.64 -1.11 -3.10
CA VAL B 79 35.00 -0.61 -3.05
C VAL B 79 35.17 0.55 -4.02
N ALA B 80 34.64 0.41 -5.23
CA ALA B 80 34.80 1.46 -6.24
C ALA B 80 34.18 2.78 -5.74
N LYS B 81 32.94 2.72 -5.25
CA LYS B 81 32.28 3.93 -4.84
C LYS B 81 33.01 4.57 -3.65
N TRP B 82 33.54 3.76 -2.74
CA TRP B 82 34.41 4.32 -1.68
C TRP B 82 35.60 5.02 -2.28
N LEU B 83 36.29 4.36 -3.20
CA LEU B 83 37.44 4.99 -3.89
C LEU B 83 37.06 6.29 -4.63
N GLU B 84 35.87 6.31 -5.27
CA GLU B 84 35.42 7.47 -5.99
C GLU B 84 35.19 8.66 -5.05
N ALA B 85 34.54 8.40 -3.92
CA ALA B 85 34.31 9.43 -2.90
C ALA B 85 35.63 9.97 -2.37
N VAL B 86 36.56 9.05 -2.11
CA VAL B 86 37.91 9.38 -1.66
C VAL B 86 38.65 10.22 -2.66
N ALA B 87 38.62 9.86 -3.95
CA ALA B 87 39.12 10.78 -4.97
C ALA B 87 38.59 12.21 -4.80
N TYR B 88 37.27 12.37 -4.71
CA TYR B 88 36.72 13.73 -4.59
C TYR B 88 37.11 14.44 -3.28
N LEU B 89 37.21 13.68 -2.18
CA LEU B 89 37.71 14.26 -0.93
C LEU B 89 39.11 14.76 -1.12
N LEU B 90 39.96 13.98 -1.80
CA LEU B 90 41.33 14.42 -2.08
C LEU B 90 41.39 15.73 -2.86
N GLU B 91 40.36 16.06 -3.66
CA GLU B 91 40.36 17.40 -4.26
C GLU B 91 40.17 18.57 -3.27
N THR B 92 39.31 18.45 -2.27
CA THR B 92 39.17 19.58 -1.34
C THR B 92 40.34 19.60 -0.33
N LYS B 93 40.67 18.45 0.28
CA LYS B 93 41.79 18.37 1.23
C LYS B 93 42.70 17.17 0.94
N ARG B 94 43.88 17.47 0.40
CA ARG B 94 44.89 16.47 0.09
C ARG B 94 45.45 15.91 1.41
N ASP B 95 45.40 14.59 1.54
CA ASP B 95 45.42 13.94 2.84
C ASP B 95 46.16 12.61 2.66
N PRO B 96 47.46 12.62 3.03
CA PRO B 96 48.37 11.51 2.77
C PRO B 96 47.94 10.15 3.31
N GLU B 97 47.24 10.09 4.44
CA GLU B 97 46.84 8.79 4.97
C GLU B 97 45.80 8.20 4.03
N LEU B 98 44.89 9.06 3.59
CA LEU B 98 43.82 8.64 2.72
C LEU B 98 44.35 8.20 1.35
N GLU B 99 45.23 9.03 0.81
CA GLU B 99 45.83 8.80 -0.47
C GLU B 99 46.63 7.52 -0.43
N LYS B 100 47.24 7.23 0.72
CA LYS B 100 47.95 5.99 0.93
C LYS B 100 47.08 4.73 0.95
N LEU B 101 45.96 4.75 1.67
CA LEU B 101 45.07 3.55 1.71
C LEU B 101 44.50 3.30 0.31
N ALA B 102 44.08 4.38 -0.37
CA ALA B 102 43.55 4.29 -1.72
C ALA B 102 44.57 3.71 -2.70
N ASP B 103 45.79 4.27 -2.71
CA ASP B 103 46.91 3.71 -3.51
C ASP B 103 47.11 2.23 -3.19
N ASP B 104 47.04 1.84 -1.92
CA ASP B 104 47.18 0.41 -1.59
C ASP B 104 46.06 -0.44 -2.12
N VAL B 105 44.83 0.08 -2.06
CA VAL B 105 43.68 -0.66 -2.59
C VAL B 105 43.83 -0.82 -4.10
N ILE B 106 44.25 0.24 -4.74
CA ILE B 106 44.47 0.27 -6.18
C ILE B 106 45.50 -0.76 -6.60
N GLU B 107 46.66 -0.80 -5.91
CA GLU B 107 47.67 -1.86 -6.19
C GLU B 107 47.08 -3.25 -5.98
N LEU B 108 46.36 -3.47 -4.89
CA LEU B 108 45.69 -4.76 -4.70
C LEU B 108 44.78 -5.05 -5.92
N LEU B 109 44.02 -4.06 -6.34
CA LEU B 109 43.16 -4.23 -7.51
C LEU B 109 43.97 -4.68 -8.72
N GLY B 110 45.14 -4.06 -8.92
CA GLY B 110 46.04 -4.38 -10.02
C GLY B 110 46.41 -5.83 -9.99
N ARG B 111 46.75 -6.34 -8.81
CA ARG B 111 47.09 -7.74 -8.63
C ARG B 111 45.89 -8.66 -8.80
N ALA B 112 44.69 -8.24 -8.42
CA ALA B 112 43.53 -9.15 -8.62
C ALA B 112 43.04 -9.22 -10.08
N GLN B 113 43.45 -8.26 -10.92
CA GLN B 113 43.05 -8.19 -12.33
C GLN B 113 43.71 -9.32 -13.12
N GLN B 114 42.96 -10.01 -13.97
CA GLN B 114 43.49 -11.05 -14.81
C GLN B 114 44.35 -10.42 -15.93
N PRO B 115 45.27 -11.20 -16.53
CA PRO B 115 46.14 -10.61 -17.55
C PRO B 115 45.39 -10.06 -18.75
N ASP B 116 44.27 -10.68 -19.13
CA ASP B 116 43.44 -10.13 -20.20
C ASP B 116 42.72 -8.87 -19.82
N GLY B 117 42.69 -8.54 -18.53
CA GLY B 117 42.12 -7.25 -18.08
C GLY B 117 40.87 -7.38 -17.23
N TYR B 118 40.25 -8.55 -17.26
CA TYR B 118 39.06 -8.86 -16.49
C TYR B 118 39.34 -8.71 -14.98
N LEU B 119 38.45 -7.99 -14.31
CA LEU B 119 38.58 -7.66 -12.90
C LEU B 119 37.21 -7.82 -12.27
N ASN B 120 36.99 -8.99 -11.68
CA ASN B 120 35.75 -9.29 -10.98
C ASN B 120 35.92 -10.40 -10.02
N THR B 121 35.73 -10.16 -8.71
CA THR B 121 36.02 -11.17 -7.75
C THR B 121 35.08 -12.34 -7.76
N TYR B 122 33.81 -12.12 -7.99
CA TYR B 122 32.89 -13.26 -7.89
C TYR B 122 33.26 -14.33 -8.94
N TYR B 123 33.60 -13.91 -10.15
CA TYR B 123 33.91 -14.88 -11.19
C TYR B 123 35.36 -15.34 -11.15
N THR B 124 36.28 -14.56 -10.56
CA THR B 124 37.64 -15.01 -10.46
C THR B 124 37.72 -16.07 -9.35
N ILE B 125 36.97 -15.90 -8.26
CA ILE B 125 37.04 -16.85 -7.15
C ILE B 125 36.03 -17.97 -7.22
N LYS B 126 34.76 -17.63 -7.34
CA LYS B 126 33.67 -18.60 -7.09
C LYS B 126 33.07 -19.32 -8.31
N GLU B 127 33.03 -18.69 -9.47
CA GLU B 127 32.43 -19.32 -10.69
C GLU B 127 33.33 -19.02 -11.87
N PRO B 128 34.61 -19.39 -11.78
CA PRO B 128 35.52 -18.93 -12.84
C PRO B 128 35.21 -19.65 -14.14
N GLY B 129 35.52 -19.02 -15.27
CA GLY B 129 35.10 -19.56 -16.58
C GLY B 129 33.60 -19.45 -16.93
N LYS B 130 32.73 -19.15 -15.96
CA LYS B 130 31.30 -18.89 -16.23
C LYS B 130 30.98 -17.37 -16.43
N ARG B 131 32.01 -16.61 -16.78
CA ARG B 131 31.84 -15.20 -16.92
C ARG B 131 31.07 -14.77 -18.18
N TRP B 132 30.42 -13.65 -18.02
CA TRP B 132 29.58 -13.11 -19.05
C TRP B 132 28.43 -14.02 -19.39
N MET B 133 28.08 -14.96 -18.53
CA MET B 133 26.93 -15.81 -18.83
C MET B 133 25.62 -15.35 -18.23
N ASN B 134 25.67 -14.47 -17.23
CA ASN B 134 24.45 -13.89 -16.71
C ASN B 134 24.59 -12.39 -16.57
N LEU B 135 24.49 -11.74 -17.72
CA LEU B 135 24.53 -10.30 -17.78
C LEU B 135 23.29 -9.68 -17.18
N ARG B 136 22.16 -10.37 -17.26
CA ARG B 136 20.90 -9.83 -16.79
C ARG B 136 20.94 -9.60 -15.31
N ASP B 137 21.60 -10.50 -14.56
CA ASP B 137 21.54 -10.49 -13.08
C ASP B 137 22.84 -10.19 -12.35
N ASN B 138 23.99 -10.53 -12.92
CA ASN B 138 25.24 -10.59 -12.13
C ASN B 138 26.18 -9.41 -12.15
N HIS B 139 25.74 -8.32 -12.75
CA HIS B 139 26.37 -7.02 -12.59
C HIS B 139 27.86 -6.89 -12.96
N GLU B 140 28.37 -7.75 -13.81
CA GLU B 140 29.82 -7.61 -14.20
C GLU B 140 30.11 -6.20 -14.76
N LEU B 141 29.32 -5.79 -15.76
CA LEU B 141 29.56 -4.49 -16.40
C LEU B 141 29.25 -3.32 -15.49
N TYR B 142 28.30 -3.51 -14.58
CA TYR B 142 27.97 -2.51 -13.55
C TYR B 142 29.17 -2.32 -12.59
N CYS B 143 29.78 -3.41 -12.14
CA CYS B 143 30.94 -3.28 -11.28
C CYS B 143 32.07 -2.66 -12.03
N ALA B 144 32.20 -3.06 -13.31
CA ALA B 144 33.26 -2.48 -14.13
C ALA B 144 33.07 -1.02 -14.22
N GLY B 145 31.84 -0.58 -14.53
CA GLY B 145 31.58 0.84 -14.68
C GLY B 145 31.92 1.65 -13.44
N HIS B 146 31.55 1.15 -12.28
CA HIS B 146 31.84 1.93 -11.03
C HIS B 146 33.33 2.01 -10.79
N LEU B 147 34.02 0.95 -11.11
CA LEU B 147 35.46 0.95 -11.05
C LEU B 147 36.10 2.01 -12.00
N ILE B 148 35.59 2.11 -13.21
CA ILE B 148 36.06 3.09 -14.15
C ILE B 148 35.86 4.50 -13.63
N GLU B 149 34.64 4.80 -13.19
CA GLU B 149 34.36 6.09 -12.60
C GLU B 149 35.34 6.38 -11.47
N ALA B 150 35.65 5.39 -10.64
CA ALA B 150 36.60 5.65 -9.53
C ALA B 150 38.04 6.01 -10.04
N ALA B 151 38.49 5.35 -11.08
CA ALA B 151 39.82 5.60 -11.63
C ALA B 151 39.93 6.93 -12.32
N VAL B 152 38.87 7.31 -13.02
CA VAL B 152 38.84 8.57 -13.71
C VAL B 152 38.92 9.67 -12.66
N ALA B 153 38.09 9.57 -11.62
CA ALA B 153 38.14 10.57 -10.54
C ALA B 153 39.46 10.52 -9.82
N TYR B 154 40.01 9.33 -9.61
CA TYR B 154 41.29 9.26 -8.91
C TYR B 154 42.40 9.95 -9.74
N PHE B 155 42.43 9.68 -11.05
CA PHE B 155 43.31 10.41 -11.95
C PHE B 155 43.15 11.93 -11.88
N ARG B 156 41.91 12.43 -12.06
CA ARG B 156 41.68 13.88 -12.06
C ARG B 156 42.09 14.53 -10.72
N ALA B 157 42.14 13.75 -9.66
CA ALA B 157 42.31 14.28 -8.32
C ALA B 157 43.75 14.37 -7.94
N THR B 158 44.50 13.31 -8.25
CA THR B 158 45.88 13.07 -7.79
C THR B 158 46.92 13.07 -8.92
N GLY B 159 46.47 12.87 -10.14
CA GLY B 159 47.38 12.83 -11.27
C GLY B 159 48.03 11.48 -11.42
N LYS B 160 47.73 10.52 -10.53
CA LYS B 160 48.26 9.16 -10.61
C LYS B 160 47.41 8.25 -11.49
N ARG B 161 48.04 7.66 -12.50
CA ARG B 161 47.38 6.91 -13.55
C ARG B 161 47.39 5.38 -13.43
N ARG B 162 47.95 4.85 -12.35
CA ARG B 162 47.92 3.41 -12.16
C ARG B 162 46.49 2.87 -12.26
N PHE B 163 45.55 3.51 -11.57
CA PHE B 163 44.17 2.95 -11.48
C PHE B 163 43.51 3.04 -12.87
N LEU B 164 43.75 4.15 -13.55
CA LEU B 164 43.27 4.39 -14.93
C LEU B 164 43.83 3.39 -15.94
N ASP B 165 45.14 3.10 -15.86
CA ASP B 165 45.74 2.02 -16.67
C ASP B 165 45.06 0.70 -16.35
N ILE B 166 44.89 0.37 -15.08
CA ILE B 166 44.20 -0.91 -14.76
C ILE B 166 42.81 -0.98 -15.44
N MET B 167 42.07 0.14 -15.42
CA MET B 167 40.69 0.16 -15.87
C MET B 167 40.54 0.28 -17.39
N CYS B 168 41.40 1.06 -18.03
CA CYS B 168 41.55 1.01 -19.50
C CYS B 168 41.78 -0.41 -20.03
N LYS B 169 42.59 -1.18 -19.35
CA LYS B 169 42.80 -2.59 -19.75
C LYS B 169 41.50 -3.40 -19.70
N TYR B 170 40.68 -3.14 -18.68
CA TYR B 170 39.41 -3.86 -18.54
C TYR B 170 38.42 -3.39 -19.62
N ALA B 171 38.34 -2.07 -19.79
CA ALA B 171 37.56 -1.46 -20.84
C ALA B 171 37.97 -2.03 -22.26
N ASP B 172 39.26 -2.04 -22.56
CA ASP B 172 39.74 -2.59 -23.84
C ASP B 172 39.33 -4.04 -23.98
N TYR B 173 39.40 -4.81 -22.90
CA TYR B 173 38.97 -6.20 -22.97
C TYR B 173 37.44 -6.31 -23.16
N ILE B 174 36.68 -5.59 -22.35
CA ILE B 174 35.23 -5.51 -22.57
C ILE B 174 34.92 -5.14 -24.03
N GLY B 175 35.67 -4.20 -24.58
CA GLY B 175 35.53 -3.79 -26.00
C GLY B 175 35.78 -4.89 -27.03
N THR B 176 36.51 -5.95 -26.63
CA THR B 176 36.77 -7.07 -27.53
C THR B 176 35.67 -8.06 -27.45
N VAL B 177 35.09 -8.18 -26.28
CA VAL B 177 34.09 -9.21 -26.03
C VAL B 177 32.73 -8.85 -26.58
N PHE B 178 32.37 -7.58 -26.47
CA PHE B 178 31.01 -7.19 -26.66
C PHE B 178 30.90 -6.45 -27.98
N GLY B 179 29.91 -6.80 -28.77
CA GLY B 179 29.68 -6.09 -30.00
C GLY B 179 28.84 -6.92 -30.94
N ARG B 180 28.74 -6.48 -32.18
CA ARG B 180 27.92 -7.16 -33.16
C ARG B 180 28.78 -7.90 -34.17
N GLY B 181 30.10 -7.79 -34.06
CA GLY B 181 31.01 -8.45 -35.02
C GLY B 181 31.32 -9.89 -34.66
N GLU B 182 32.32 -10.45 -35.35
CA GLU B 182 32.56 -11.90 -35.30
C GLU B 182 33.11 -12.35 -33.95
N GLY B 183 32.44 -13.34 -33.36
CA GLY B 183 32.87 -13.88 -32.08
C GLY B 183 32.56 -12.99 -30.88
N GLN B 184 31.84 -11.89 -31.08
CA GLN B 184 31.49 -10.98 -29.99
C GLN B 184 30.13 -11.34 -29.45
N ILE B 185 29.82 -10.87 -28.27
CA ILE B 185 28.51 -11.11 -27.66
C ILE B 185 27.65 -9.84 -27.83
N PRO B 186 26.47 -9.93 -28.48
CA PRO B 186 25.60 -8.74 -28.63
C PRO B 186 24.83 -8.43 -27.32
N GLY B 187 25.55 -8.43 -26.20
CA GLY B 187 24.95 -8.26 -24.88
C GLY B 187 25.08 -6.88 -24.25
N TYR B 188 24.58 -6.76 -23.03
CA TYR B 188 24.58 -5.50 -22.27
C TYR B 188 24.13 -5.82 -20.84
N ASP B 189 24.30 -4.91 -19.87
CA ASP B 189 24.07 -5.26 -18.45
C ASP B 189 22.60 -5.13 -18.07
N GLY B 190 22.14 -5.99 -17.19
CA GLY B 190 20.85 -5.83 -16.54
C GLY B 190 20.71 -4.54 -15.76
N HIS B 191 21.84 -4.04 -15.26
CA HIS B 191 21.89 -2.76 -14.56
C HIS B 191 22.83 -1.84 -15.28
N GLN B 192 22.26 -0.82 -15.91
CA GLN B 192 23.00 0.19 -16.56
C GLN B 192 23.96 0.94 -15.59
N GLU B 193 25.06 1.43 -16.18
CA GLU B 193 26.12 2.14 -15.46
C GLU B 193 27.39 2.22 -16.30
N ILE B 194 27.73 1.10 -16.97
CA ILE B 194 28.94 1.04 -17.80
C ILE B 194 28.86 2.14 -18.87
N GLU B 195 27.65 2.45 -19.34
CA GLU B 195 27.53 3.40 -20.42
C GLU B 195 27.96 4.79 -19.96
N LEU B 196 27.54 5.22 -18.77
CA LEU B 196 27.91 6.56 -18.36
C LEU B 196 29.35 6.59 -17.90
N ALA B 197 29.85 5.47 -17.39
CA ALA B 197 31.24 5.39 -16.98
C ALA B 197 32.20 5.44 -18.19
N LEU B 198 31.88 4.69 -19.24
CA LEU B 198 32.64 4.71 -20.50
C LEU B 198 32.77 6.10 -21.07
N LEU B 199 31.69 6.88 -21.02
CA LEU B 199 31.76 8.32 -21.37
C LEU B 199 32.86 9.11 -20.60
N LYS B 200 32.95 8.96 -19.29
CA LYS B 200 33.98 9.69 -18.55
C LYS B 200 35.37 9.16 -18.92
N LEU B 201 35.52 7.87 -19.15
CA LEU B 201 36.81 7.33 -19.56
C LEU B 201 37.23 7.96 -20.89
N TYR B 202 36.30 8.01 -21.84
CA TYR B 202 36.51 8.73 -23.06
C TYR B 202 36.87 10.16 -22.78
N GLU B 203 36.13 10.82 -21.88
CA GLU B 203 36.40 12.25 -21.65
C GLU B 203 37.76 12.53 -21.04
N VAL B 204 38.32 11.57 -20.33
CA VAL B 204 39.62 11.78 -19.75
C VAL B 204 40.73 11.16 -20.64
N THR B 205 40.45 10.16 -21.47
CA THR B 205 41.52 9.59 -22.26
C THR B 205 41.63 10.16 -23.67
N GLY B 206 40.51 10.61 -24.22
CA GLY B 206 40.45 10.91 -25.65
C GLY B 206 40.29 9.66 -26.49
N ASN B 207 40.24 8.49 -25.88
CA ASN B 207 40.18 7.28 -26.67
C ASN B 207 38.78 7.00 -27.21
N GLU B 208 38.58 7.22 -28.51
CA GLU B 208 37.27 7.07 -29.17
C GLU B 208 36.69 5.68 -29.00
N ASN B 209 37.54 4.68 -28.77
CA ASN B 209 36.99 3.33 -28.66
C ASN B 209 35.98 3.30 -27.49
N TYR B 210 36.24 4.07 -26.43
CA TYR B 210 35.38 4.03 -25.23
C TYR B 210 34.06 4.73 -25.51
N LEU B 211 34.10 5.77 -26.32
CA LEU B 211 32.89 6.40 -26.82
C LEU B 211 32.06 5.41 -27.63
N LYS B 212 32.74 4.61 -28.46
CA LYS B 212 32.05 3.70 -29.33
C LYS B 212 31.47 2.54 -28.59
N LEU B 213 32.20 2.11 -27.58
CA LEU B 213 31.70 1.05 -26.72
C LEU B 213 30.40 1.50 -25.93
N SER B 214 30.44 2.72 -25.39
CA SER B 214 29.26 3.29 -24.73
C SER B 214 28.10 3.39 -25.71
N GLN B 215 28.38 3.90 -26.89
CA GLN B 215 27.36 3.96 -27.95
C GLN B 215 26.83 2.60 -28.28
N TYR B 216 27.69 1.60 -28.30
CA TYR B 216 27.25 0.28 -28.66
C TYR B 216 26.26 -0.26 -27.61
N PHE B 217 26.57 -0.11 -26.33
CA PHE B 217 25.73 -0.71 -25.27
C PHE B 217 24.33 -0.06 -25.29
N ILE B 218 24.29 1.27 -25.41
CA ILE B 218 23.03 2.00 -25.56
C ILE B 218 22.24 1.61 -26.82
N ASP B 219 22.91 1.54 -27.97
CA ASP B 219 22.22 1.23 -29.21
C ASP B 219 21.70 -0.21 -29.21
N GLN B 220 22.34 -1.09 -28.47
CA GLN B 220 21.94 -2.49 -28.56
C GLN B 220 20.75 -2.83 -27.67
N ARG B 221 20.59 -2.02 -26.64
CA ARG B 221 19.57 -2.30 -25.62
C ARG B 221 18.18 -2.33 -26.18
N GLY B 222 17.48 -3.40 -25.81
CA GLY B 222 16.08 -3.54 -26.19
C GLY B 222 15.84 -4.05 -27.60
N GLN B 223 16.91 -4.32 -28.35
CA GLN B 223 16.81 -4.82 -29.71
C GLN B 223 16.25 -6.26 -29.66
N GLN B 224 15.45 -6.63 -30.66
CA GLN B 224 14.89 -8.00 -30.75
C GLN B 224 15.83 -8.81 -31.66
N PRO B 225 16.02 -10.14 -31.38
CA PRO B 225 15.52 -10.91 -30.23
C PRO B 225 16.28 -10.56 -28.93
N TYR B 226 15.56 -10.52 -27.83
CA TYR B 226 16.09 -10.01 -26.57
C TYR B 226 17.31 -10.81 -26.13
N TYR B 227 18.44 -10.12 -25.99
CA TYR B 227 19.65 -10.82 -25.55
C TYR B 227 19.41 -11.57 -24.23
N PHE B 228 18.58 -11.04 -23.33
CA PHE B 228 18.34 -11.72 -22.02
C PHE B 228 17.57 -13.03 -22.11
N ASP B 229 16.73 -13.16 -23.15
CA ASP B 229 16.05 -14.43 -23.49
C ASP B 229 17.07 -15.40 -24.04
N GLN B 230 17.97 -14.95 -24.92
CA GLN B 230 19.04 -15.83 -25.41
C GLN B 230 19.95 -16.33 -24.32
N GLU B 231 20.51 -15.48 -23.44
CA GLU B 231 21.42 -16.03 -22.41
C GLU B 231 20.64 -16.91 -21.43
N LYS B 232 19.42 -16.48 -21.11
CA LYS B 232 18.49 -17.26 -20.27
C LYS B 232 18.33 -18.71 -20.76
N GLU B 233 17.95 -18.85 -22.03
CA GLU B 233 17.72 -20.17 -22.63
C GLU B 233 19.00 -21.00 -22.59
N ALA B 234 20.13 -20.40 -22.96
CA ALA B 234 21.42 -21.08 -22.92
C ALA B 234 21.76 -21.58 -21.52
N ARG B 235 21.23 -20.96 -20.47
CA ARG B 235 21.41 -21.49 -19.12
C ARG B 235 20.30 -22.48 -18.69
N GLY B 236 19.43 -22.93 -19.62
CA GLY B 236 18.46 -23.98 -19.29
C GLY B 236 17.43 -23.55 -18.27
N GLU B 237 17.11 -22.28 -18.30
CA GLU B 237 16.28 -21.63 -17.30
C GLU B 237 14.91 -21.38 -17.90
N THR B 238 13.84 -21.83 -17.25
CA THR B 238 12.49 -21.64 -17.82
C THR B 238 11.53 -20.83 -16.95
N GLU B 239 11.85 -20.65 -15.66
CA GLU B 239 11.02 -19.84 -14.77
C GLU B 239 10.88 -18.40 -15.25
N PRO B 240 9.66 -17.83 -15.16
CA PRO B 240 9.46 -16.44 -15.60
C PRO B 240 10.21 -15.43 -14.70
N PHE B 241 10.62 -14.31 -15.29
CA PHE B 241 11.23 -13.22 -14.54
C PHE B 241 10.17 -12.68 -13.56
N TRP B 242 10.57 -12.45 -12.32
CA TRP B 242 9.64 -12.11 -11.21
C TRP B 242 8.87 -10.78 -11.36
N TYR B 243 9.42 -9.85 -12.12
CA TYR B 243 8.77 -8.56 -12.25
C TYR B 243 7.70 -8.68 -13.36
N ASP B 244 6.48 -8.30 -13.03
CA ASP B 244 5.32 -8.49 -13.92
C ASP B 244 5.53 -7.84 -15.28
N GLY B 245 6.10 -6.61 -15.25
CA GLY B 245 6.46 -5.87 -16.46
C GLY B 245 7.65 -6.42 -17.26
N GLY B 246 8.21 -7.57 -16.85
CA GLY B 246 9.32 -8.19 -17.63
C GLY B 246 10.56 -7.29 -17.74
N TYR B 247 11.09 -7.20 -18.97
CA TYR B 247 12.34 -6.41 -19.19
C TYR B 247 12.15 -4.88 -19.11
N ARG B 248 10.90 -4.45 -18.86
CA ARG B 248 10.65 -3.09 -18.44
C ARG B 248 11.44 -2.79 -17.18
N TYR B 249 11.66 -3.79 -16.36
CA TYR B 249 12.40 -3.58 -15.15
C TYR B 249 13.79 -2.99 -15.43
N HIS B 250 14.42 -3.50 -16.50
CA HIS B 250 15.79 -3.07 -16.92
C HIS B 250 15.76 -2.03 -18.07
N GLN B 251 14.57 -1.55 -18.40
CA GLN B 251 14.40 -0.69 -19.54
C GLN B 251 15.04 -1.27 -20.82
N ALA B 252 14.74 -2.54 -21.06
CA ALA B 252 15.29 -3.28 -22.17
C ALA B 252 14.18 -3.90 -23.01
N HIS B 253 13.00 -3.30 -22.92
CA HIS B 253 11.79 -3.80 -23.51
C HIS B 253 11.73 -3.38 -24.97
N ILE B 254 12.23 -2.18 -25.25
CA ILE B 254 12.32 -1.64 -26.60
C ILE B 254 13.58 -0.76 -26.65
N PRO B 255 14.04 -0.40 -27.86
CA PRO B 255 15.26 0.43 -27.95
C PRO B 255 15.07 1.79 -27.29
N VAL B 256 16.17 2.34 -26.79
CA VAL B 256 16.05 3.55 -25.98
C VAL B 256 15.49 4.72 -26.74
N ARG B 257 15.80 4.84 -28.04
CA ARG B 257 15.22 5.93 -28.87
C ARG B 257 13.68 5.91 -28.97
N GLU B 258 13.06 4.79 -28.73
CA GLU B 258 11.61 4.68 -28.74
C GLU B 258 11.02 4.77 -27.34
N GLN B 259 11.85 4.86 -26.29
CA GLN B 259 11.30 4.98 -24.94
C GLN B 259 10.84 6.40 -24.65
N LYS B 260 9.57 6.50 -24.29
CA LYS B 260 8.88 7.76 -24.00
C LYS B 260 8.30 7.81 -22.60
N GLN B 261 8.16 6.67 -21.97
CA GLN B 261 7.60 6.62 -20.63
C GLN B 261 8.70 6.11 -19.71
N ALA B 262 8.91 6.73 -18.57
CA ALA B 262 9.78 6.11 -17.55
C ALA B 262 9.07 4.91 -16.94
N VAL B 263 9.74 3.75 -17.02
CA VAL B 263 9.27 2.47 -16.49
C VAL B 263 10.37 1.76 -15.72
N GLY B 264 9.99 0.81 -14.89
CA GLY B 264 10.94 -0.10 -14.29
C GLY B 264 11.75 0.47 -13.14
N HIS B 265 12.83 -0.23 -12.82
CA HIS B 265 13.74 0.15 -11.72
C HIS B 265 14.28 1.56 -11.91
N ALA B 266 14.06 2.42 -10.92
CA ALA B 266 14.33 3.85 -11.07
C ALA B 266 15.85 4.18 -11.23
N VAL B 267 16.71 3.59 -10.42
CA VAL B 267 18.14 3.88 -10.53
C VAL B 267 18.64 3.46 -11.92
N ARG B 268 18.32 2.24 -12.31
CA ARG B 268 18.59 1.76 -13.63
C ARG B 268 18.15 2.76 -14.72
N ALA B 269 16.90 3.19 -14.70
CA ALA B 269 16.45 4.06 -15.77
C ALA B 269 17.31 5.30 -15.79
N LEU B 270 17.53 5.88 -14.61
CA LEU B 270 18.17 7.17 -14.59
C LEU B 270 19.65 7.05 -14.96
N TYR B 271 20.27 5.92 -14.68
CA TYR B 271 21.66 5.74 -15.11
C TYR B 271 21.71 5.71 -16.64
N MET B 272 20.69 5.12 -17.22
CA MET B 272 20.59 4.93 -18.66
C MET B 272 20.36 6.29 -19.34
N TYR B 273 19.40 7.06 -18.80
CA TYR B 273 19.12 8.38 -19.37
C TYR B 273 20.33 9.32 -19.23
N THR B 274 21.11 9.18 -18.16
CA THR B 274 22.29 10.00 -17.96
C THR B 274 23.28 9.77 -19.12
N ALA B 275 23.47 8.51 -19.47
CA ALA B 275 24.39 8.06 -20.51
C ALA B 275 23.88 8.50 -21.86
N MET B 276 22.56 8.40 -22.05
CA MET B 276 21.91 8.81 -23.31
C MET B 276 22.13 10.29 -23.53
N ALA B 277 21.94 11.06 -22.47
CA ALA B 277 22.15 12.47 -22.57
C ALA B 277 23.59 12.86 -22.85
N GLY B 278 24.55 12.19 -22.24
CA GLY B 278 25.96 12.50 -22.49
C GLY B 278 26.35 12.13 -23.94
N LEU B 279 25.92 10.95 -24.42
CA LEU B 279 26.06 10.57 -25.83
C LEU B 279 25.34 11.51 -26.79
N ALA B 280 24.15 12.00 -26.46
CA ALA B 280 23.51 12.92 -27.39
C ALA B 280 24.37 14.15 -27.61
N ALA B 281 24.99 14.64 -26.54
CA ALA B 281 25.86 15.77 -26.58
C ALA B 281 27.11 15.51 -27.42
N LYS B 282 27.79 14.41 -27.19
CA LYS B 282 29.03 14.09 -27.86
C LYS B 282 28.85 13.93 -29.35
N MET B 283 27.79 13.24 -29.75
CA MET B 283 27.49 13.01 -31.14
C MET B 283 26.64 14.12 -31.76
N GLY B 284 26.15 15.09 -30.98
CA GLY B 284 25.07 15.94 -31.50
C GLY B 284 23.99 15.11 -32.22
N ASP B 285 23.49 14.05 -31.57
CA ASP B 285 22.45 13.16 -32.14
C ASP B 285 21.08 13.58 -31.62
N GLU B 286 20.24 14.17 -32.49
CA GLU B 286 18.85 14.58 -32.12
C GLU B 286 17.96 13.47 -31.60
N SER B 287 18.13 12.23 -32.08
CA SER B 287 17.18 11.19 -31.68
C SER B 287 17.45 10.81 -30.21
N LEU B 288 18.69 10.78 -29.84
CA LEU B 288 18.95 10.54 -28.44
C LEU B 288 18.49 11.74 -27.63
N LYS B 289 18.65 12.93 -28.18
CA LYS B 289 18.40 14.13 -27.43
C LYS B 289 16.88 14.23 -27.19
N GLN B 290 16.10 13.91 -28.21
CA GLN B 290 14.67 14.02 -28.09
C GLN B 290 14.14 12.90 -27.22
N ALA B 291 14.72 11.70 -27.29
CA ALA B 291 14.32 10.70 -26.30
C ALA B 291 14.62 11.15 -24.83
N CYS B 292 15.80 11.74 -24.59
CA CYS B 292 16.06 12.29 -23.26
C CYS B 292 15.05 13.32 -22.81
N GLN B 293 14.67 14.19 -23.75
CA GLN B 293 13.78 15.29 -23.44
C GLN B 293 12.39 14.81 -23.13
N THR B 294 11.92 13.83 -23.88
CA THR B 294 10.61 13.28 -23.63
C THR B 294 10.57 12.50 -22.31
N LEU B 295 11.60 11.73 -22.04
CA LEU B 295 11.68 11.00 -20.82
C LEU B 295 11.81 11.92 -19.67
N TRP B 296 12.57 12.99 -19.88
CA TRP B 296 12.66 14.05 -18.88
C TRP B 296 11.28 14.65 -18.48
N GLU B 297 10.46 14.98 -19.49
CA GLU B 297 9.13 15.54 -19.24
C GLU B 297 8.30 14.52 -18.46
N ASN B 298 8.37 13.26 -18.89
CA ASN B 298 7.61 12.23 -18.24
C ASN B 298 8.02 12.10 -16.78
N VAL B 299 9.32 12.04 -16.52
CA VAL B 299 9.75 11.81 -15.16
C VAL B 299 9.38 13.00 -14.25
N THR B 300 9.74 14.19 -14.71
CA THR B 300 9.78 15.35 -13.82
C THR B 300 8.44 16.06 -13.78
N LYS B 301 7.57 15.80 -14.74
CA LYS B 301 6.22 16.32 -14.73
C LYS B 301 5.13 15.32 -14.50
N ARG B 302 5.48 14.04 -14.35
CA ARG B 302 4.47 12.99 -14.03
C ARG B 302 4.81 12.00 -12.95
N GLN B 303 6.08 11.76 -12.67
CA GLN B 303 6.51 10.66 -11.77
C GLN B 303 7.63 11.04 -10.77
N MET B 304 7.59 12.27 -10.27
CA MET B 304 8.58 12.78 -9.36
C MET B 304 7.90 13.41 -8.20
N TYR B 305 8.38 13.10 -7.00
CA TYR B 305 7.81 13.65 -5.81
C TYR B 305 8.34 15.05 -5.61
N ILE B 306 7.74 15.81 -4.71
CA ILE B 306 8.16 17.18 -4.52
C ILE B 306 9.57 17.23 -3.91
N THR B 307 10.02 16.16 -3.29
CA THR B 307 11.37 16.11 -2.77
C THR B 307 12.47 15.84 -3.82
N GLY B 308 12.09 15.72 -5.09
CA GLY B 308 12.98 15.20 -6.08
C GLY B 308 13.08 13.67 -5.99
N GLY B 309 12.27 13.06 -5.12
CA GLY B 309 12.20 11.64 -5.04
C GLY B 309 11.62 11.03 -6.28
N VAL B 310 12.10 9.83 -6.60
CA VAL B 310 11.61 9.05 -7.74
C VAL B 310 11.46 7.56 -7.39
N GLY B 311 10.34 6.99 -7.83
CA GLY B 311 10.06 5.59 -7.61
C GLY B 311 8.94 5.45 -6.59
N SER B 312 7.79 5.02 -7.06
CA SER B 312 6.58 5.03 -6.27
C SER B 312 6.22 3.65 -5.75
N SER B 313 6.97 2.61 -6.13
CA SER B 313 6.57 1.22 -5.81
C SER B 313 7.72 0.44 -5.24
N ALA B 314 7.55 -0.09 -4.03
CA ALA B 314 8.57 -0.89 -3.37
C ALA B 314 8.90 -2.12 -4.19
N PHE B 315 7.90 -2.70 -4.78
CA PHE B 315 8.03 -3.81 -5.67
C PHE B 315 8.74 -3.39 -6.94
N GLY B 316 9.94 -3.92 -7.11
CA GLY B 316 10.79 -3.53 -8.23
C GLY B 316 11.44 -2.17 -8.05
N GLU B 317 11.28 -1.55 -6.88
CA GLU B 317 11.85 -0.24 -6.60
C GLU B 317 11.66 0.67 -7.80
N SER B 318 10.42 0.74 -8.26
CA SER B 318 10.16 1.19 -9.60
C SER B 318 9.24 2.39 -9.72
N PHE B 319 9.30 2.93 -10.93
CA PHE B 319 8.26 3.79 -11.47
C PHE B 319 6.97 3.01 -11.62
N THR B 320 5.81 3.68 -11.47
CA THR B 320 4.53 3.07 -11.82
C THR B 320 3.97 3.74 -13.05
N PHE B 321 3.17 4.79 -12.90
CA PHE B 321 2.59 5.46 -14.04
C PHE B 321 2.29 6.89 -13.63
N ASP B 322 2.01 7.68 -14.64
CA ASP B 322 1.80 9.13 -14.49
C ASP B 322 0.89 9.48 -13.32
N PHE B 323 1.36 10.39 -12.49
CA PHE B 323 0.55 11.00 -11.43
C PHE B 323 0.30 10.12 -10.22
N ASP B 324 0.93 8.96 -10.18
CA ASP B 324 0.77 8.02 -9.04
C ASP B 324 1.86 8.20 -8.02
N LEU B 325 1.66 9.14 -7.08
CA LEU B 325 2.72 9.53 -6.19
C LEU B 325 2.23 9.50 -4.75
N PRO B 326 1.91 8.30 -4.26
CA PRO B 326 1.48 8.13 -2.89
C PRO B 326 2.63 8.48 -1.92
N ASN B 327 2.26 9.12 -0.84
CA ASN B 327 3.23 9.66 0.08
C ASN B 327 3.71 8.68 1.11
N ASP B 328 2.85 7.73 1.48
CA ASP B 328 3.11 6.84 2.62
C ASP B 328 3.75 5.52 2.22
N THR B 329 3.50 5.11 0.99
CA THR B 329 4.08 3.94 0.44
C THR B 329 5.14 4.29 -0.65
N ALA B 330 5.50 5.58 -0.76
CA ALA B 330 6.57 5.99 -1.67
C ALA B 330 7.82 5.14 -1.49
N TYR B 331 8.61 4.98 -2.54
CA TYR B 331 9.91 4.31 -2.36
C TYR B 331 11.06 5.34 -2.31
N ALA B 332 11.23 6.07 -3.39
CA ALA B 332 12.11 7.23 -3.41
C ALA B 332 13.46 6.93 -2.78
N GLU B 333 14.06 5.89 -3.34
CA GLU B 333 15.35 5.41 -3.00
C GLU B 333 16.36 6.57 -3.11
N THR B 334 17.16 6.74 -2.07
CA THR B 334 18.21 7.74 -2.05
C THR B 334 19.05 7.78 -3.32
N CYS B 335 19.49 6.61 -3.77
CA CYS B 335 20.28 6.47 -5.01
C CYS B 335 19.56 6.90 -6.28
N ALA B 336 18.22 6.80 -6.27
CA ALA B 336 17.48 7.17 -7.42
C ALA B 336 17.57 8.69 -7.50
N SER B 337 17.52 9.36 -6.34
CA SER B 337 17.60 10.82 -6.33
C SER B 337 18.99 11.28 -6.71
N ILE B 338 19.99 10.49 -6.32
CA ILE B 338 21.35 10.74 -6.73
C ILE B 338 21.47 10.58 -8.24
N ALA B 339 20.92 9.50 -8.77
CA ALA B 339 20.95 9.30 -10.21
C ALA B 339 20.28 10.44 -10.95
N LEU B 340 19.22 10.97 -10.36
CA LEU B 340 18.57 12.12 -10.95
C LEU B 340 19.51 13.33 -11.06
N VAL B 341 20.32 13.55 -10.04
CA VAL B 341 21.33 14.60 -10.14
C VAL B 341 22.30 14.39 -11.32
N PHE B 342 22.79 13.17 -11.47
CA PHE B 342 23.70 12.82 -12.54
C PHE B 342 23.05 13.14 -13.90
N TRP B 343 21.82 12.72 -14.08
CA TRP B 343 21.08 13.00 -15.30
C TRP B 343 20.95 14.48 -15.58
N THR B 344 20.61 15.27 -14.56
CA THR B 344 20.34 16.70 -14.81
C THR B 344 21.62 17.39 -15.26
N ARG B 345 22.76 16.99 -14.73
CA ARG B 345 23.98 17.63 -15.15
C ARG B 345 24.27 17.37 -16.60
N ARG B 346 24.15 16.11 -17.05
CA ARG B 346 24.26 15.80 -18.48
C ARG B 346 23.18 16.49 -19.27
N MET B 347 21.97 16.63 -18.73
CA MET B 347 20.94 17.37 -19.51
C MET B 347 21.34 18.85 -19.78
N LEU B 348 22.00 19.46 -18.79
CA LEU B 348 22.42 20.86 -18.92
C LEU B 348 23.53 20.99 -19.97
N GLU B 349 24.38 19.97 -20.13
CA GLU B 349 25.48 19.98 -21.08
C GLU B 349 24.94 19.73 -22.48
N LEU B 350 23.74 19.17 -22.57
CA LEU B 350 23.12 18.88 -23.82
C LEU B 350 22.25 20.04 -24.27
N GLU B 351 21.62 20.73 -23.33
CA GLU B 351 20.81 21.90 -23.67
C GLU B 351 20.56 22.72 -22.41
N MET B 352 20.92 23.99 -22.53
CA MET B 352 20.98 24.86 -21.40
C MET B 352 19.59 25.34 -21.06
N ASP B 353 18.92 24.65 -20.14
CA ASP B 353 17.55 24.98 -19.73
C ASP B 353 17.49 24.97 -18.23
N GLY B 354 17.20 26.10 -17.64
CA GLY B 354 17.07 26.24 -16.18
C GLY B 354 16.29 25.13 -15.51
N LYS B 355 15.33 24.56 -16.22
CA LYS B 355 14.50 23.55 -15.55
C LYS B 355 15.32 22.31 -15.14
N TYR B 356 16.41 22.00 -15.82
CA TYR B 356 17.22 20.86 -15.42
C TYR B 356 17.96 21.17 -14.12
N ALA B 357 18.45 22.40 -14.00
CA ALA B 357 19.15 22.81 -12.79
C ALA B 357 18.14 22.94 -11.64
N ASP B 358 16.88 23.23 -11.99
CA ASP B 358 15.86 23.37 -10.96
C ASP B 358 15.68 22.04 -10.29
N VAL B 359 15.63 20.98 -11.09
CA VAL B 359 15.39 19.67 -10.57
C VAL B 359 16.62 19.16 -9.87
N MET B 360 17.80 19.51 -10.41
CA MET B 360 19.10 19.15 -9.76
C MET B 360 19.12 19.69 -8.34
N GLU B 361 18.78 20.95 -8.23
CA GLU B 361 18.73 21.60 -6.95
C GLU B 361 17.65 21.01 -6.03
N ARG B 362 16.49 20.66 -6.61
CA ARG B 362 15.42 20.06 -5.82
C ARG B 362 15.93 18.74 -5.18
N ALA B 363 16.55 17.88 -5.98
CA ALA B 363 17.13 16.62 -5.50
C ALA B 363 18.25 16.83 -4.50
N LEU B 364 19.14 17.76 -4.76
CA LEU B 364 20.25 18.02 -3.86
C LEU B 364 19.89 18.59 -2.48
N TYR B 365 18.92 19.45 -2.42
CA TYR B 365 18.59 20.05 -1.11
C TYR B 365 17.40 19.32 -0.45
N ASN B 366 16.90 18.25 -1.04
CA ASN B 366 15.76 17.49 -0.47
C ASN B 366 15.93 15.99 -0.44
N GLY B 367 15.54 15.29 -1.49
CA GLY B 367 15.51 13.82 -1.52
C GLY B 367 16.79 13.04 -1.63
N THR B 368 17.90 13.75 -1.53
CA THR B 368 19.24 13.22 -1.51
C THR B 368 19.84 13.24 -0.04
N ILE B 369 20.07 14.40 0.51
CA ILE B 369 20.68 14.53 1.82
C ILE B 369 19.68 14.12 2.94
N SER B 370 18.40 14.02 2.60
CA SER B 370 17.42 13.37 3.48
C SER B 370 17.78 11.95 3.77
N GLY B 371 18.62 11.36 2.91
CA GLY B 371 19.06 9.99 3.07
C GLY B 371 20.05 9.76 4.20
N MET B 372 20.47 10.81 4.91
CA MET B 372 21.42 10.64 5.98
C MET B 372 21.08 11.53 7.15
N ASP B 373 21.42 11.06 8.35
CA ASP B 373 21.41 11.90 9.54
C ASP B 373 22.37 13.02 9.37
N LEU B 374 22.06 14.12 10.04
CA LEU B 374 22.95 15.29 10.03
C LEU B 374 24.42 15.02 10.32
N ASP B 375 24.65 14.08 11.22
CA ASP B 375 26.02 13.70 11.63
C ASP B 375 26.61 12.51 10.86
N GLY B 376 25.93 12.04 9.80
CA GLY B 376 26.50 11.02 8.93
C GLY B 376 26.63 9.64 9.49
N LYS B 377 26.03 9.39 10.64
CA LYS B 377 26.21 8.07 11.25
C LYS B 377 25.21 7.05 10.84
N LYS B 378 24.02 7.49 10.41
CA LYS B 378 22.98 6.60 9.91
C LYS B 378 22.33 7.10 8.62
N PHE B 379 21.61 6.20 7.96
CA PHE B 379 21.13 6.41 6.60
C PHE B 379 19.71 5.84 6.33
N PHE B 380 19.00 6.42 5.38
CA PHE B 380 17.81 5.77 4.82
C PHE B 380 18.11 5.22 3.46
N TYR B 381 17.47 4.11 3.14
CA TYR B 381 17.40 3.63 1.80
C TYR B 381 16.18 4.33 1.15
N VAL B 382 15.06 4.33 1.86
CA VAL B 382 13.73 4.76 1.39
C VAL B 382 13.41 6.12 2.03
N ASN B 383 12.87 7.03 1.24
CA ASN B 383 12.62 8.40 1.66
C ASN B 383 11.14 8.79 1.48
N PRO B 384 10.30 8.40 2.44
CA PRO B 384 8.86 8.61 2.35
C PRO B 384 8.46 10.07 2.57
N LEU B 385 7.31 10.46 2.08
CA LEU B 385 6.85 11.80 2.31
C LEU B 385 5.82 11.86 3.40
N GLU B 386 5.48 10.69 3.95
CA GLU B 386 4.57 10.62 5.09
C GLU B 386 4.85 9.36 5.88
N VAL B 387 4.96 9.53 7.20
CA VAL B 387 5.22 8.46 8.11
C VAL B 387 4.26 8.51 9.31
N TRP B 388 3.65 7.37 9.58
CA TRP B 388 2.97 7.05 10.88
C TRP B 388 3.66 5.78 11.40
N PRO B 389 4.59 5.90 12.35
CA PRO B 389 5.53 4.80 12.62
C PRO B 389 4.88 3.45 12.86
N LYS B 390 3.82 3.45 13.65
CA LYS B 390 2.95 2.28 13.80
C LYS B 390 2.55 1.63 12.47
N ALA B 391 2.05 2.40 11.49
CA ALA B 391 1.67 1.83 10.18
C ALA B 391 2.79 1.16 9.42
N CYS B 392 4.04 1.44 9.78
CA CYS B 392 5.20 0.84 9.10
C CYS B 392 5.31 -0.66 9.39
N GLU B 393 4.56 -1.18 10.36
CA GLU B 393 4.43 -2.65 10.48
C GLU B 393 3.61 -3.25 9.38
N ARG B 394 2.80 -2.48 8.68
CA ARG B 394 2.06 -3.08 7.58
C ARG B 394 3.04 -3.54 6.53
N HIS B 395 2.66 -4.66 5.94
CA HIS B 395 3.35 -5.25 4.83
C HIS B 395 3.61 -4.29 3.68
N ASP B 396 2.58 -3.55 3.30
CA ASP B 396 2.74 -2.61 2.19
C ASP B 396 3.56 -1.40 2.59
N LYS B 397 3.98 -1.32 3.85
CA LYS B 397 4.88 -0.27 4.21
C LYS B 397 6.14 -0.73 4.87
N ARG B 398 6.44 -2.02 4.88
CA ARG B 398 7.58 -2.50 5.70
C ARG B 398 8.89 -1.99 5.10
N HIS B 399 8.88 -1.56 3.82
CA HIS B 399 10.06 -0.95 3.17
C HIS B 399 10.36 0.42 3.76
N VAL B 400 9.39 1.03 4.43
CA VAL B 400 9.62 2.28 5.03
C VAL B 400 10.10 2.10 6.46
N LYS B 401 11.36 2.42 6.71
CA LYS B 401 11.90 2.33 8.10
C LYS B 401 11.70 3.71 8.74
N PRO B 402 11.03 3.76 9.89
CA PRO B 402 10.72 5.08 10.46
C PRO B 402 11.93 5.84 11.08
N VAL B 403 13.07 5.18 11.27
CA VAL B 403 14.30 5.88 11.69
C VAL B 403 15.49 5.43 10.88
N ARG B 404 16.47 6.31 10.68
CA ARG B 404 17.66 5.95 9.87
C ARG B 404 18.44 4.83 10.57
N GLN B 405 19.21 4.05 9.85
CA GLN B 405 20.05 3.04 10.53
C GLN B 405 21.40 2.81 9.84
N LYS B 406 22.19 1.88 10.36
CA LYS B 406 23.34 1.35 9.61
C LYS B 406 22.88 0.23 8.69
N TRP B 407 23.59 0.07 7.59
CA TRP B 407 23.09 -0.74 6.48
C TRP B 407 24.06 -1.83 6.00
N PHE B 408 23.45 -2.95 5.59
CA PHE B 408 24.12 -4.17 5.16
C PHE B 408 24.68 -3.91 3.77
N SER B 409 25.20 -4.94 3.10
CA SER B 409 25.55 -4.78 1.69
C SER B 409 24.23 -4.75 0.94
N CYS B 410 23.57 -3.60 1.08
CA CYS B 410 22.17 -3.40 0.73
C CYS B 410 21.99 -3.28 -0.77
N ALA B 411 22.89 -2.47 -1.38
CA ALA B 411 22.86 -2.02 -2.80
C ALA B 411 23.07 -0.49 -2.86
N CYS B 412 22.31 0.27 -2.09
N CYS B 412 22.37 0.20 -1.97
CA CYS B 412 22.49 1.70 -2.05
CA CYS B 412 22.31 1.65 -1.94
C CYS B 412 23.22 2.01 -0.74
C CYS B 412 22.58 2.27 -0.57
N CYS B 413 24.50 1.70 -0.75
N CYS B 413 23.54 3.18 -0.57
CA CYS B 413 25.33 1.84 0.43
CA CYS B 413 23.38 4.46 0.12
C CYS B 413 25.64 3.33 0.65
C CYS B 413 24.67 5.14 0.49
N PRO B 414 26.06 3.71 1.86
N PRO B 414 25.39 4.63 1.50
CA PRO B 414 26.30 5.14 2.10
CA PRO B 414 26.36 5.51 2.14
C PRO B 414 27.39 5.85 1.22
C PRO B 414 27.52 6.00 1.23
N PRO B 415 28.38 5.10 0.71
CA PRO B 415 29.39 5.73 -0.18
C PRO B 415 28.78 6.35 -1.44
N ASN B 416 27.63 5.86 -1.86
CA ASN B 416 26.85 6.52 -2.86
C ASN B 416 26.48 7.97 -2.62
N LEU B 417 25.84 8.27 -1.49
CA LEU B 417 25.59 9.66 -1.13
C LEU B 417 26.91 10.37 -0.93
N ALA B 418 27.88 9.65 -0.37
CA ALA B 418 29.21 10.23 -0.11
C ALA B 418 29.91 10.77 -1.36
N ARG B 419 29.86 10.01 -2.44
CA ARG B 419 30.58 10.45 -3.65
C ARG B 419 29.90 11.65 -4.26
N LEU B 420 28.58 11.78 -4.10
CA LEU B 420 27.88 12.96 -4.66
C LEU B 420 28.20 14.21 -3.86
N ILE B 421 28.01 14.09 -2.55
CA ILE B 421 28.34 15.19 -1.63
C ILE B 421 29.77 15.69 -1.78
N ALA B 422 30.73 14.78 -1.86
CA ALA B 422 32.14 15.22 -1.96
C ALA B 422 32.45 15.85 -3.30
N SER B 423 31.64 15.55 -4.33
CA SER B 423 31.83 16.13 -5.63
C SER B 423 30.90 17.30 -5.90
N ILE B 424 30.27 17.83 -4.86
CA ILE B 424 29.23 18.87 -5.03
C ILE B 424 29.75 20.02 -5.89
N GLY B 425 31.01 20.37 -5.70
CA GLY B 425 31.66 21.46 -6.48
C GLY B 425 31.68 21.34 -7.99
N HIS B 426 31.57 20.11 -8.48
CA HIS B 426 31.59 19.88 -9.90
C HIS B 426 30.24 20.22 -10.55
N TYR B 427 29.21 20.56 -9.76
CA TYR B 427 27.86 20.73 -10.29
C TYR B 427 27.43 22.20 -10.30
N ILE B 428 28.29 23.06 -9.81
CA ILE B 428 27.94 24.46 -9.65
C ILE B 428 28.01 25.30 -10.92
N TYR B 429 29.02 25.05 -11.74
CA TYR B 429 29.30 25.90 -12.87
C TYR B 429 29.53 25.02 -14.08
N LEU B 430 29.32 25.57 -15.27
CA LEU B 430 29.76 24.91 -16.52
C LEU B 430 30.49 25.95 -17.35
N GLN B 431 31.68 25.60 -17.84
CA GLN B 431 32.44 26.52 -18.71
C GLN B 431 32.28 26.05 -20.17
N THR B 432 31.71 26.89 -21.02
CA THR B 432 31.67 26.66 -22.47
C THR B 432 32.65 27.73 -23.00
N SER B 433 33.14 27.65 -24.24
CA SER B 433 34.17 28.61 -24.76
C SER B 433 33.86 30.14 -24.60
N ASP B 434 32.61 30.49 -24.88
CA ASP B 434 32.07 31.88 -24.92
C ASP B 434 31.48 32.41 -23.60
N ALA B 435 31.07 31.45 -22.73
CA ALA B 435 30.07 31.66 -21.66
C ALA B 435 30.38 30.84 -20.40
N LEU B 436 30.26 31.47 -19.23
CA LEU B 436 30.40 30.76 -17.99
C LEU B 436 29.01 30.66 -17.37
N PHE B 437 28.58 29.44 -17.10
CA PHE B 437 27.23 29.21 -16.53
C PHE B 437 27.27 28.89 -15.06
N VAL B 438 26.39 29.55 -14.34
CA VAL B 438 26.24 29.33 -12.90
C VAL B 438 24.91 28.61 -12.71
N HIS B 439 24.99 27.34 -12.31
CA HIS B 439 23.82 26.45 -12.10
C HIS B 439 23.30 26.54 -10.66
N LEU B 440 24.23 26.53 -9.69
CA LEU B 440 23.91 26.44 -8.29
C LEU B 440 24.46 27.66 -7.54
N TYR B 441 23.74 28.05 -6.49
CA TYR B 441 24.01 29.22 -5.72
C TYR B 441 24.70 28.79 -4.41
N VAL B 442 26.03 28.72 -4.47
CA VAL B 442 26.83 28.10 -3.42
C VAL B 442 28.09 28.94 -3.23
N GLY B 443 28.37 29.30 -1.97
CA GLY B 443 29.56 30.00 -1.56
C GLY B 443 30.74 29.26 -2.13
N SER B 444 31.39 29.88 -3.11
CA SER B 444 32.46 29.21 -3.80
C SER B 444 33.19 30.13 -4.75
N ASP B 445 34.35 29.66 -5.24
CA ASP B 445 34.97 30.23 -6.42
C ASP B 445 35.49 29.23 -7.46
N ILE B 446 35.72 29.80 -8.63
CA ILE B 446 36.16 29.06 -9.77
C ILE B 446 37.22 29.88 -10.50
N GLN B 447 38.38 29.28 -10.73
CA GLN B 447 39.43 29.88 -11.55
C GLN B 447 39.40 29.16 -12.88
N THR B 448 39.27 29.89 -13.97
CA THR B 448 38.99 29.25 -15.27
C THR B 448 39.57 30.03 -16.44
N GLU B 449 39.25 29.60 -17.66
CA GLU B 449 39.70 30.27 -18.89
C GLU B 449 38.48 30.53 -19.77
N ILE B 450 38.32 31.76 -20.23
CA ILE B 450 37.26 32.13 -21.21
C ILE B 450 37.89 33.02 -22.30
N ASP B 451 37.83 32.57 -23.55
CA ASP B 451 38.58 33.18 -24.70
C ASP B 451 40.09 33.11 -24.49
N GLY B 452 40.54 32.05 -23.82
CA GLY B 452 41.91 31.99 -23.31
C GLY B 452 42.18 32.97 -22.19
N ARG B 453 41.16 33.75 -21.79
CA ARG B 453 41.31 34.73 -20.73
C ARG B 453 41.19 34.01 -19.38
N SER B 454 42.19 34.21 -18.52
CA SER B 454 42.16 33.70 -17.16
C SER B 454 41.18 34.55 -16.32
N VAL B 455 40.23 33.90 -15.68
CA VAL B 455 39.19 34.57 -14.91
C VAL B 455 38.84 33.89 -13.58
N LYS B 456 38.77 34.66 -12.52
CA LYS B 456 38.27 34.15 -11.25
C LYS B 456 36.89 34.76 -11.00
N ILE B 457 35.97 33.88 -10.62
CA ILE B 457 34.61 34.24 -10.31
C ILE B 457 34.39 33.75 -8.92
N MET B 458 33.71 34.54 -8.11
CA MET B 458 33.52 34.20 -6.71
C MET B 458 32.05 34.44 -6.42
N GLN B 459 31.41 33.53 -5.67
CA GLN B 459 30.03 33.72 -5.13
C GLN B 459 30.03 33.75 -3.64
N GLU B 460 29.39 34.73 -3.05
CA GLU B 460 29.12 34.70 -1.61
C GLU B 460 27.63 34.83 -1.36
N THR B 461 27.10 33.99 -0.48
CA THR B 461 25.66 33.87 -0.30
C THR B 461 25.39 32.97 0.88
N ASN B 462 24.33 33.27 1.64
CA ASN B 462 23.82 32.36 2.64
C ASN B 462 22.71 31.40 2.11
N TYR B 463 22.53 31.32 0.80
CA TYR B 463 21.59 30.39 0.11
C TYR B 463 21.95 29.01 0.64
N PRO B 464 20.95 28.15 0.92
CA PRO B 464 19.51 28.24 0.65
C PRO B 464 18.70 29.05 1.61
N TRP B 465 19.31 29.55 2.70
CA TRP B 465 18.56 30.28 3.74
C TRP B 465 18.12 31.71 3.40
N ASP B 466 18.68 32.28 2.34
CA ASP B 466 18.40 33.63 1.96
C ASP B 466 18.80 33.68 0.48
N GLY B 467 18.18 34.57 -0.29
CA GLY B 467 18.33 34.58 -1.75
C GLY B 467 19.19 35.69 -2.37
N THR B 468 20.01 36.31 -1.55
CA THR B 468 21.02 37.29 -2.00
C THR B 468 22.32 36.55 -2.35
N VAL B 469 22.77 36.80 -3.56
CA VAL B 469 24.04 36.27 -4.04
C VAL B 469 24.88 37.40 -4.59
N ARG B 470 26.10 37.50 -4.09
CA ARG B 470 27.06 38.46 -4.57
C ARG B 470 28.10 37.73 -5.39
N LEU B 471 28.10 37.94 -6.69
CA LEU B 471 29.12 37.36 -7.56
C LEU B 471 30.12 38.41 -7.91
N THR B 472 31.37 38.01 -7.81
CA THR B 472 32.50 38.86 -8.10
C THR B 472 33.21 38.27 -9.29
N VAL B 473 33.54 39.12 -10.25
CA VAL B 473 34.12 38.66 -11.52
C VAL B 473 35.42 39.39 -11.73
N SER B 474 36.54 38.67 -11.64
CA SER B 474 37.90 39.25 -11.74
C SER B 474 38.71 38.62 -12.84
N PRO B 475 38.64 39.18 -14.04
CA PRO B 475 39.46 38.70 -15.13
C PRO B 475 40.90 39.25 -15.07
N GLU B 476 41.87 38.43 -15.44
CA GLU B 476 43.27 38.87 -15.58
C GLU B 476 43.34 40.20 -16.37
N SER B 477 42.53 40.34 -17.42
CA SER B 477 42.45 41.61 -18.12
C SER B 477 41.04 41.81 -18.64
N ALA B 478 40.59 43.05 -18.71
CA ALA B 478 39.19 43.30 -19.02
C ALA B 478 38.84 42.61 -20.32
N GLY B 479 37.66 42.01 -20.40
CA GLY B 479 37.21 41.38 -21.63
C GLY B 479 35.73 41.05 -21.72
N GLU B 480 35.23 41.01 -22.94
CA GLU B 480 33.86 40.69 -23.21
C GLU B 480 33.67 39.18 -23.12
N PHE B 481 32.70 38.75 -22.31
CA PHE B 481 32.19 37.37 -22.35
C PHE B 481 30.83 37.33 -21.66
N THR B 482 30.22 36.16 -21.72
CA THR B 482 28.89 35.95 -21.25
C THR B 482 28.84 35.18 -19.95
N LEU B 483 28.14 35.77 -19.00
CA LEU B 483 27.76 35.10 -17.76
C LEU B 483 26.30 34.65 -17.84
N GLY B 484 26.12 33.33 -17.76
CA GLY B 484 24.83 32.68 -17.74
C GLY B 484 24.40 32.34 -16.33
N LEU B 485 23.37 33.05 -15.86
CA LEU B 485 22.86 32.86 -14.50
C LEU B 485 21.51 32.13 -14.52
N ARG B 486 21.45 30.94 -13.92
CA ARG B 486 20.14 30.24 -13.81
C ARG B 486 19.16 31.06 -13.03
N ILE B 487 17.94 31.17 -13.54
CA ILE B 487 16.87 31.86 -12.82
C ILE B 487 15.99 30.79 -12.15
N PRO B 488 16.09 30.65 -10.82
CA PRO B 488 15.41 29.46 -10.26
C PRO B 488 13.92 29.44 -10.58
N GLY B 489 13.43 28.31 -11.08
CA GLY B 489 12.00 28.15 -11.40
C GLY B 489 11.04 28.33 -10.24
N TRP B 490 11.48 28.07 -9.00
CA TRP B 490 10.72 28.38 -7.81
C TRP B 490 10.55 29.84 -7.50
N CYS B 491 11.44 30.67 -8.02
CA CYS B 491 11.43 32.09 -7.72
C CYS B 491 10.51 32.83 -8.66
N ARG B 492 9.76 33.79 -8.17
CA ARG B 492 9.35 34.85 -9.14
C ARG B 492 10.07 36.11 -8.74
N GLY B 493 10.18 37.03 -9.65
CA GLY B 493 10.85 38.29 -9.34
C GLY B 493 12.33 38.27 -8.99
N ALA B 494 13.13 37.43 -9.63
CA ALA B 494 14.61 37.59 -9.58
C ALA B 494 15.10 38.95 -10.08
N GLU B 495 15.97 39.59 -9.28
CA GLU B 495 16.60 40.85 -9.65
C GLU B 495 18.13 40.74 -9.73
N VAL B 496 18.70 41.49 -10.67
CA VAL B 496 20.15 41.56 -10.86
C VAL B 496 20.66 42.99 -10.88
N THR B 497 21.72 43.23 -10.13
CA THR B 497 22.44 44.47 -10.32
C THR B 497 23.90 44.21 -10.68
N ILE B 498 24.49 45.14 -11.39
CA ILE B 498 25.92 45.09 -11.73
C ILE B 498 26.49 46.41 -11.28
N ASN B 499 27.41 46.36 -10.34
CA ASN B 499 27.99 47.58 -9.74
C ASN B 499 26.92 48.51 -9.30
N GLY B 500 25.92 47.97 -8.58
CA GLY B 500 24.84 48.77 -8.06
C GLY B 500 23.82 49.23 -9.08
N GLU B 501 23.95 48.84 -10.34
CA GLU B 501 23.00 49.23 -11.38
C GLU B 501 22.04 48.10 -11.82
N LYS B 502 20.76 48.39 -11.76
CA LYS B 502 19.75 47.47 -12.21
C LYS B 502 19.91 47.08 -13.69
N VAL B 503 19.65 45.80 -13.99
CA VAL B 503 19.78 45.23 -15.30
C VAL B 503 18.49 44.50 -15.64
N ASP B 504 17.81 44.96 -16.69
CA ASP B 504 16.50 44.38 -16.96
C ASP B 504 16.79 43.01 -17.55
N ILE B 505 16.51 41.95 -16.80
CA ILE B 505 16.88 40.65 -17.28
C ILE B 505 15.86 39.99 -18.16
N VAL B 506 14.64 40.53 -18.18
CA VAL B 506 13.60 39.90 -18.96
C VAL B 506 13.92 39.78 -20.44
N PRO B 507 14.53 40.81 -21.08
CA PRO B 507 14.98 40.51 -22.47
C PRO B 507 16.23 39.61 -22.61
N LEU B 508 16.90 39.25 -21.52
CA LEU B 508 18.14 38.46 -21.60
C LEU B 508 17.97 37.00 -21.29
N ILE B 509 16.80 36.60 -20.80
CA ILE B 509 16.56 35.21 -20.36
C ILE B 509 16.18 34.30 -21.49
N LYS B 510 16.84 33.17 -21.59
CA LYS B 510 16.51 32.16 -22.55
C LYS B 510 16.44 30.84 -21.78
N LYS B 511 15.23 30.27 -21.74
CA LYS B 511 14.95 29.01 -21.06
C LYS B 511 15.55 28.99 -19.66
N GLY B 512 15.16 29.95 -18.84
CA GLY B 512 15.60 29.99 -17.44
C GLY B 512 17.03 30.41 -17.08
N TYR B 513 17.83 30.84 -18.06
CA TYR B 513 19.15 31.46 -17.77
C TYR B 513 19.17 32.87 -18.31
N ALA B 514 19.80 33.78 -17.58
CA ALA B 514 19.92 35.19 -17.98
C ALA B 514 21.31 35.32 -18.55
N TYR B 515 21.40 35.73 -19.82
CA TYR B 515 22.69 35.83 -20.51
C TYR B 515 23.16 37.27 -20.44
N ILE B 516 24.17 37.53 -19.63
CA ILE B 516 24.71 38.88 -19.48
C ILE B 516 26.06 38.97 -20.17
N ARG B 517 26.05 39.56 -21.38
CA ARG B 517 27.28 39.67 -22.18
C ARG B 517 27.71 41.13 -22.15
N ARG B 518 28.87 41.37 -21.56
CA ARG B 518 29.45 42.67 -21.56
C ARG B 518 30.97 42.62 -21.37
N VAL B 519 31.59 43.81 -21.36
CA VAL B 519 32.99 43.89 -21.01
C VAL B 519 33.11 43.89 -19.48
N TRP B 520 33.83 42.88 -19.00
CA TRP B 520 33.98 42.60 -17.60
C TRP B 520 35.35 43.06 -17.16
N GLN B 521 35.41 43.74 -16.02
CA GLN B 521 36.59 44.34 -15.46
C GLN B 521 36.85 43.76 -14.10
N GLN B 522 38.10 43.81 -13.65
CA GLN B 522 38.50 43.44 -12.29
C GLN B 522 37.56 44.09 -11.29
N GLY B 523 37.05 43.28 -10.35
CA GLY B 523 36.17 43.78 -9.30
C GLY B 523 34.70 43.96 -9.65
N ASP B 524 34.28 43.80 -10.92
CA ASP B 524 32.87 43.93 -11.24
C ASP B 524 32.02 43.09 -10.26
N GLU B 525 30.96 43.67 -9.71
CA GLU B 525 30.10 42.97 -8.75
C GLU B 525 28.69 42.76 -9.27
N VAL B 526 28.26 41.51 -9.39
CA VAL B 526 26.89 41.19 -9.76
C VAL B 526 26.15 40.78 -8.47
N LYS B 527 25.11 41.52 -8.10
CA LYS B 527 24.24 41.13 -7.00
C LYS B 527 22.98 40.52 -7.58
N LEU B 528 22.71 39.26 -7.23
CA LEU B 528 21.42 38.62 -7.52
C LEU B 528 20.54 38.62 -6.28
N TYR B 529 19.25 38.88 -6.48
CA TYR B 529 18.24 38.73 -5.44
C TYR B 529 17.09 37.87 -5.92
N PHE B 530 16.94 36.76 -5.21
CA PHE B 530 15.85 35.79 -5.39
C PHE B 530 14.97 35.83 -4.15
N PRO B 531 13.83 36.55 -4.22
CA PRO B 531 12.97 36.59 -3.03
C PRO B 531 12.59 35.16 -2.61
N MET B 532 12.73 34.89 -1.32
CA MET B 532 12.38 33.64 -0.74
C MET B 532 11.12 33.73 0.17
N PRO B 533 9.96 34.07 -0.41
CA PRO B 533 8.77 33.94 0.48
C PRO B 533 8.44 32.47 0.85
N VAL B 534 7.77 32.27 1.99
CA VAL B 534 7.14 30.95 2.27
C VAL B 534 6.07 30.68 1.22
N GLU B 535 6.09 29.54 0.57
CA GLU B 535 5.12 29.27 -0.52
C GLU B 535 4.27 28.09 -0.16
N ARG B 536 3.01 28.20 -0.57
CA ARG B 536 2.06 27.10 -0.49
C ARG B 536 2.01 26.33 -1.81
N ILE B 537 2.63 25.16 -1.83
CA ILE B 537 2.72 24.42 -3.04
C ILE B 537 1.51 23.47 -3.19
N LYS B 538 0.94 23.45 -4.40
CA LYS B 538 -0.15 22.59 -4.76
C LYS B 538 0.23 21.72 -5.91
N ALA B 539 -0.21 20.47 -5.82
CA ALA B 539 0.11 19.52 -6.81
C ALA B 539 -0.94 19.54 -7.89
N HIS B 540 -0.55 19.19 -9.10
CA HIS B 540 -1.52 19.02 -10.18
C HIS B 540 -2.71 18.19 -9.72
N PRO B 541 -3.93 18.60 -10.06
CA PRO B 541 -5.13 17.83 -9.68
C PRO B 541 -5.13 16.35 -10.05
N GLN B 542 -4.40 15.97 -11.09
CA GLN B 542 -4.19 14.52 -11.39
C GLN B 542 -3.37 13.73 -10.35
N VAL B 543 -2.50 14.39 -9.59
CA VAL B 543 -1.88 13.75 -8.48
C VAL B 543 -2.93 13.54 -7.40
N ARG B 544 -3.60 12.42 -7.52
CA ARG B 544 -4.66 12.12 -6.59
C ARG B 544 -4.23 12.07 -5.12
N ALA B 545 -3.02 11.69 -4.83
CA ALA B 545 -2.61 11.60 -3.45
C ALA B 545 -2.67 12.96 -2.73
N ASN B 546 -2.63 14.08 -3.45
CA ASN B 546 -2.47 15.39 -2.81
C ASN B 546 -3.65 16.31 -3.01
N ALA B 547 -4.77 15.74 -3.46
CA ALA B 547 -6.02 16.47 -3.52
C ALA B 547 -6.30 17.04 -2.12
N GLY B 548 -6.60 18.34 -2.03
CA GLY B 548 -6.92 18.99 -0.77
C GLY B 548 -5.76 19.22 0.17
N LYS B 549 -4.55 19.01 -0.33
CA LYS B 549 -3.33 19.12 0.44
C LYS B 549 -2.40 20.20 -0.07
N VAL B 550 -1.51 20.69 0.81
CA VAL B 550 -0.57 21.76 0.48
C VAL B 550 0.78 21.40 1.07
N ALA B 551 1.85 21.82 0.41
CA ALA B 551 3.21 21.60 0.92
C ALA B 551 3.88 22.90 1.13
N LEU B 552 4.68 23.02 2.17
CA LEU B 552 5.40 24.28 2.37
C LEU B 552 6.77 24.21 1.74
N GLN B 553 7.13 25.28 1.05
CA GLN B 553 8.47 25.42 0.48
C GLN B 553 8.97 26.85 0.57
N ARG B 554 10.27 27.00 0.77
CA ARG B 554 10.91 28.31 0.83
C ARG B 554 12.24 28.23 0.11
N GLY B 555 12.41 29.04 -0.90
CA GLY B 555 13.55 28.84 -1.78
C GLY B 555 13.48 27.44 -2.40
N PRO B 556 14.61 26.75 -2.47
CA PRO B 556 14.73 25.39 -2.98
C PRO B 556 14.36 24.28 -1.96
N ILE B 557 14.04 24.67 -0.73
CA ILE B 557 13.87 23.74 0.34
C ILE B 557 12.39 23.47 0.64
N VAL B 558 12.05 22.19 0.59
CA VAL B 558 10.74 21.67 0.97
C VAL B 558 10.73 21.37 2.48
N TYR B 559 9.64 21.79 3.09
CA TYR B 559 9.41 21.68 4.50
C TYR B 559 8.50 20.50 4.85
N CYS B 560 8.62 20.08 6.11
CA CYS B 560 7.80 19.03 6.67
C CYS B 560 7.47 19.36 8.15
N LEU B 561 6.48 18.63 8.66
CA LEU B 561 6.09 18.69 10.07
C LEU B 561 6.39 17.33 10.69
N GLU B 562 7.03 17.37 11.85
CA GLU B 562 7.31 16.24 12.66
C GLU B 562 6.54 16.31 13.98
N GLU B 563 6.31 15.12 14.53
CA GLU B 563 5.67 14.88 15.80
C GLU B 563 6.42 15.54 16.97
N VAL B 564 7.75 15.61 16.90
CA VAL B 564 8.53 16.20 17.95
C VAL B 564 8.17 17.66 18.19
N ASP B 565 7.79 18.39 17.15
CA ASP B 565 7.37 19.75 17.31
C ASP B 565 5.86 19.92 17.35
N ASN B 566 5.10 19.07 16.66
CA ASN B 566 3.67 19.31 16.46
C ASN B 566 2.73 18.27 17.13
N GLY B 567 3.27 17.25 17.78
CA GLY B 567 2.46 16.21 18.35
C GLY B 567 1.99 15.19 17.35
N PRO B 568 1.26 14.20 17.83
CA PRO B 568 0.86 13.15 16.91
C PRO B 568 -0.38 13.47 16.10
N ASN B 569 -0.74 12.52 15.25
CA ASN B 569 -1.86 12.65 14.39
C ASN B 569 -1.78 13.92 13.52
N LEU B 570 -0.71 13.97 12.75
CA LEU B 570 -0.51 15.09 11.85
C LEU B 570 -1.58 15.16 10.72
N ALA B 571 -2.26 14.04 10.43
CA ALA B 571 -3.31 14.03 9.40
C ALA B 571 -4.41 15.01 9.79
N ASN B 572 -4.60 15.20 11.10
CA ASN B 572 -5.60 16.13 11.61
C ASN B 572 -5.04 17.48 12.10
N LEU B 573 -3.96 17.94 11.45
CA LEU B 573 -3.51 19.32 11.56
C LEU B 573 -3.83 19.97 10.25
N PHE B 574 -4.68 20.97 10.24
CA PHE B 574 -5.09 21.63 9.00
C PHE B 574 -4.44 23.00 8.87
N LEU B 575 -4.01 23.36 7.67
CA LEU B 575 -3.40 24.65 7.43
C LEU B 575 -4.39 25.51 6.69
N PRO B 576 -4.97 26.52 7.35
CA PRO B 576 -5.93 27.41 6.70
C PRO B 576 -5.23 28.25 5.64
N ARG B 577 -5.90 28.45 4.51
CA ARG B 577 -5.34 29.17 3.36
C ARG B 577 -4.80 30.55 3.64
N ASP B 578 -5.32 31.28 4.64
CA ASP B 578 -4.76 32.60 4.92
C ASP B 578 -4.34 32.78 6.36
N ALA B 579 -3.88 31.71 6.97
CA ALA B 579 -3.01 31.83 8.11
C ALA B 579 -1.76 32.59 7.65
N LYS B 580 -1.27 33.48 8.50
CA LYS B 580 -0.03 34.22 8.26
C LYS B 580 1.17 33.35 8.60
N LEU B 581 2.11 33.19 7.68
CA LEU B 581 3.25 32.30 7.90
C LEU B 581 4.49 33.13 8.07
N GLU B 582 5.41 32.65 8.91
CA GLU B 582 6.63 33.37 9.28
C GLU B 582 7.85 32.41 9.19
N ALA B 583 8.98 32.89 8.68
CA ALA B 583 10.22 32.07 8.65
C ALA B 583 11.30 32.76 9.45
N HIS B 584 12.12 32.00 10.13
CA HIS B 584 13.25 32.64 10.74
C HIS B 584 14.35 31.66 10.98
N PHE B 585 15.56 32.15 11.02
CA PHE B 585 16.70 31.28 11.20
C PHE B 585 16.85 30.84 12.65
N GLU B 586 17.13 29.57 12.89
CA GLU B 586 17.41 29.06 14.21
C GLU B 586 18.80 28.49 14.25
N PRO B 587 19.78 29.31 14.69
CA PRO B 587 21.19 28.95 14.62
C PRO B 587 21.51 27.66 15.32
N ASP B 588 20.76 27.31 16.36
CA ASP B 588 21.13 26.13 17.14
C ASP B 588 20.26 24.88 16.98
N LEU B 589 19.44 24.86 15.94
CA LEU B 589 18.55 23.73 15.69
C LEU B 589 19.00 23.01 14.42
N LEU B 590 19.23 21.70 14.47
CA LEU B 590 19.54 20.89 13.26
C LEU B 590 20.63 21.49 12.34
N GLU B 591 21.69 21.97 13.01
CA GLU B 591 22.89 22.57 12.45
C GLU B 591 22.68 23.90 11.86
N GLY B 592 21.51 24.45 12.05
CA GLY B 592 21.26 25.85 11.72
C GLY B 592 20.28 25.89 10.58
N VAL B 593 18.99 25.99 10.88
CA VAL B 593 17.99 25.97 9.79
C VAL B 593 17.02 27.13 9.89
N VAL B 594 16.49 27.54 8.76
CA VAL B 594 15.32 28.36 8.77
C VAL B 594 14.11 27.45 9.08
N VAL B 595 13.26 27.89 10.01
CA VAL B 595 12.04 27.18 10.40
C VAL B 595 10.87 28.03 10.01
N ILE B 596 9.74 27.39 9.77
CA ILE B 596 8.52 28.09 9.41
C ILE B 596 7.53 27.86 10.51
N THR B 597 6.74 28.90 10.82
CA THR B 597 5.75 28.79 11.88
C THR B 597 4.52 29.57 11.52
N GLY B 598 3.43 29.17 12.12
CA GLY B 598 2.17 29.89 11.91
C GLY B 598 1.10 29.22 12.76
N ILE B 599 -0.14 29.57 12.49
CA ILE B 599 -1.26 29.08 13.27
C ILE B 599 -2.04 28.11 12.42
N ALA B 600 -2.10 26.86 12.84
CA ALA B 600 -2.90 25.84 12.18
C ALA B 600 -4.15 25.47 13.01
N GLU B 601 -4.97 24.54 12.49
CA GLU B 601 -6.13 24.05 13.23
C GLU B 601 -6.12 22.55 13.47
N ARG B 602 -6.47 22.13 14.66
CA ARG B 602 -6.72 20.73 14.94
C ARG B 602 -8.18 20.44 15.19
N VAL B 603 -8.55 19.18 14.92
CA VAL B 603 -9.93 18.68 15.15
C VAL B 603 -9.99 18.18 16.57
N ASP B 604 -10.98 18.64 17.30
CA ASP B 604 -11.27 18.18 18.63
C ASP B 604 -11.59 16.68 18.59
N GLU B 605 -11.00 15.90 19.50
CA GLU B 605 -11.33 14.50 19.68
C GLU B 605 -12.25 14.26 20.89
N SER B 606 -12.20 15.14 21.89
CA SER B 606 -12.88 14.89 23.16
C SER B 606 -14.40 14.77 23.03
N ALA B 607 -14.99 15.55 22.14
CA ALA B 607 -16.44 15.44 21.89
C ALA B 607 -16.81 14.04 21.39
N TRP B 608 -15.84 13.37 20.80
CA TRP B 608 -16.03 12.03 20.25
C TRP B 608 -16.05 11.09 21.43
N ASN B 609 -17.03 10.21 21.43
CA ASN B 609 -17.45 9.56 22.64
C ASN B 609 -17.44 8.07 22.42
N ASP B 610 -16.26 7.54 22.18
CA ASP B 610 -16.16 6.11 21.92
C ASP B 610 -17.01 5.74 20.69
N GLU B 611 -16.99 6.58 19.68
CA GLU B 611 -17.80 6.31 18.51
C GLU B 611 -16.89 6.44 17.31
N LEU B 612 -17.16 5.70 16.24
CA LEU B 612 -16.28 5.72 15.10
C LEU B 612 -16.79 6.59 13.94
N TYR B 613 -18.08 6.49 13.68
CA TYR B 613 -18.69 7.24 12.60
C TYR B 613 -19.88 8.01 13.14
N ARG B 614 -19.93 9.30 12.89
CA ARG B 614 -21.02 10.13 13.40
C ARG B 614 -21.26 11.26 12.42
N PRO B 615 -22.54 11.67 12.27
CA PRO B 615 -22.86 12.92 11.57
C PRO B 615 -22.57 14.18 12.38
N ILE B 616 -21.35 14.41 12.82
CA ILE B 616 -21.06 15.60 13.58
C ILE B 616 -19.90 16.33 12.96
N GLU B 617 -20.22 17.50 12.41
CA GLU B 617 -19.24 18.37 11.78
C GLU B 617 -18.18 18.82 12.78
N PRO B 618 -16.93 18.82 12.32
CA PRO B 618 -15.83 19.00 13.24
C PRO B 618 -15.85 20.35 13.95
N ARG B 619 -15.51 20.31 15.22
CA ARG B 619 -15.20 21.45 16.04
C ARG B 619 -13.64 21.54 15.91
N THR B 620 -13.13 22.75 15.74
CA THR B 620 -11.73 22.92 15.48
C THR B 620 -11.10 23.91 16.51
N TYR B 621 -9.79 23.82 16.71
CA TYR B 621 -9.12 24.80 17.61
C TYR B 621 -7.72 25.15 17.06
N LYS B 622 -7.31 26.39 17.26
CA LYS B 622 -6.00 26.88 16.87
C LYS B 622 -4.89 26.31 17.72
N VAL B 623 -3.81 25.98 17.02
CA VAL B 623 -2.57 25.57 17.58
C VAL B 623 -1.49 26.21 16.68
N PRO B 624 -0.31 26.54 17.22
CA PRO B 624 0.80 26.92 16.38
C PRO B 624 1.43 25.68 15.81
N PHE B 625 2.03 25.79 14.64
CA PHE B 625 2.85 24.67 14.15
C PHE B 625 4.24 25.20 13.85
N ARG B 626 5.20 24.27 13.80
CA ARG B 626 6.52 24.54 13.33
C ARG B 626 6.89 23.51 12.19
N ALA B 627 7.38 24.03 11.09
CA ALA B 627 7.84 23.20 10.00
C ALA B 627 9.36 23.33 9.88
N ILE B 628 10.03 22.19 9.67
CA ILE B 628 11.47 22.14 9.40
C ILE B 628 11.79 21.60 7.99
N PRO B 629 13.04 21.78 7.55
CA PRO B 629 13.44 21.30 6.22
C PRO B 629 13.27 19.80 6.12
N TYR B 630 12.69 19.33 5.01
CA TYR B 630 12.49 17.92 4.84
C TYR B 630 13.76 17.13 5.09
N TYR B 631 14.91 17.64 4.62
CA TYR B 631 16.16 16.87 4.73
C TYR B 631 16.50 16.61 6.16
N ALA B 632 16.08 17.53 7.04
CA ALA B 632 16.45 17.49 8.47
C ALA B 632 15.52 16.72 9.36
N TRP B 633 14.51 16.08 8.79
CA TRP B 633 13.63 15.22 9.56
C TRP B 633 14.33 13.97 10.08
N CYS B 634 13.73 13.42 11.12
CA CYS B 634 14.20 12.23 11.78
C CYS B 634 15.60 12.40 12.39
N ASN B 635 15.92 13.58 12.88
CA ASN B 635 17.13 13.70 13.66
C ASN B 635 16.88 13.90 15.16
N ARG B 636 15.63 13.81 15.59
CA ARG B 636 15.25 14.18 16.96
C ARG B 636 14.26 13.21 17.53
N GLY B 637 14.41 11.93 17.20
CA GLY B 637 13.48 10.92 17.61
C GLY B 637 12.46 10.47 16.56
N GLU B 638 11.98 9.26 16.73
CA GLU B 638 10.97 8.66 15.91
C GLU B 638 9.63 9.30 16.21
N GLY B 639 8.92 9.57 15.13
CA GLY B 639 7.57 10.14 15.19
C GLY B 639 6.99 10.26 13.82
N GLU B 640 5.76 10.74 13.79
CA GLU B 640 5.09 11.01 12.56
C GLU B 640 5.78 12.16 11.84
N MET B 641 5.63 12.17 10.51
CA MET B 641 6.08 13.27 9.64
C MET B 641 5.20 13.29 8.40
N VAL B 642 4.91 14.49 7.96
CA VAL B 642 4.24 14.70 6.70
C VAL B 642 4.81 15.89 5.95
N VAL B 643 4.76 15.78 4.62
CA VAL B 643 5.09 16.87 3.77
C VAL B 643 3.78 17.50 3.27
N TRP B 644 2.83 16.67 2.86
CA TRP B 644 1.66 17.22 2.26
C TRP B 644 0.65 17.35 3.37
N VAL B 645 0.25 18.57 3.67
CA VAL B 645 -0.65 18.76 4.78
C VAL B 645 -2.03 19.11 4.33
N ASN B 646 -3.01 18.67 5.07
CA ASN B 646 -4.37 18.98 4.76
C ASN B 646 -4.69 20.43 4.85
N GLU B 647 -5.38 20.92 3.84
CA GLU B 647 -5.73 22.32 3.73
C GLU B 647 -7.09 22.68 4.30
N LYS B 648 -7.14 23.87 4.87
CA LYS B 648 -8.27 24.51 5.54
C LYS B 648 -9.13 23.66 6.42
C ACT C . -13.19 -18.44 5.11
O ACT C . -13.77 -19.36 5.78
OXT ACT C . -12.00 -18.09 5.34
CH3 ACT C . -13.93 -17.72 3.99
C ACT D . -26.74 -21.39 -14.69
O ACT D . -26.01 -22.36 -15.02
OXT ACT D . -27.62 -21.54 -13.83
CH3 ACT D . -26.61 -20.01 -15.29
C ACT E . -29.12 -20.11 10.93
O ACT E . -28.32 -21.07 10.96
OXT ACT E . -30.17 -20.00 11.64
CH3 ACT E . -28.81 -19.00 9.98
C ACT F . -16.42 -22.30 -9.06
O ACT F . -15.81 -23.38 -8.84
OXT ACT F . -17.01 -21.63 -8.16
CH3 ACT F . -16.44 -21.80 -10.48
C ACT G . -14.14 24.64 -17.14
O ACT G . -14.00 23.45 -16.83
OXT ACT G . -14.57 25.49 -16.31
CH3 ACT G . -13.78 25.05 -18.57
C ACT H . -27.40 -18.11 16.00
O ACT H . -26.77 -18.88 15.22
OXT ACT H . -26.95 -16.99 16.20
CH3 ACT H . -28.67 -18.54 16.67
C ACT I . -27.75 10.92 15.55
O ACT I . -27.54 10.05 14.70
OXT ACT I . -27.52 12.13 15.26
CH3 ACT I . -28.26 10.46 16.88
C ACT J . -5.40 12.01 4.38
O ACT J . -6.53 12.44 4.05
OXT ACT J . -4.75 12.51 5.35
CH3 ACT J . -4.86 10.91 3.50
C ACT K . 22.14 0.90 -7.65
O ACT K . 23.14 1.14 -8.37
OXT ACT K . 21.13 0.30 -8.07
CH3 ACT K . 22.16 1.37 -6.22
C ACT L . 40.32 6.22 8.61
O ACT L . 39.98 5.10 9.07
OXT ACT L . 40.50 6.42 7.38
CH3 ACT L . 40.50 7.37 9.57
C ACT M . 29.18 15.16 -16.43
O ACT M . 29.77 16.12 -16.96
OXT ACT M . 27.93 15.12 -16.42
CH3 ACT M . 29.93 14.00 -15.78
#